data_5BZC
# 
_entry.id   5BZC 
# 
_audit_conform.dict_name       mmcif_pdbx.dic 
_audit_conform.dict_version    5.398 
_audit_conform.dict_location   http://mmcif.pdb.org/dictionaries/ascii/mmcif_pdbx.dic 
# 
loop_
_database_2.database_id 
_database_2.database_code 
_database_2.pdbx_database_accession 
_database_2.pdbx_DOI 
PDB   5BZC         pdb_00005bzc 10.2210/pdb5bzc/pdb 
WWPDB D_1000210176 ?            ?                   
# 
loop_
_pdbx_audit_revision_history.ordinal 
_pdbx_audit_revision_history.data_content_type 
_pdbx_audit_revision_history.major_revision 
_pdbx_audit_revision_history.minor_revision 
_pdbx_audit_revision_history.revision_date 
1 'Structure model' 1 0 2016-06-29 
2 'Structure model' 1 1 2024-11-13 
# 
_pdbx_audit_revision_details.ordinal             1 
_pdbx_audit_revision_details.revision_ordinal    1 
_pdbx_audit_revision_details.data_content_type   'Structure model' 
_pdbx_audit_revision_details.provider            repository 
_pdbx_audit_revision_details.type                'Initial release' 
_pdbx_audit_revision_details.description         ? 
_pdbx_audit_revision_details.details             ? 
# 
loop_
_pdbx_audit_revision_group.ordinal 
_pdbx_audit_revision_group.revision_ordinal 
_pdbx_audit_revision_group.data_content_type 
_pdbx_audit_revision_group.group 
1 2 'Structure model' 'Data collection'      
2 2 'Structure model' 'Database references'  
3 2 'Structure model' 'Derived calculations' 
4 2 'Structure model' 'Structure summary'    
# 
loop_
_pdbx_audit_revision_category.ordinal 
_pdbx_audit_revision_category.revision_ordinal 
_pdbx_audit_revision_category.data_content_type 
_pdbx_audit_revision_category.category 
1 2 'Structure model' chem_comp_atom            
2 2 'Structure model' chem_comp_bond            
3 2 'Structure model' database_2                
4 2 'Structure model' pdbx_entry_details        
5 2 'Structure model' pdbx_modification_feature 
6 2 'Structure model' pdbx_struct_oper_list     
# 
loop_
_pdbx_audit_revision_item.ordinal 
_pdbx_audit_revision_item.revision_ordinal 
_pdbx_audit_revision_item.data_content_type 
_pdbx_audit_revision_item.item 
1 2 'Structure model' '_database_2.pdbx_DOI'                      
2 2 'Structure model' '_database_2.pdbx_database_accession'       
3 2 'Structure model' '_pdbx_struct_oper_list.symmetry_operation' 
# 
_pdbx_database_status.status_code                     REL 
_pdbx_database_status.status_code_sf                  REL 
_pdbx_database_status.status_code_mr                  ? 
_pdbx_database_status.entry_id                        5BZC 
_pdbx_database_status.recvd_initial_deposition_date   2015-06-11 
_pdbx_database_status.SG_entry                        N 
_pdbx_database_status.deposit_site                    RCSB 
_pdbx_database_status.process_site                    RCSB 
_pdbx_database_status.status_code_cs                  ? 
_pdbx_database_status.methods_development_category    ? 
_pdbx_database_status.pdb_format_compatible           Y 
_pdbx_database_status.status_code_nmr_data            ? 
# 
loop_
_pdbx_database_related.db_name 
_pdbx_database_related.details 
_pdbx_database_related.db_id 
_pdbx_database_related.content_type 
PDB . 5BZJ unspecified 
PDB . 5BZE unspecified 
PDB . 5BZF unspecified 
PDB . 5BZG unspecified 
PDB . 5BZH unspecified 
PDB . 5BZI unspecified 
PDB . 5BZL unspecified 
PDB . 5BZM unspecified 
PDB . 5BZN unspecified 
PDB . 5BZO unspecified 
PDB . 5BZQ unspecified 
PDB . 5BZP unspecified 
PDB . 5BZR unspecified 
PDB . 5BZS unspecified 
PDB . 5BZT unspecified 
# 
loop_
_audit_author.name 
_audit_author.pdbx_ordinal 
'Liu, L.K.'    1 
'Finzel, B.C.' 2 
# 
_citation.abstract                  ? 
_citation.abstract_id_CAS           ? 
_citation.book_id_ISBN              ? 
_citation.book_publisher            ? 
_citation.book_publisher_city       ? 
_citation.book_title                ? 
_citation.coordinate_linkage        ? 
_citation.country                   ? 
_citation.database_id_Medline       ? 
_citation.details                   ? 
_citation.id                        primary 
_citation.journal_abbrev            'To Be Published' 
_citation.journal_id_ASTM           ? 
_citation.journal_id_CSD            0353 
_citation.journal_id_ISSN           ? 
_citation.journal_full              ? 
_citation.journal_issue             ? 
_citation.journal_volume            ? 
_citation.language                  ? 
_citation.page_first                ? 
_citation.page_last                 ? 
_citation.title                     'Crystal structure of the murine cd44 hyaluronan binding domain complex with a small molecule' 
_citation.year                      ? 
_citation.database_id_CSD           ? 
_citation.pdbx_database_id_DOI      ? 
_citation.pdbx_database_id_PubMed   ? 
_citation.unpublished_flag          ? 
# 
loop_
_citation_author.citation_id 
_citation_author.name 
_citation_author.ordinal 
_citation_author.identifier_ORCID 
primary 'Liu, L.K.'    1 ? 
primary 'Finzel, B.C.' 2 ? 
# 
loop_
_entity.id 
_entity.type 
_entity.src_method 
_entity.pdbx_description 
_entity.formula_weight 
_entity.pdbx_number_of_molecules 
_entity.pdbx_ec 
_entity.pdbx_mutation 
_entity.pdbx_fragment 
_entity.details 
1 polymer     man 'CD44 antigen'                              16839.693 1  ? ? 'HYALURONAN BINDING DOMAIN, unp RESIDUES 21-171' ? 
2 non-polymer syn 4,4-dimethyl-1,2,3,4-tetrahydroisoquinoline 161.243   1  ? ? ?                                                ? 
3 non-polymer syn 'DIMETHYL SULFOXIDE'                        78.133    1  ? ? ?                                                ? 
4 water       nat water                                       18.015    54 ? ? ?                                                ? 
# 
_entity_name_com.entity_id   1 
_entity_name_com.name        
;Extracellular matrix receptor III,ECMR-III,GP90 lymphocyte homing/adhesion receptor,HUTCH-I,Hermes antigen,Hyaluronate receptor,Lymphocyte antigen 24,Ly-24,Phagocytic glycoprotein 1,PGP-1,Phagocytic glycoprotein I,PGP-I
;
# 
_entity_poly.entity_id                      1 
_entity_poly.type                           'polypeptide(L)' 
_entity_poly.nstd_linkage                   no 
_entity_poly.nstd_monomer                   no 
_entity_poly.pdbx_seq_one_letter_code       
;NQIDLNVTCRYAGVFHVEKNGRYSISRTEAADLCQAFNSTLPTMDQMKLALSKGFETCRYGFIEGNVVIPRIHPNAICAA
NHTGVYILVTSNTSHYDTYCFNASAPPEEDCTSVTDLPNSFDGPVTITIVNRDGTRYSKKGEYRTHQEDID
;
_entity_poly.pdbx_seq_one_letter_code_can   
;NQIDLNVTCRYAGVFHVEKNGRYSISRTEAADLCQAFNSTLPTMDQMKLALSKGFETCRYGFIEGNVVIPRIHPNAICAA
NHTGVYILVTSNTSHYDTYCFNASAPPEEDCTSVTDLPNSFDGPVTITIVNRDGTRYSKKGEYRTHQEDID
;
_entity_poly.pdbx_strand_id                 A 
_entity_poly.pdbx_target_identifier         ? 
# 
loop_
_pdbx_entity_nonpoly.entity_id 
_pdbx_entity_nonpoly.name 
_pdbx_entity_nonpoly.comp_id 
2 4,4-dimethyl-1,2,3,4-tetrahydroisoquinoline 4WT 
3 'DIMETHYL SULFOXIDE'                        DMS 
4 water                                       HOH 
# 
loop_
_entity_poly_seq.entity_id 
_entity_poly_seq.num 
_entity_poly_seq.mon_id 
_entity_poly_seq.hetero 
1 1   ASN n 
1 2   GLN n 
1 3   ILE n 
1 4   ASP n 
1 5   LEU n 
1 6   ASN n 
1 7   VAL n 
1 8   THR n 
1 9   CYS n 
1 10  ARG n 
1 11  TYR n 
1 12  ALA n 
1 13  GLY n 
1 14  VAL n 
1 15  PHE n 
1 16  HIS n 
1 17  VAL n 
1 18  GLU n 
1 19  LYS n 
1 20  ASN n 
1 21  GLY n 
1 22  ARG n 
1 23  TYR n 
1 24  SER n 
1 25  ILE n 
1 26  SER n 
1 27  ARG n 
1 28  THR n 
1 29  GLU n 
1 30  ALA n 
1 31  ALA n 
1 32  ASP n 
1 33  LEU n 
1 34  CYS n 
1 35  GLN n 
1 36  ALA n 
1 37  PHE n 
1 38  ASN n 
1 39  SER n 
1 40  THR n 
1 41  LEU n 
1 42  PRO n 
1 43  THR n 
1 44  MET n 
1 45  ASP n 
1 46  GLN n 
1 47  MET n 
1 48  LYS n 
1 49  LEU n 
1 50  ALA n 
1 51  LEU n 
1 52  SER n 
1 53  LYS n 
1 54  GLY n 
1 55  PHE n 
1 56  GLU n 
1 57  THR n 
1 58  CYS n 
1 59  ARG n 
1 60  TYR n 
1 61  GLY n 
1 62  PHE n 
1 63  ILE n 
1 64  GLU n 
1 65  GLY n 
1 66  ASN n 
1 67  VAL n 
1 68  VAL n 
1 69  ILE n 
1 70  PRO n 
1 71  ARG n 
1 72  ILE n 
1 73  HIS n 
1 74  PRO n 
1 75  ASN n 
1 76  ALA n 
1 77  ILE n 
1 78  CYS n 
1 79  ALA n 
1 80  ALA n 
1 81  ASN n 
1 82  HIS n 
1 83  THR n 
1 84  GLY n 
1 85  VAL n 
1 86  TYR n 
1 87  ILE n 
1 88  LEU n 
1 89  VAL n 
1 90  THR n 
1 91  SER n 
1 92  ASN n 
1 93  THR n 
1 94  SER n 
1 95  HIS n 
1 96  TYR n 
1 97  ASP n 
1 98  THR n 
1 99  TYR n 
1 100 CYS n 
1 101 PHE n 
1 102 ASN n 
1 103 ALA n 
1 104 SER n 
1 105 ALA n 
1 106 PRO n 
1 107 PRO n 
1 108 GLU n 
1 109 GLU n 
1 110 ASP n 
1 111 CYS n 
1 112 THR n 
1 113 SER n 
1 114 VAL n 
1 115 THR n 
1 116 ASP n 
1 117 LEU n 
1 118 PRO n 
1 119 ASN n 
1 120 SER n 
1 121 PHE n 
1 122 ASP n 
1 123 GLY n 
1 124 PRO n 
1 125 VAL n 
1 126 THR n 
1 127 ILE n 
1 128 THR n 
1 129 ILE n 
1 130 VAL n 
1 131 ASN n 
1 132 ARG n 
1 133 ASP n 
1 134 GLY n 
1 135 THR n 
1 136 ARG n 
1 137 TYR n 
1 138 SER n 
1 139 LYS n 
1 140 LYS n 
1 141 GLY n 
1 142 GLU n 
1 143 TYR n 
1 144 ARG n 
1 145 THR n 
1 146 HIS n 
1 147 GLN n 
1 148 GLU n 
1 149 ASP n 
1 150 ILE n 
1 151 ASP n 
# 
_entity_src_gen.entity_id                          1 
_entity_src_gen.pdbx_src_id                        1 
_entity_src_gen.pdbx_alt_source_flag               sample 
_entity_src_gen.pdbx_seq_type                      'Biological sequence' 
_entity_src_gen.pdbx_beg_seq_num                   1 
_entity_src_gen.pdbx_end_seq_num                   151 
_entity_src_gen.gene_src_common_name               Mouse 
_entity_src_gen.gene_src_genus                     ? 
_entity_src_gen.pdbx_gene_src_gene                 'Cd44, Ly-24' 
_entity_src_gen.gene_src_species                   ? 
_entity_src_gen.gene_src_strain                    ? 
_entity_src_gen.gene_src_tissue                    ? 
_entity_src_gen.gene_src_tissue_fraction           ? 
_entity_src_gen.gene_src_details                   ? 
_entity_src_gen.pdbx_gene_src_fragment             ? 
_entity_src_gen.pdbx_gene_src_scientific_name      'Mus musculus' 
_entity_src_gen.pdbx_gene_src_ncbi_taxonomy_id     10090 
_entity_src_gen.pdbx_gene_src_variant              ? 
_entity_src_gen.pdbx_gene_src_cell_line            ? 
_entity_src_gen.pdbx_gene_src_atcc                 ? 
_entity_src_gen.pdbx_gene_src_organ                ? 
_entity_src_gen.pdbx_gene_src_organelle            ? 
_entity_src_gen.pdbx_gene_src_cell                 ? 
_entity_src_gen.pdbx_gene_src_cellular_location    ? 
_entity_src_gen.host_org_common_name               ? 
_entity_src_gen.pdbx_host_org_scientific_name      'Escherichia coli' 
_entity_src_gen.pdbx_host_org_ncbi_taxonomy_id     469008 
_entity_src_gen.host_org_genus                     ? 
_entity_src_gen.pdbx_host_org_gene                 ? 
_entity_src_gen.pdbx_host_org_organ                ? 
_entity_src_gen.host_org_species                   ? 
_entity_src_gen.pdbx_host_org_tissue               ? 
_entity_src_gen.pdbx_host_org_tissue_fraction      ? 
_entity_src_gen.pdbx_host_org_strain               'BL21(DE3)' 
_entity_src_gen.pdbx_host_org_variant              ? 
_entity_src_gen.pdbx_host_org_cell_line            ? 
_entity_src_gen.pdbx_host_org_atcc                 ? 
_entity_src_gen.pdbx_host_org_culture_collection   ? 
_entity_src_gen.pdbx_host_org_cell                 ? 
_entity_src_gen.pdbx_host_org_organelle            ? 
_entity_src_gen.pdbx_host_org_cellular_location    ? 
_entity_src_gen.pdbx_host_org_vector_type          plasmid 
_entity_src_gen.pdbx_host_org_vector               ? 
_entity_src_gen.host_org_details                   ? 
_entity_src_gen.expression_system_id               ? 
_entity_src_gen.plasmid_name                       pMCSG7 
_entity_src_gen.plasmid_details                    ? 
_entity_src_gen.pdbx_description                   ? 
# 
loop_
_chem_comp.id 
_chem_comp.type 
_chem_comp.mon_nstd_flag 
_chem_comp.name 
_chem_comp.pdbx_synonyms 
_chem_comp.formula 
_chem_comp.formula_weight 
4WT non-polymer         . 4,4-dimethyl-1,2,3,4-tetrahydroisoquinoline ? 'C11 H15 N'      161.243 
ALA 'L-peptide linking' y ALANINE                                     ? 'C3 H7 N O2'     89.093  
ARG 'L-peptide linking' y ARGININE                                    ? 'C6 H15 N4 O2 1' 175.209 
ASN 'L-peptide linking' y ASPARAGINE                                  ? 'C4 H8 N2 O3'    132.118 
ASP 'L-peptide linking' y 'ASPARTIC ACID'                             ? 'C4 H7 N O4'     133.103 
CYS 'L-peptide linking' y CYSTEINE                                    ? 'C3 H7 N O2 S'   121.158 
DMS non-polymer         . 'DIMETHYL SULFOXIDE'                        ? 'C2 H6 O S'      78.133  
GLN 'L-peptide linking' y GLUTAMINE                                   ? 'C5 H10 N2 O3'   146.144 
GLU 'L-peptide linking' y 'GLUTAMIC ACID'                             ? 'C5 H9 N O4'     147.129 
GLY 'peptide linking'   y GLYCINE                                     ? 'C2 H5 N O2'     75.067  
HIS 'L-peptide linking' y HISTIDINE                                   ? 'C6 H10 N3 O2 1' 156.162 
HOH non-polymer         . WATER                                       ? 'H2 O'           18.015  
ILE 'L-peptide linking' y ISOLEUCINE                                  ? 'C6 H13 N O2'    131.173 
LEU 'L-peptide linking' y LEUCINE                                     ? 'C6 H13 N O2'    131.173 
LYS 'L-peptide linking' y LYSINE                                      ? 'C6 H15 N2 O2 1' 147.195 
MET 'L-peptide linking' y METHIONINE                                  ? 'C5 H11 N O2 S'  149.211 
PHE 'L-peptide linking' y PHENYLALANINE                               ? 'C9 H11 N O2'    165.189 
PRO 'L-peptide linking' y PROLINE                                     ? 'C5 H9 N O2'     115.130 
SER 'L-peptide linking' y SERINE                                      ? 'C3 H7 N O3'     105.093 
THR 'L-peptide linking' y THREONINE                                   ? 'C4 H9 N O3'     119.119 
TYR 'L-peptide linking' y TYROSINE                                    ? 'C9 H11 N O3'    181.189 
VAL 'L-peptide linking' y VALINE                                      ? 'C5 H11 N O2'    117.146 
# 
loop_
_pdbx_poly_seq_scheme.asym_id 
_pdbx_poly_seq_scheme.entity_id 
_pdbx_poly_seq_scheme.seq_id 
_pdbx_poly_seq_scheme.mon_id 
_pdbx_poly_seq_scheme.ndb_seq_num 
_pdbx_poly_seq_scheme.pdb_seq_num 
_pdbx_poly_seq_scheme.auth_seq_num 
_pdbx_poly_seq_scheme.pdb_mon_id 
_pdbx_poly_seq_scheme.auth_mon_id 
_pdbx_poly_seq_scheme.pdb_strand_id 
_pdbx_poly_seq_scheme.pdb_ins_code 
_pdbx_poly_seq_scheme.hetero 
A 1 1   ASN 1   24  24  ASN ASN A . n 
A 1 2   GLN 2   25  25  GLN GLN A . n 
A 1 3   ILE 3   26  26  ILE ILE A . n 
A 1 4   ASP 4   27  27  ASP ASP A . n 
A 1 5   LEU 5   28  28  LEU LEU A . n 
A 1 6   ASN 6   29  29  ASN ASN A . n 
A 1 7   VAL 7   30  30  VAL VAL A . n 
A 1 8   THR 8   31  31  THR THR A . n 
A 1 9   CYS 9   32  32  CYS CYS A . n 
A 1 10  ARG 10  33  33  ARG ARG A . n 
A 1 11  TYR 11  34  34  TYR TYR A . n 
A 1 12  ALA 12  35  35  ALA ALA A . n 
A 1 13  GLY 13  36  36  GLY GLY A . n 
A 1 14  VAL 14  37  37  VAL VAL A . n 
A 1 15  PHE 15  38  38  PHE PHE A . n 
A 1 16  HIS 16  39  39  HIS HIS A . n 
A 1 17  VAL 17  40  40  VAL VAL A . n 
A 1 18  GLU 18  41  41  GLU GLU A . n 
A 1 19  LYS 19  42  42  LYS LYS A . n 
A 1 20  ASN 20  43  43  ASN ASN A . n 
A 1 21  GLY 21  44  44  GLY GLY A . n 
A 1 22  ARG 22  45  45  ARG ARG A . n 
A 1 23  TYR 23  46  46  TYR TYR A . n 
A 1 24  SER 24  47  47  SER SER A . n 
A 1 25  ILE 25  48  48  ILE ILE A . n 
A 1 26  SER 26  49  49  SER SER A . n 
A 1 27  ARG 27  50  50  ARG ARG A . n 
A 1 28  THR 28  51  51  THR THR A . n 
A 1 29  GLU 29  52  52  GLU GLU A . n 
A 1 30  ALA 30  53  53  ALA ALA A . n 
A 1 31  ALA 31  54  54  ALA ALA A . n 
A 1 32  ASP 32  55  55  ASP ASP A . n 
A 1 33  LEU 33  56  56  LEU LEU A . n 
A 1 34  CYS 34  57  57  CYS CYS A . n 
A 1 35  GLN 35  58  58  GLN GLN A . n 
A 1 36  ALA 36  59  59  ALA ALA A . n 
A 1 37  PHE 37  60  60  PHE PHE A . n 
A 1 38  ASN 38  61  61  ASN ASN A . n 
A 1 39  SER 39  62  62  SER SER A . n 
A 1 40  THR 40  63  63  THR THR A . n 
A 1 41  LEU 41  64  64  LEU LEU A . n 
A 1 42  PRO 42  65  65  PRO PRO A . n 
A 1 43  THR 43  66  66  THR THR A . n 
A 1 44  MET 44  67  67  MET MET A . n 
A 1 45  ASP 45  68  68  ASP ASP A . n 
A 1 46  GLN 46  69  69  GLN GLN A . n 
A 1 47  MET 47  70  70  MET MET A . n 
A 1 48  LYS 48  71  71  LYS LYS A . n 
A 1 49  LEU 49  72  72  LEU LEU A . n 
A 1 50  ALA 50  73  73  ALA ALA A . n 
A 1 51  LEU 51  74  74  LEU LEU A . n 
A 1 52  SER 52  75  75  SER SER A . n 
A 1 53  LYS 53  76  76  LYS LYS A . n 
A 1 54  GLY 54  77  77  GLY GLY A . n 
A 1 55  PHE 55  78  78  PHE PHE A . n 
A 1 56  GLU 56  79  79  GLU GLU A . n 
A 1 57  THR 57  80  80  THR THR A . n 
A 1 58  CYS 58  81  81  CYS CYS A . n 
A 1 59  ARG 59  82  82  ARG ARG A . n 
A 1 60  TYR 60  83  83  TYR TYR A . n 
A 1 61  GLY 61  84  84  GLY GLY A . n 
A 1 62  PHE 62  85  85  PHE PHE A . n 
A 1 63  ILE 63  86  86  ILE ILE A . n 
A 1 64  GLU 64  87  87  GLU GLU A . n 
A 1 65  GLY 65  88  88  GLY GLY A . n 
A 1 66  ASN 66  89  89  ASN ASN A . n 
A 1 67  VAL 67  90  90  VAL VAL A . n 
A 1 68  VAL 68  91  91  VAL VAL A . n 
A 1 69  ILE 69  92  92  ILE ILE A . n 
A 1 70  PRO 70  93  93  PRO PRO A . n 
A 1 71  ARG 71  94  94  ARG ARG A . n 
A 1 72  ILE 72  95  95  ILE ILE A . n 
A 1 73  HIS 73  96  96  HIS HIS A . n 
A 1 74  PRO 74  97  97  PRO PRO A . n 
A 1 75  ASN 75  98  98  ASN ASN A . n 
A 1 76  ALA 76  99  99  ALA ALA A . n 
A 1 77  ILE 77  100 100 ILE ILE A . n 
A 1 78  CYS 78  101 101 CYS CYS A . n 
A 1 79  ALA 79  102 102 ALA ALA A . n 
A 1 80  ALA 80  103 103 ALA ALA A . n 
A 1 81  ASN 81  104 104 ASN ASN A . n 
A 1 82  HIS 82  105 105 HIS HIS A . n 
A 1 83  THR 83  106 106 THR THR A . n 
A 1 84  GLY 84  107 107 GLY GLY A . n 
A 1 85  VAL 85  108 108 VAL VAL A . n 
A 1 86  TYR 86  109 109 TYR TYR A . n 
A 1 87  ILE 87  110 110 ILE ILE A . n 
A 1 88  LEU 88  111 111 LEU LEU A . n 
A 1 89  VAL 89  112 112 VAL VAL A . n 
A 1 90  THR 90  113 113 THR THR A . n 
A 1 91  SER 91  114 114 SER SER A . n 
A 1 92  ASN 92  115 115 ASN ASN A . n 
A 1 93  THR 93  116 116 THR THR A . n 
A 1 94  SER 94  117 117 SER SER A . n 
A 1 95  HIS 95  118 118 HIS HIS A . n 
A 1 96  TYR 96  119 119 TYR TYR A . n 
A 1 97  ASP 97  120 120 ASP ASP A . n 
A 1 98  THR 98  121 121 THR THR A . n 
A 1 99  TYR 99  122 122 TYR TYR A . n 
A 1 100 CYS 100 123 123 CYS CYS A . n 
A 1 101 PHE 101 124 124 PHE PHE A . n 
A 1 102 ASN 102 125 125 ASN ASN A . n 
A 1 103 ALA 103 126 126 ALA ALA A . n 
A 1 104 SER 104 127 127 SER SER A . n 
A 1 105 ALA 105 128 128 ALA ALA A . n 
A 1 106 PRO 106 129 129 PRO PRO A . n 
A 1 107 PRO 107 130 130 PRO PRO A . n 
A 1 108 GLU 108 131 131 GLU GLU A . n 
A 1 109 GLU 109 132 132 GLU GLU A . n 
A 1 110 ASP 110 133 133 ASP ASP A . n 
A 1 111 CYS 111 134 134 CYS CYS A . n 
A 1 112 THR 112 135 135 THR THR A . n 
A 1 113 SER 113 136 136 SER SER A . n 
A 1 114 VAL 114 137 137 VAL VAL A . n 
A 1 115 THR 115 138 138 THR THR A . n 
A 1 116 ASP 116 139 139 ASP ASP A . n 
A 1 117 LEU 117 140 140 LEU LEU A . n 
A 1 118 PRO 118 141 141 PRO PRO A . n 
A 1 119 ASN 119 142 142 ASN ASN A . n 
A 1 120 SER 120 143 143 SER SER A . n 
A 1 121 PHE 121 144 144 PHE PHE A . n 
A 1 122 ASP 122 145 145 ASP ASP A . n 
A 1 123 GLY 123 146 146 GLY GLY A . n 
A 1 124 PRO 124 147 147 PRO PRO A . n 
A 1 125 VAL 125 148 148 VAL VAL A . n 
A 1 126 THR 126 149 149 THR THR A . n 
A 1 127 ILE 127 150 150 ILE ILE A . n 
A 1 128 THR 128 151 151 THR THR A . n 
A 1 129 ILE 129 152 152 ILE ILE A . n 
A 1 130 VAL 130 153 153 VAL VAL A . n 
A 1 131 ASN 131 154 154 ASN ASN A . n 
A 1 132 ARG 132 155 155 ARG ARG A . n 
A 1 133 ASP 133 156 156 ASP ASP A . n 
A 1 134 GLY 134 157 157 GLY GLY A . n 
A 1 135 THR 135 158 158 THR THR A . n 
A 1 136 ARG 136 159 159 ARG ARG A . n 
A 1 137 TYR 137 160 160 TYR TYR A . n 
A 1 138 SER 138 161 161 SER SER A . n 
A 1 139 LYS 139 162 162 LYS LYS A . n 
A 1 140 LYS 140 163 163 LYS LYS A . n 
A 1 141 GLY 141 164 164 GLY GLY A . n 
A 1 142 GLU 142 165 165 GLU GLU A . n 
A 1 143 TYR 143 166 166 TYR TYR A . n 
A 1 144 ARG 144 167 167 ARG ARG A . n 
A 1 145 THR 145 168 168 THR THR A . n 
A 1 146 HIS 146 169 169 HIS HIS A . n 
A 1 147 GLN 147 170 170 GLN GLN A . n 
A 1 148 GLU 148 171 171 GLU GLU A . n 
A 1 149 ASP 149 172 172 ASP ASP A . n 
A 1 150 ILE 150 173 173 ILE ILE A . n 
A 1 151 ASP 151 174 ?   ?   ?   A . n 
# 
loop_
_pdbx_nonpoly_scheme.asym_id 
_pdbx_nonpoly_scheme.entity_id 
_pdbx_nonpoly_scheme.mon_id 
_pdbx_nonpoly_scheme.ndb_seq_num 
_pdbx_nonpoly_scheme.pdb_seq_num 
_pdbx_nonpoly_scheme.auth_seq_num 
_pdbx_nonpoly_scheme.pdb_mon_id 
_pdbx_nonpoly_scheme.auth_mon_id 
_pdbx_nonpoly_scheme.pdb_strand_id 
_pdbx_nonpoly_scheme.pdb_ins_code 
B 2 4WT 1  201 1  4WT DRG A . 
C 3 DMS 1  202 1  DMS DMS A . 
D 4 HOH 1  301 29 HOH HOH A . 
D 4 HOH 2  302 53 HOH HOH A . 
D 4 HOH 3  303 32 HOH HOH A . 
D 4 HOH 4  304 14 HOH HOH A . 
D 4 HOH 5  305 15 HOH HOH A . 
D 4 HOH 6  306 50 HOH HOH A . 
D 4 HOH 7  307 2  HOH HOH A . 
D 4 HOH 8  308 1  HOH HOH A . 
D 4 HOH 9  309 19 HOH HOH A . 
D 4 HOH 10 310 9  HOH HOH A . 
D 4 HOH 11 311 6  HOH HOH A . 
D 4 HOH 12 312 13 HOH HOH A . 
D 4 HOH 13 313 37 HOH HOH A . 
D 4 HOH 14 314 18 HOH HOH A . 
D 4 HOH 15 315 7  HOH HOH A . 
D 4 HOH 16 316 42 HOH HOH A . 
D 4 HOH 17 317 28 HOH HOH A . 
D 4 HOH 18 318 5  HOH HOH A . 
D 4 HOH 19 319 36 HOH HOH A . 
D 4 HOH 20 320 45 HOH HOH A . 
D 4 HOH 21 321 39 HOH HOH A . 
D 4 HOH 22 322 20 HOH HOH A . 
D 4 HOH 23 323 44 HOH HOH A . 
D 4 HOH 24 324 46 HOH HOH A . 
D 4 HOH 25 325 26 HOH HOH A . 
D 4 HOH 26 326 24 HOH HOH A . 
D 4 HOH 27 327 3  HOH HOH A . 
D 4 HOH 28 328 11 HOH HOH A . 
D 4 HOH 29 329 4  HOH HOH A . 
D 4 HOH 30 330 34 HOH HOH A . 
D 4 HOH 31 331 21 HOH HOH A . 
D 4 HOH 32 332 10 HOH HOH A . 
D 4 HOH 33 333 38 HOH HOH A . 
D 4 HOH 34 334 33 HOH HOH A . 
D 4 HOH 35 335 30 HOH HOH A . 
D 4 HOH 36 336 8  HOH HOH A . 
D 4 HOH 37 337 31 HOH HOH A . 
D 4 HOH 38 338 23 HOH HOH A . 
D 4 HOH 39 339 40 HOH HOH A . 
D 4 HOH 40 340 12 HOH HOH A . 
D 4 HOH 41 341 43 HOH HOH A . 
D 4 HOH 42 342 22 HOH HOH A . 
D 4 HOH 43 343 25 HOH HOH A . 
D 4 HOH 44 344 49 HOH HOH A . 
D 4 HOH 45 345 47 HOH HOH A . 
D 4 HOH 46 346 16 HOH HOH A . 
D 4 HOH 47 347 17 HOH HOH A . 
D 4 HOH 48 348 35 HOH HOH A . 
D 4 HOH 49 349 41 HOH HOH A . 
D 4 HOH 50 350 51 HOH HOH A . 
D 4 HOH 51 351 54 HOH HOH A . 
D 4 HOH 52 352 48 HOH HOH A . 
D 4 HOH 53 353 52 HOH HOH A . 
D 4 HOH 54 354 27 HOH HOH A . 
# 
loop_
_software.citation_id 
_software.classification 
_software.compiler_name 
_software.compiler_version 
_software.contact_author 
_software.contact_author_email 
_software.date 
_software.description 
_software.dependencies 
_software.hardware 
_software.language 
_software.location 
_software.mods 
_software.name 
_software.os 
_software.os_version 
_software.type 
_software.version 
_software.pdbx_ordinal 
? refinement        ? ? ? ? ? ? ? ? ? ? ? REFMAC      ? ? ? .     1 
? 'data scaling'    ? ? ? ? ? ? ? ? ? ? ? XSCALE      ? ? ? .     2 
? phasing           ? ? ? ? ? ? ? ? ? ? ? PHASER      ? ? ? 2.1.4 3 
? 'data extraction' ? ? ? ? ? ? ? ? ? ? ? PDB_EXTRACT ? ? ? 3.15  4 
# 
_cell.length_a           30.970 
_cell.length_b           81.940 
_cell.length_c           32.060 
_cell.angle_alpha        90.000 
_cell.angle_beta         117.910 
_cell.angle_gamma        90.000 
_cell.entry_id           5BZC 
_cell.Z_PDB              2 
_cell.pdbx_unique_axis   ? 
# 
_symmetry.space_group_name_H-M             'P 1 21 1' 
_symmetry.entry_id                         5BZC 
_symmetry.Int_Tables_number                4 
_symmetry.pdbx_full_space_group_name_H-M   ? 
_symmetry.cell_setting                     ? 
# 
_exptl.absorpt_coefficient_mu     ? 
_exptl.absorpt_correction_T_max   ? 
_exptl.absorpt_correction_T_min   ? 
_exptl.absorpt_correction_type    ? 
_exptl.absorpt_process_details    ? 
_exptl.entry_id                   5BZC 
_exptl.crystals_number            1 
_exptl.details                    ? 
_exptl.method                     'X-RAY DIFFRACTION' 
_exptl.method_details             ? 
# 
_exptl_crystal.colour                      ? 
_exptl_crystal.density_diffrn              ? 
_exptl_crystal.density_Matthews            2.15 
_exptl_crystal.density_method              ? 
_exptl_crystal.density_percent_sol         42.73 
_exptl_crystal.description                 ? 
_exptl_crystal.F_000                       ? 
_exptl_crystal.id                          1 
_exptl_crystal.preparation                 ? 
_exptl_crystal.size_max                    ? 
_exptl_crystal.size_mid                    ? 
_exptl_crystal.size_min                    ? 
_exptl_crystal.size_rad                    ? 
_exptl_crystal.colour_lustre               ? 
_exptl_crystal.colour_modifier             ? 
_exptl_crystal.colour_primary              ? 
_exptl_crystal.density_meas                ? 
_exptl_crystal.density_meas_esd            ? 
_exptl_crystal.density_meas_gt             ? 
_exptl_crystal.density_meas_lt             ? 
_exptl_crystal.density_meas_temp           ? 
_exptl_crystal.density_meas_temp_esd       ? 
_exptl_crystal.density_meas_temp_gt        ? 
_exptl_crystal.density_meas_temp_lt        ? 
_exptl_crystal.pdbx_crystal_image_url      ? 
_exptl_crystal.pdbx_crystal_image_format   ? 
_exptl_crystal.pdbx_mosaicity              ? 
_exptl_crystal.pdbx_mosaicity_esd          ? 
# 
_exptl_crystal_grow.apparatus       ? 
_exptl_crystal_grow.atmosphere      ? 
_exptl_crystal_grow.crystal_id      1 
_exptl_crystal_grow.details         ? 
_exptl_crystal_grow.method          'VAPOR DIFFUSION, HANGING DROP' 
_exptl_crystal_grow.method_ref      ? 
_exptl_crystal_grow.pH              6.5 
_exptl_crystal_grow.pressure        ? 
_exptl_crystal_grow.pressure_esd    ? 
_exptl_crystal_grow.seeding         ? 
_exptl_crystal_grow.seeding_ref     ? 
_exptl_crystal_grow.temp            298 
_exptl_crystal_grow.temp_details    ? 
_exptl_crystal_grow.temp_esd        ? 
_exptl_crystal_grow.time            ? 
_exptl_crystal_grow.pdbx_details    'PEG MME 5000, MES, (NH4)2SO4' 
_exptl_crystal_grow.pdbx_pH_range   ? 
# 
_diffrn.ambient_environment    ? 
_diffrn.ambient_temp           100 
_diffrn.ambient_temp_details   ? 
_diffrn.ambient_temp_esd       ? 
_diffrn.crystal_id             1 
_diffrn.crystal_support        ? 
_diffrn.crystal_treatment      ? 
_diffrn.details                ? 
_diffrn.id                     1 
_diffrn.ambient_pressure       ? 
_diffrn.ambient_pressure_esd   ? 
_diffrn.ambient_pressure_gt    ? 
_diffrn.ambient_pressure_lt    ? 
_diffrn.ambient_temp_gt        ? 
_diffrn.ambient_temp_lt        ? 
# 
_diffrn_detector.details                      ? 
_diffrn_detector.detector                     CCD 
_diffrn_detector.diffrn_id                    1 
_diffrn_detector.type                         NOIR-1 
_diffrn_detector.area_resol_mean              ? 
_diffrn_detector.dtime                        ? 
_diffrn_detector.pdbx_frames_total            ? 
_diffrn_detector.pdbx_collection_time_total   ? 
_diffrn_detector.pdbx_collection_date         2012-12-16 
# 
_diffrn_radiation.collimation                      ? 
_diffrn_radiation.diffrn_id                        1 
_diffrn_radiation.filter_edge                      ? 
_diffrn_radiation.inhomogeneity                    ? 
_diffrn_radiation.monochromator                    'double crystal' 
_diffrn_radiation.polarisn_norm                    ? 
_diffrn_radiation.polarisn_ratio                   ? 
_diffrn_radiation.probe                            ? 
_diffrn_radiation.type                             ? 
_diffrn_radiation.xray_symbol                      ? 
_diffrn_radiation.wavelength_id                    1 
_diffrn_radiation.pdbx_monochromatic_or_laue_m_l   M 
_diffrn_radiation.pdbx_wavelength_list             ? 
_diffrn_radiation.pdbx_wavelength                  ? 
_diffrn_radiation.pdbx_diffrn_protocol             'SINGLE WAVELENGTH' 
_diffrn_radiation.pdbx_analyzer                    ? 
_diffrn_radiation.pdbx_scattering_type             x-ray 
# 
_diffrn_radiation_wavelength.id           1 
_diffrn_radiation_wavelength.wavelength   1.000 
_diffrn_radiation_wavelength.wt           1.0 
# 
_diffrn_source.current                     ? 
_diffrn_source.details                     ? 
_diffrn_source.diffrn_id                   1 
_diffrn_source.power                       ? 
_diffrn_source.size                        ? 
_diffrn_source.source                      SYNCHROTRON 
_diffrn_source.target                      ? 
_diffrn_source.type                        'ALS BEAMLINE 4.2.2' 
_diffrn_source.voltage                     ? 
_diffrn_source.take-off_angle              ? 
_diffrn_source.pdbx_wavelength_list        1.000 
_diffrn_source.pdbx_wavelength             ? 
_diffrn_source.pdbx_synchrotron_beamline   4.2.2 
_diffrn_source.pdbx_synchrotron_site       ALS 
# 
_reflns.d_resolution_high            1.940 
_reflns.pdbx_number_measured_all     39128 
_reflns.number_obs                   10233 
_reflns.pdbx_Rmerge_I_obs            0.098 
_reflns.pdbx_netI_over_sigmaI        14.370 
_reflns.pdbx_chi_squared             0.948 
_reflns.percent_possible_obs         97.000 
_reflns.Rmerge_F_obs                 0.996 
_reflns.observed_criterion_sigma_I   -3.000 
_reflns.pdbx_Rrim_I_all              0.114 
_reflns.B_iso_Wilson_estimate        17.864 
_reflns.pdbx_diffrn_id               1 
_reflns.pdbx_ordinal                 1 
_reflns.entry_id                     5BZC 
_reflns.observed_criterion_sigma_F   ? 
_reflns.d_resolution_low             40.9700 
_reflns.number_all                   ? 
_reflns.pdbx_Rsym_value              ? 
_reflns.pdbx_redundancy              ? 
# 
loop_
_reflns_shell.pdbx_diffrn_id 
_reflns_shell.pdbx_ordinal 
_reflns_shell.d_res_high 
_reflns_shell.d_res_low 
_reflns_shell.number_measured_obs 
_reflns_shell.number_measured_all 
_reflns_shell.number_unique_obs 
_reflns_shell.pdbx_rejects 
_reflns_shell.Rmerge_I_obs 
_reflns_shell.meanI_over_sigI_obs 
_reflns_shell.pdbx_Rsym_value 
_reflns_shell.pdbx_chi_squared 
_reflns_shell.pdbx_redundancy 
_reflns_shell.percent_possible_obs 
_reflns_shell.pdbx_netI_over_sigmaI_obs 
_reflns_shell.number_possible 
_reflns_shell.number_unique_all 
_reflns_shell.Rmerge_F_all 
_reflns_shell.Rmerge_F_obs 
_reflns_shell.Rmerge_I_all 
_reflns_shell.meanI_over_sigI_all 
_reflns_shell.percent_possible_all 
_reflns_shell.pdbx_Rrim_I_all 
_reflns_shell.pdbx_Rpim_I_all 
_reflns_shell.pdbx_CC_half 
1 1  1.940 1.990 2318 ? 673 0 0.382 3.430  ? ? ? ? ? 763 ? ? 0.878 ? ? 88.200 0.448 ? ? 
1 2  1.990 2.050 2869 ? 743 0 0.351 4.360  ? ? ? ? ? 767 ? ? 0.905 ? ? 96.900 0.407 ? ? 
1 3  2.050 2.100 2712 ? 702 0 0.291 5.170  ? ? ? ? ? 722 ? ? 0.934 ? ? 97.200 0.338 ? ? 
1 4  2.100 2.170 2740 ? 708 0 0.233 6.320  ? ? ? ? ? 733 ? ? 0.950 ? ? 96.600 0.270 ? ? 
1 5  2.170 2.240 2547 ? 654 0 0.214 7.030  ? ? ? ? ? 675 ? ? 0.962 ? ? 96.900 0.248 ? ? 
1 6  2.240 2.320 2589 ? 669 0 0.184 8.260  ? ? ? ? ? 680 ? ? 0.968 ? ? 98.400 0.214 ? ? 
1 7  2.320 2.410 2411 ? 620 0 0.170 8.880  ? ? ? ? ? 639 ? ? 0.974 ? ? 97.000 0.198 ? ? 
1 8  2.410 2.500 2370 ? 614 0 0.168 9.100  ? ? ? ? ? 631 ? ? 0.978 ? ? 97.300 0.195 ? ? 
1 9  2.500 2.620 2258 ? 581 0 0.133 10.970 ? ? ? ? ? 594 ? ? 0.981 ? ? 97.800 0.155 ? ? 
1 10 2.620 2.740 2198 ? 569 0 0.126 11.740 ? ? ? ? ? 575 ? ? 0.985 ? ? 99.000 0.147 ? ? 
1 11 2.740 2.890 2067 ? 533 0 0.097 14.430 ? ? ? ? ? 545 ? ? 0.992 ? ? 97.800 0.112 ? ? 
1 12 2.890 3.070 1909 ? 495 0 0.069 18.330 ? ? ? ? ? 502 ? ? 0.996 ? ? 98.600 0.080 ? ? 
1 13 3.070 3.280 1859 ? 485 0 0.058 22.230 ? ? ? ? ? 497 ? ? 0.996 ? ? 97.600 0.067 ? ? 
1 14 3.280 3.540 1758 ? 456 0 0.046 26.620 ? ? ? ? ? 463 ? ? 0.997 ? ? 98.500 0.054 ? ? 
1 15 3.540 3.880 1548 ? 405 0 0.039 31.080 ? ? ? ? ? 415 ? ? 0.998 ? ? 97.600 0.045 ? ? 
1 16 3.880 4.340 1416 ? 372 0 0.033 35.520 ? ? ? ? ? 373 ? ? 0.999 ? ? 99.700 0.039 ? ? 
1 17 4.340 5.010 1223 ? 323 0 0.031 37.280 ? ? ? ? ? 329 ? ? 0.999 ? ? 98.200 0.036 ? ? 
1 18 5.010 6.140 1097 ? 291 0 0.036 32.140 ? ? ? ? ? 294 ? ? 0.998 ? ? 99.000 0.041 ? ? 
1 19 6.140 8.680 809  ? 218 0 0.034 32.460 ? ? ? ? ? 221 ? ? 0.999 ? ? 98.600 0.040 ? ? 
1 20 8.680 ?     430  ? 122 0 0.024 41.970 ? ? ? ? ? 127 ? ? 0.999 ? ? 96.100 0.029 ? ? 
# 
_refine.entry_id                                 5BZC 
_refine.pdbx_refine_id                           'X-RAY DIFFRACTION' 
_refine.ls_d_res_high                            1.9500 
_refine.ls_d_res_low                             40.9700 
_refine.pdbx_ls_sigma_F                          0.000 
_refine.pdbx_data_cutoff_high_absF               ? 
_refine.pdbx_data_cutoff_low_absF                ? 
_refine.ls_percent_reflns_obs                    97.7900 
_refine.ls_number_reflns_obs                     9618 
_refine.ls_number_reflns_all                     ? 
_refine.pdbx_ls_cross_valid_method               THROUGHOUT 
_refine.ls_matrix_type                           ? 
_refine.pdbx_R_Free_selection_details            RANDOM 
_refine.details                                  
'HYDROGENS HAVE BEEN ADDED IN THE RIDING POSITIONS U VALUES      : REFINED INDIVIDUALLY' 
_refine.ls_R_factor_all                          ? 
_refine.ls_R_factor_obs                          0.1841 
_refine.ls_R_factor_R_work                       0.1816 
_refine.ls_wR_factor_R_work                      0.1641 
_refine.ls_R_factor_R_free                       0.2317 
_refine.ls_wR_factor_R_free                      0.2021 
_refine.ls_percent_reflns_R_free                 5.2000 
_refine.ls_number_reflns_R_free                  530 
_refine.ls_number_reflns_R_work                  ? 
_refine.ls_R_factor_R_free_error                 ? 
_refine.B_iso_mean                               11.0370 
_refine.solvent_model_param_bsol                 ? 
_refine.solvent_model_param_ksol                 ? 
_refine.pdbx_isotropic_thermal_model             ? 
_refine.aniso_B[1][1]                            -0.1900 
_refine.aniso_B[2][2]                            0.5700 
_refine.aniso_B[3][3]                            -0.7000 
_refine.aniso_B[1][2]                            0.0000 
_refine.aniso_B[1][3]                            -0.3300 
_refine.aniso_B[2][3]                            0.0000 
_refine.correlation_coeff_Fo_to_Fc               0.9350 
_refine.correlation_coeff_Fo_to_Fc_free          0.8770 
_refine.overall_SU_R_Cruickshank_DPI             0.1881 
_refine.pdbx_overall_SU_R_free_Cruickshank_DPI   ? 
_refine.pdbx_overall_SU_R_Blow_DPI               ? 
_refine.pdbx_overall_SU_R_free_Blow_DPI          ? 
_refine.overall_SU_R_free                        0.1665 
_refine.pdbx_overall_ESU_R                       0.1880 
_refine.pdbx_overall_ESU_R_Free                  0.1670 
_refine.overall_SU_ML                            0.1060 
_refine.overall_SU_B                             3.6130 
_refine.solvent_model_details                    MASK 
_refine.pdbx_solvent_vdw_probe_radii             1.4000 
_refine.pdbx_solvent_ion_probe_radii             0.8000 
_refine.pdbx_solvent_shrinkage_radii             0.8000 
_refine.ls_number_parameters                     ? 
_refine.ls_number_restraints                     ? 
_refine.pdbx_starting_model                      ? 
_refine.pdbx_method_to_determine_struct          'MOLECULAR REPLACEMENT' 
_refine.pdbx_stereochemistry_target_values       'MAXIMUM LIKELIHOOD' 
_refine.pdbx_stereochem_target_val_spec_case     ? 
_refine.overall_FOM_work_R_set                   0.8629 
_refine.B_iso_max                                37.190 
_refine.B_iso_min                                2.840 
_refine.pdbx_overall_phase_error                 ? 
_refine.occupancy_max                            ? 
_refine.occupancy_min                            ? 
_refine.pdbx_diffrn_id                           1 
_refine.pdbx_TLS_residual_ADP_flag               ? 
_refine.pdbx_ls_sigma_I                          ? 
_refine.pdbx_data_cutoff_high_rms_absF           ? 
_refine.ls_R_factor_R_free_error_details         ? 
# 
_refine_hist.cycle_id                         final 
_refine_hist.pdbx_refine_id                   'X-RAY DIFFRACTION' 
_refine_hist.d_res_high                       1.9500 
_refine_hist.d_res_low                        40.9700 
_refine_hist.pdbx_number_atoms_ligand         16 
_refine_hist.number_atoms_solvent             54 
_refine_hist.number_atoms_total               1241 
_refine_hist.pdbx_number_residues_total       150 
_refine_hist.pdbx_B_iso_mean_ligand           12.23 
_refine_hist.pdbx_B_iso_mean_solvent          13.18 
_refine_hist.pdbx_number_atoms_protein        1171 
_refine_hist.pdbx_number_atoms_nucleic_acid   0 
# 
loop_
_refine_ls_restr.pdbx_refine_id 
_refine_ls_restr.type 
_refine_ls_restr.number 
_refine_ls_restr.dev_ideal 
_refine_ls_restr.dev_ideal_target 
_refine_ls_restr.weight 
_refine_ls_restr.pdbx_restraint_function 
'X-RAY DIFFRACTION' r_bond_refined_d       1222 0.016  0.022  ? ? 
'X-RAY DIFFRACTION' r_angle_refined_deg    1666 1.466  1.950  ? ? 
'X-RAY DIFFRACTION' r_dihedral_angle_1_deg 151  6.811  5.000  ? ? 
'X-RAY DIFFRACTION' r_dihedral_angle_2_deg 59   36.144 24.068 ? ? 
'X-RAY DIFFRACTION' r_dihedral_angle_3_deg 189  11.779 15.000 ? ? 
'X-RAY DIFFRACTION' r_dihedral_angle_4_deg 8    19.027 15.000 ? ? 
'X-RAY DIFFRACTION' r_chiral_restr         186  0.101  0.200  ? ? 
'X-RAY DIFFRACTION' r_gen_planes_refined   944  0.007  0.021  ? ? 
'X-RAY DIFFRACTION' r_mcbond_it            754  0.720  1.500  ? ? 
'X-RAY DIFFRACTION' r_mcangle_it           1229 1.259  2.000  ? ? 
'X-RAY DIFFRACTION' r_scbond_it            468  2.185  3.000  ? ? 
'X-RAY DIFFRACTION' r_scangle_it           437  3.528  4.500  ? ? 
# 
_refine_ls_shell.d_res_high                       1.9460 
_refine_ls_shell.d_res_low                        1.9970 
_refine_ls_shell.pdbx_total_number_of_bins_used   20 
_refine_ls_shell.percent_reflns_obs               92.5200 
_refine_ls_shell.number_reflns_R_work             658 
_refine_ls_shell.R_factor_all                     ? 
_refine_ls_shell.R_factor_R_work                  0.2060 
_refine_ls_shell.R_factor_R_free                  0.2290 
_refine_ls_shell.percent_reflns_R_free            ? 
_refine_ls_shell.number_reflns_R_free             35 
_refine_ls_shell.R_factor_R_free_error            ? 
_refine_ls_shell.number_reflns_all                693 
_refine_ls_shell.number_reflns_obs                ? 
_refine_ls_shell.pdbx_refine_id                   'X-RAY DIFFRACTION' 
_refine_ls_shell.R_factor_obs                     ? 
# 
_struct.entry_id                     5BZC 
_struct.title                        'Crystal structure of the murine CD44 hyaluronan binding domain complex with a small molecule' 
_struct.pdbx_model_details           ? 
_struct.pdbx_formula_weight          ? 
_struct.pdbx_formula_weight_method   ? 
_struct.pdbx_model_type_details      ? 
_struct.pdbx_CASP_flag               ? 
# 
_struct_keywords.entry_id        5BZC 
_struct_keywords.text            'Link module, PROTEIN BINDING' 
_struct_keywords.pdbx_keywords   'PROTEIN BINDING' 
# 
loop_
_struct_asym.id 
_struct_asym.pdbx_blank_PDB_chainid_flag 
_struct_asym.pdbx_modified 
_struct_asym.entity_id 
_struct_asym.details 
A N N 1 ? 
B N N 2 ? 
C N N 3 ? 
D N N 4 ? 
# 
_struct_ref.id                         1 
_struct_ref.db_name                    UNP 
_struct_ref.db_code                    CD44_MOUSE 
_struct_ref.pdbx_db_accession          P15379 
_struct_ref.pdbx_db_isoform            ? 
_struct_ref.entity_id                  1 
_struct_ref.pdbx_seq_one_letter_code   
;QQIDLNVTCRYAGVFHVEKNGRYSISRTEAADLCQAFNSTLPTMDQMKLALSKGFETCRYGFIEGNVVIPRIHPNAICAA
NHTGVYILVTSNTSHYDTYCFNASAPPEEDCTSVTDLPNSFDGPVTITIVNRDGTRYSKKGEYRTHQEDI
;
_struct_ref.pdbx_align_begin           22 
# 
_struct_ref_seq.align_id                      1 
_struct_ref_seq.ref_id                        1 
_struct_ref_seq.pdbx_PDB_id_code              5BZC 
_struct_ref_seq.pdbx_strand_id                A 
_struct_ref_seq.seq_align_beg                 1 
_struct_ref_seq.pdbx_seq_align_beg_ins_code   ? 
_struct_ref_seq.seq_align_end                 150 
_struct_ref_seq.pdbx_seq_align_end_ins_code   ? 
_struct_ref_seq.pdbx_db_accession             P15379 
_struct_ref_seq.db_align_beg                  22 
_struct_ref_seq.pdbx_db_align_beg_ins_code    ? 
_struct_ref_seq.db_align_end                  171 
_struct_ref_seq.pdbx_db_align_end_ins_code    ? 
_struct_ref_seq.pdbx_auth_seq_align_beg       24 
_struct_ref_seq.pdbx_auth_seq_align_end       173 
# 
loop_
_struct_ref_seq_dif.align_id 
_struct_ref_seq_dif.pdbx_pdb_id_code 
_struct_ref_seq_dif.mon_id 
_struct_ref_seq_dif.pdbx_pdb_strand_id 
_struct_ref_seq_dif.seq_num 
_struct_ref_seq_dif.pdbx_pdb_ins_code 
_struct_ref_seq_dif.pdbx_seq_db_name 
_struct_ref_seq_dif.pdbx_seq_db_accession_code 
_struct_ref_seq_dif.db_mon_id 
_struct_ref_seq_dif.pdbx_seq_db_seq_num 
_struct_ref_seq_dif.details 
_struct_ref_seq_dif.pdbx_auth_seq_num 
_struct_ref_seq_dif.pdbx_ordinal 
1 5BZC ASN A 1   ? UNP P15379 GLN 22 'engineered mutation' 24  1 
1 5BZC ASP A 151 ? UNP P15379 ?   ?  'expression tag'      174 2 
# 
_pdbx_struct_assembly.id                   1 
_pdbx_struct_assembly.details              author_and_software_defined_assembly 
_pdbx_struct_assembly.method_details       PISA 
_pdbx_struct_assembly.oligomeric_details   monomeric 
_pdbx_struct_assembly.oligomeric_count     1 
# 
_pdbx_struct_assembly_gen.assembly_id       1 
_pdbx_struct_assembly_gen.oper_expression   1 
_pdbx_struct_assembly_gen.asym_id_list      A,B,C,D 
# 
_pdbx_struct_oper_list.id                   1 
_pdbx_struct_oper_list.type                 'identity operation' 
_pdbx_struct_oper_list.name                 1_555 
_pdbx_struct_oper_list.symmetry_operation   x,y,z 
_pdbx_struct_oper_list.matrix[1][1]         1.0000000000 
_pdbx_struct_oper_list.matrix[1][2]         0.0000000000 
_pdbx_struct_oper_list.matrix[1][3]         0.0000000000 
_pdbx_struct_oper_list.vector[1]            0.0000000000 
_pdbx_struct_oper_list.matrix[2][1]         0.0000000000 
_pdbx_struct_oper_list.matrix[2][2]         1.0000000000 
_pdbx_struct_oper_list.matrix[2][3]         0.0000000000 
_pdbx_struct_oper_list.vector[2]            0.0000000000 
_pdbx_struct_oper_list.matrix[3][1]         0.0000000000 
_pdbx_struct_oper_list.matrix[3][2]         0.0000000000 
_pdbx_struct_oper_list.matrix[3][3]         1.0000000000 
_pdbx_struct_oper_list.vector[3]            0.0000000000 
# 
loop_
_struct_conf.conf_type_id 
_struct_conf.id 
_struct_conf.pdbx_PDB_helix_id 
_struct_conf.beg_label_comp_id 
_struct_conf.beg_label_asym_id 
_struct_conf.beg_label_seq_id 
_struct_conf.pdbx_beg_PDB_ins_code 
_struct_conf.end_label_comp_id 
_struct_conf.end_label_asym_id 
_struct_conf.end_label_seq_id 
_struct_conf.pdbx_end_PDB_ins_code 
_struct_conf.beg_auth_comp_id 
_struct_conf.beg_auth_asym_id 
_struct_conf.beg_auth_seq_id 
_struct_conf.end_auth_comp_id 
_struct_conf.end_auth_asym_id 
_struct_conf.end_auth_seq_id 
_struct_conf.pdbx_PDB_helix_class 
_struct_conf.details 
_struct_conf.pdbx_PDB_helix_length 
HELX_P HELX_P1 AA1 SER A 26  ? PHE A 37  ? SER A 49  PHE A 60  1 ? 12 
HELX_P HELX_P2 AA2 THR A 43  ? LYS A 53  ? THR A 66  LYS A 76  1 ? 11 
HELX_P HELX_P3 AA3 HIS A 146 ? ILE A 150 ? HIS A 169 ILE A 173 5 ? 5  
# 
_struct_conf_type.id          HELX_P 
_struct_conf_type.criteria    ? 
_struct_conf_type.reference   ? 
# 
loop_
_struct_conn.id 
_struct_conn.conn_type_id 
_struct_conn.pdbx_leaving_atom_flag 
_struct_conn.pdbx_PDB_id 
_struct_conn.ptnr1_label_asym_id 
_struct_conn.ptnr1_label_comp_id 
_struct_conn.ptnr1_label_seq_id 
_struct_conn.ptnr1_label_atom_id 
_struct_conn.pdbx_ptnr1_label_alt_id 
_struct_conn.pdbx_ptnr1_PDB_ins_code 
_struct_conn.pdbx_ptnr1_standard_comp_id 
_struct_conn.ptnr1_symmetry 
_struct_conn.ptnr2_label_asym_id 
_struct_conn.ptnr2_label_comp_id 
_struct_conn.ptnr2_label_seq_id 
_struct_conn.ptnr2_label_atom_id 
_struct_conn.pdbx_ptnr2_label_alt_id 
_struct_conn.pdbx_ptnr2_PDB_ins_code 
_struct_conn.ptnr1_auth_asym_id 
_struct_conn.ptnr1_auth_comp_id 
_struct_conn.ptnr1_auth_seq_id 
_struct_conn.ptnr2_auth_asym_id 
_struct_conn.ptnr2_auth_comp_id 
_struct_conn.ptnr2_auth_seq_id 
_struct_conn.ptnr2_symmetry 
_struct_conn.pdbx_ptnr3_label_atom_id 
_struct_conn.pdbx_ptnr3_label_seq_id 
_struct_conn.pdbx_ptnr3_label_comp_id 
_struct_conn.pdbx_ptnr3_label_asym_id 
_struct_conn.pdbx_ptnr3_label_alt_id 
_struct_conn.pdbx_ptnr3_PDB_ins_code 
_struct_conn.details 
_struct_conn.pdbx_dist_value 
_struct_conn.pdbx_value_order 
_struct_conn.pdbx_role 
disulf1 disulf ? ? A CYS 9  SG ? ? ? 1_555 A CYS 111 SG ? ? A CYS 32 A CYS 134 1_555 ? ? ? ? ? ? ? 2.067 ? ? 
disulf2 disulf ? ? A CYS 34 SG ? ? ? 1_555 A CYS 100 SG ? ? A CYS 57 A CYS 123 1_555 ? ? ? ? ? ? ? 2.064 ? ? 
disulf3 disulf ? ? A CYS 58 SG ? ? ? 1_555 A CYS 78  SG ? ? A CYS 81 A CYS 101 1_555 ? ? ? ? ? ? ? 2.073 ? ? 
# 
_struct_conn_type.id          disulf 
_struct_conn_type.criteria    ? 
_struct_conn_type.reference   ? 
# 
loop_
_pdbx_modification_feature.ordinal 
_pdbx_modification_feature.label_comp_id 
_pdbx_modification_feature.label_asym_id 
_pdbx_modification_feature.label_seq_id 
_pdbx_modification_feature.label_alt_id 
_pdbx_modification_feature.modified_residue_label_comp_id 
_pdbx_modification_feature.modified_residue_label_asym_id 
_pdbx_modification_feature.modified_residue_label_seq_id 
_pdbx_modification_feature.modified_residue_label_alt_id 
_pdbx_modification_feature.auth_comp_id 
_pdbx_modification_feature.auth_asym_id 
_pdbx_modification_feature.auth_seq_id 
_pdbx_modification_feature.PDB_ins_code 
_pdbx_modification_feature.symmetry 
_pdbx_modification_feature.modified_residue_auth_comp_id 
_pdbx_modification_feature.modified_residue_auth_asym_id 
_pdbx_modification_feature.modified_residue_auth_seq_id 
_pdbx_modification_feature.modified_residue_PDB_ins_code 
_pdbx_modification_feature.modified_residue_symmetry 
_pdbx_modification_feature.comp_id_linking_atom 
_pdbx_modification_feature.modified_residue_id_linking_atom 
_pdbx_modification_feature.modified_residue_id 
_pdbx_modification_feature.ref_pcm_id 
_pdbx_modification_feature.ref_comp_id 
_pdbx_modification_feature.type 
_pdbx_modification_feature.category 
1 CYS A 9  ? CYS A 111 ? CYS A 32 ? 1_555 CYS A 134 ? 1_555 SG SG . . . None 'Disulfide bridge' 
2 CYS A 34 ? CYS A 100 ? CYS A 57 ? 1_555 CYS A 123 ? 1_555 SG SG . . . None 'Disulfide bridge' 
3 CYS A 58 ? CYS A 78  ? CYS A 81 ? 1_555 CYS A 101 ? 1_555 SG SG . . . None 'Disulfide bridge' 
# 
loop_
_struct_sheet.id 
_struct_sheet.type 
_struct_sheet.number_strands 
_struct_sheet.details 
AA1 ? 8 ? 
AA2 ? 2 ? 
# 
loop_
_struct_sheet_order.sheet_id 
_struct_sheet_order.range_id_1 
_struct_sheet_order.range_id_2 
_struct_sheet_order.offset 
_struct_sheet_order.sense 
AA1 1 2 ? anti-parallel 
AA1 2 3 ? anti-parallel 
AA1 3 4 ? parallel      
AA1 4 5 ? anti-parallel 
AA1 5 6 ? anti-parallel 
AA1 6 7 ? parallel      
AA1 7 8 ? anti-parallel 
AA2 1 2 ? anti-parallel 
# 
loop_
_struct_sheet_range.sheet_id 
_struct_sheet_range.id 
_struct_sheet_range.beg_label_comp_id 
_struct_sheet_range.beg_label_asym_id 
_struct_sheet_range.beg_label_seq_id 
_struct_sheet_range.pdbx_beg_PDB_ins_code 
_struct_sheet_range.end_label_comp_id 
_struct_sheet_range.end_label_asym_id 
_struct_sheet_range.end_label_seq_id 
_struct_sheet_range.pdbx_end_PDB_ins_code 
_struct_sheet_range.beg_auth_comp_id 
_struct_sheet_range.beg_auth_asym_id 
_struct_sheet_range.beg_auth_seq_id 
_struct_sheet_range.end_auth_comp_id 
_struct_sheet_range.end_auth_asym_id 
_struct_sheet_range.end_auth_seq_id 
AA1 1 GLY A 84  ? ILE A 87  ? GLY A 107 ILE A 110 
AA1 2 VAL A 67  ? ARG A 71  ? VAL A 90  ARG A 94  
AA1 3 GLY A 61  ? PHE A 62  ? GLY A 84  PHE A 85  
AA1 4 ASP A 97  ? PHE A 101 ? ASP A 120 PHE A 124 
AA1 5 VAL A 14  ? LYS A 19  ? VAL A 37  LYS A 42  
AA1 6 GLN A 2   ? VAL A 7   ? GLN A 25  VAL A 30  
AA1 7 PHE A 121 ? VAL A 130 ? PHE A 144 VAL A 153 
AA1 8 ARG A 136 ? GLU A 142 ? ARG A 159 GLU A 165 
AA2 1 ARG A 10  ? TYR A 11  ? ARG A 33  TYR A 34  
AA2 2 GLU A 109 ? ASP A 110 ? GLU A 132 ASP A 133 
# 
loop_
_pdbx_struct_sheet_hbond.sheet_id 
_pdbx_struct_sheet_hbond.range_id_1 
_pdbx_struct_sheet_hbond.range_id_2 
_pdbx_struct_sheet_hbond.range_1_label_atom_id 
_pdbx_struct_sheet_hbond.range_1_label_comp_id 
_pdbx_struct_sheet_hbond.range_1_label_asym_id 
_pdbx_struct_sheet_hbond.range_1_label_seq_id 
_pdbx_struct_sheet_hbond.range_1_PDB_ins_code 
_pdbx_struct_sheet_hbond.range_1_auth_atom_id 
_pdbx_struct_sheet_hbond.range_1_auth_comp_id 
_pdbx_struct_sheet_hbond.range_1_auth_asym_id 
_pdbx_struct_sheet_hbond.range_1_auth_seq_id 
_pdbx_struct_sheet_hbond.range_2_label_atom_id 
_pdbx_struct_sheet_hbond.range_2_label_comp_id 
_pdbx_struct_sheet_hbond.range_2_label_asym_id 
_pdbx_struct_sheet_hbond.range_2_label_seq_id 
_pdbx_struct_sheet_hbond.range_2_PDB_ins_code 
_pdbx_struct_sheet_hbond.range_2_auth_atom_id 
_pdbx_struct_sheet_hbond.range_2_auth_comp_id 
_pdbx_struct_sheet_hbond.range_2_auth_asym_id 
_pdbx_struct_sheet_hbond.range_2_auth_seq_id 
AA1 1 2 O GLY A 84  ? O GLY A 107 N ARG A 71  ? N ARG A 94  
AA1 2 3 O VAL A 68  ? O VAL A 91  N GLY A 61  ? N GLY A 84  
AA1 3 4 N PHE A 62  ? N PHE A 85  O TYR A 99  ? O TYR A 122 
AA1 4 5 O THR A 98  ? O THR A 121 N VAL A 17  ? N VAL A 40  
AA1 5 6 O GLU A 18  ? O GLU A 41  N ASN A 6   ? N ASN A 29  
AA1 6 7 N LEU A 5   ? N LEU A 28  O THR A 128 ? O THR A 151 
AA1 7 8 N ILE A 127 ? N ILE A 150 O LYS A 139 ? O LYS A 162 
AA2 1 2 N ARG A 10  ? N ARG A 33  O ASP A 110 ? O ASP A 133 
# 
loop_
_struct_site.id 
_struct_site.pdbx_evidence_code 
_struct_site.pdbx_auth_asym_id 
_struct_site.pdbx_auth_comp_id 
_struct_site.pdbx_auth_seq_id 
_struct_site.pdbx_auth_ins_code 
_struct_site.pdbx_num_residues 
_struct_site.details 
AC1 Software A 4WT 201 ? 7  'binding site for residue 4WT A 201' 
AC2 Software A DMS 202 ? 10 'binding site for residue DMS A 202' 
# 
loop_
_struct_site_gen.id 
_struct_site_gen.site_id 
_struct_site_gen.pdbx_num_res 
_struct_site_gen.label_comp_id 
_struct_site_gen.label_asym_id 
_struct_site_gen.label_seq_id 
_struct_site_gen.pdbx_auth_ins_code 
_struct_site_gen.auth_comp_id 
_struct_site_gen.auth_asym_id 
_struct_site_gen.auth_seq_id 
_struct_site_gen.label_atom_id 
_struct_site_gen.label_alt_id 
_struct_site_gen.symmetry 
_struct_site_gen.details 
1  AC1 7  ASN A 6   ? ASN A 29  . ? 1_555 ? 
2  AC1 7  VAL A 7   ? VAL A 30  . ? 1_555 ? 
3  AC1 7  HIS A 16  ? HIS A 39  . ? 1_555 ? 
4  AC1 7  GLU A 18  ? GLU A 41  . ? 1_555 ? 
5  AC1 7  ASP A 45  ? ASP A 68  . ? 1_655 ? 
6  AC1 7  VAL A 130 ? VAL A 153 . ? 1_555 ? 
7  AC1 7  ARG A 132 ? ARG A 155 . ? 1_555 ? 
8  AC2 10 CYS A 9   ? CYS A 32  . ? 1_555 ? 
9  AC2 10 GLY A 65  ? GLY A 88  . ? 1_554 ? 
10 AC2 10 ASN A 66  ? ASN A 89  . ? 1_554 ? 
11 AC2 10 CYS A 111 ? CYS A 134 . ? 1_555 ? 
12 AC2 10 THR A 112 ? THR A 135 . ? 1_555 ? 
13 AC2 10 SER A 113 ? SER A 136 . ? 1_555 ? 
14 AC2 10 ARG A 132 ? ARG A 155 . ? 1_555 ? 
15 AC2 10 ASP A 133 ? ASP A 156 . ? 1_555 ? 
16 AC2 10 HOH D .   ? HOH A 305 . ? 1_555 ? 
17 AC2 10 HOH D .   ? HOH A 326 . ? 1_555 ? 
# 
_pdbx_entry_details.entry_id                   5BZC 
_pdbx_entry_details.compound_details           ? 
_pdbx_entry_details.source_details             ? 
_pdbx_entry_details.nonpolymer_details         ? 
_pdbx_entry_details.sequence_details           ? 
_pdbx_entry_details.has_ligand_of_interest     ? 
_pdbx_entry_details.has_protein_modification   Y 
# 
_pdbx_validate_rmsd_angle.id                         1 
_pdbx_validate_rmsd_angle.PDB_model_num              1 
_pdbx_validate_rmsd_angle.auth_atom_id_1             NE 
_pdbx_validate_rmsd_angle.auth_asym_id_1             A 
_pdbx_validate_rmsd_angle.auth_comp_id_1             ARG 
_pdbx_validate_rmsd_angle.auth_seq_id_1              159 
_pdbx_validate_rmsd_angle.PDB_ins_code_1             ? 
_pdbx_validate_rmsd_angle.label_alt_id_1             ? 
_pdbx_validate_rmsd_angle.auth_atom_id_2             CZ 
_pdbx_validate_rmsd_angle.auth_asym_id_2             A 
_pdbx_validate_rmsd_angle.auth_comp_id_2             ARG 
_pdbx_validate_rmsd_angle.auth_seq_id_2              159 
_pdbx_validate_rmsd_angle.PDB_ins_code_2             ? 
_pdbx_validate_rmsd_angle.label_alt_id_2             ? 
_pdbx_validate_rmsd_angle.auth_atom_id_3             NH2 
_pdbx_validate_rmsd_angle.auth_asym_id_3             A 
_pdbx_validate_rmsd_angle.auth_comp_id_3             ARG 
_pdbx_validate_rmsd_angle.auth_seq_id_3              159 
_pdbx_validate_rmsd_angle.PDB_ins_code_3             ? 
_pdbx_validate_rmsd_angle.label_alt_id_3             ? 
_pdbx_validate_rmsd_angle.angle_value                116.83 
_pdbx_validate_rmsd_angle.angle_target_value         120.30 
_pdbx_validate_rmsd_angle.angle_deviation            -3.47 
_pdbx_validate_rmsd_angle.angle_standard_deviation   0.50 
_pdbx_validate_rmsd_angle.linker_flag                N 
# 
loop_
_pdbx_validate_torsion.id 
_pdbx_validate_torsion.PDB_model_num 
_pdbx_validate_torsion.auth_comp_id 
_pdbx_validate_torsion.auth_asym_id 
_pdbx_validate_torsion.auth_seq_id 
_pdbx_validate_torsion.PDB_ins_code 
_pdbx_validate_torsion.label_alt_id 
_pdbx_validate_torsion.phi 
_pdbx_validate_torsion.psi 
1 1 TYR A 46  ? ? -59.37  108.08  
2 1 SER A 47  ? ? -156.06 13.85   
3 1 GLU A 131 ? ? -118.61 -134.38 
# 
_pdbx_phasing_MR.entry_id                     5BZC 
_pdbx_phasing_MR.method_rotation              ? 
_pdbx_phasing_MR.method_translation           ? 
_pdbx_phasing_MR.model_details                'Phaser MODE: MR_AUTO' 
_pdbx_phasing_MR.R_factor                     31.800 
_pdbx_phasing_MR.R_rigid_body                 ? 
_pdbx_phasing_MR.correlation_coeff_Fo_to_Fc   ? 
_pdbx_phasing_MR.correlation_coeff_Io_to_Ic   ? 
_pdbx_phasing_MR.d_res_high_rotation          2.500 
_pdbx_phasing_MR.d_res_low_rotation           19.660 
_pdbx_phasing_MR.d_res_high_translation       2.500 
_pdbx_phasing_MR.d_res_low_translation        19.660 
_pdbx_phasing_MR.packing                      ? 
_pdbx_phasing_MR.reflns_percent_rotation      ? 
_pdbx_phasing_MR.reflns_percent_translation   ? 
_pdbx_phasing_MR.sigma_F_rotation             ? 
_pdbx_phasing_MR.sigma_F_translation          ? 
_pdbx_phasing_MR.sigma_I_rotation             ? 
_pdbx_phasing_MR.sigma_I_translation          ? 
# 
_phasing.method   MR 
# 
_pdbx_unobs_or_zero_occ_residues.id               1 
_pdbx_unobs_or_zero_occ_residues.PDB_model_num    1 
_pdbx_unobs_or_zero_occ_residues.polymer_flag     Y 
_pdbx_unobs_or_zero_occ_residues.occupancy_flag   1 
_pdbx_unobs_or_zero_occ_residues.auth_asym_id     A 
_pdbx_unobs_or_zero_occ_residues.auth_comp_id     ASP 
_pdbx_unobs_or_zero_occ_residues.auth_seq_id      174 
_pdbx_unobs_or_zero_occ_residues.PDB_ins_code     ? 
_pdbx_unobs_or_zero_occ_residues.label_asym_id    A 
_pdbx_unobs_or_zero_occ_residues.label_comp_id    ASP 
_pdbx_unobs_or_zero_occ_residues.label_seq_id     151 
# 
loop_
_chem_comp_atom.comp_id 
_chem_comp_atom.atom_id 
_chem_comp_atom.type_symbol 
_chem_comp_atom.pdbx_aromatic_flag 
_chem_comp_atom.pdbx_stereo_config 
_chem_comp_atom.pdbx_ordinal 
4WT CAH  C N N 1   
4WT NAI  N N N 2   
4WT CAG  C N N 3   
4WT CAJ  C Y N 4   
4WT CAE  C Y N 5   
4WT CAC  C Y N 6   
4WT CAD  C Y N 7   
4WT CAF  C Y N 8   
4WT CAK  C Y N 9   
4WT CAL  C N N 10  
4WT CAB  C N N 11  
4WT CAA  C N N 12  
4WT H1   H N N 13  
4WT H2   H N N 14  
4WT H3   H N N 15  
4WT H5   H N N 16  
4WT H6   H N N 17  
4WT H7   H N N 18  
4WT H8   H N N 19  
4WT H9   H N N 20  
4WT H10  H N N 21  
4WT H11  H N N 22  
4WT H12  H N N 23  
4WT H13  H N N 24  
4WT H14  H N N 25  
4WT H15  H N N 26  
4WT H16  H N N 27  
ALA N    N N N 28  
ALA CA   C N S 29  
ALA C    C N N 30  
ALA O    O N N 31  
ALA CB   C N N 32  
ALA OXT  O N N 33  
ALA H    H N N 34  
ALA H2   H N N 35  
ALA HA   H N N 36  
ALA HB1  H N N 37  
ALA HB2  H N N 38  
ALA HB3  H N N 39  
ALA HXT  H N N 40  
ARG N    N N N 41  
ARG CA   C N S 42  
ARG C    C N N 43  
ARG O    O N N 44  
ARG CB   C N N 45  
ARG CG   C N N 46  
ARG CD   C N N 47  
ARG NE   N N N 48  
ARG CZ   C N N 49  
ARG NH1  N N N 50  
ARG NH2  N N N 51  
ARG OXT  O N N 52  
ARG H    H N N 53  
ARG H2   H N N 54  
ARG HA   H N N 55  
ARG HB2  H N N 56  
ARG HB3  H N N 57  
ARG HG2  H N N 58  
ARG HG3  H N N 59  
ARG HD2  H N N 60  
ARG HD3  H N N 61  
ARG HE   H N N 62  
ARG HH11 H N N 63  
ARG HH12 H N N 64  
ARG HH21 H N N 65  
ARG HH22 H N N 66  
ARG HXT  H N N 67  
ASN N    N N N 68  
ASN CA   C N S 69  
ASN C    C N N 70  
ASN O    O N N 71  
ASN CB   C N N 72  
ASN CG   C N N 73  
ASN OD1  O N N 74  
ASN ND2  N N N 75  
ASN OXT  O N N 76  
ASN H    H N N 77  
ASN H2   H N N 78  
ASN HA   H N N 79  
ASN HB2  H N N 80  
ASN HB3  H N N 81  
ASN HD21 H N N 82  
ASN HD22 H N N 83  
ASN HXT  H N N 84  
ASP N    N N N 85  
ASP CA   C N S 86  
ASP C    C N N 87  
ASP O    O N N 88  
ASP CB   C N N 89  
ASP CG   C N N 90  
ASP OD1  O N N 91  
ASP OD2  O N N 92  
ASP OXT  O N N 93  
ASP H    H N N 94  
ASP H2   H N N 95  
ASP HA   H N N 96  
ASP HB2  H N N 97  
ASP HB3  H N N 98  
ASP HD2  H N N 99  
ASP HXT  H N N 100 
CYS N    N N N 101 
CYS CA   C N R 102 
CYS C    C N N 103 
CYS O    O N N 104 
CYS CB   C N N 105 
CYS SG   S N N 106 
CYS OXT  O N N 107 
CYS H    H N N 108 
CYS H2   H N N 109 
CYS HA   H N N 110 
CYS HB2  H N N 111 
CYS HB3  H N N 112 
CYS HG   H N N 113 
CYS HXT  H N N 114 
DMS S    S N N 115 
DMS O    O N N 116 
DMS C1   C N N 117 
DMS C2   C N N 118 
DMS H11  H N N 119 
DMS H12  H N N 120 
DMS H13  H N N 121 
DMS H21  H N N 122 
DMS H22  H N N 123 
DMS H23  H N N 124 
GLN N    N N N 125 
GLN CA   C N S 126 
GLN C    C N N 127 
GLN O    O N N 128 
GLN CB   C N N 129 
GLN CG   C N N 130 
GLN CD   C N N 131 
GLN OE1  O N N 132 
GLN NE2  N N N 133 
GLN OXT  O N N 134 
GLN H    H N N 135 
GLN H2   H N N 136 
GLN HA   H N N 137 
GLN HB2  H N N 138 
GLN HB3  H N N 139 
GLN HG2  H N N 140 
GLN HG3  H N N 141 
GLN HE21 H N N 142 
GLN HE22 H N N 143 
GLN HXT  H N N 144 
GLU N    N N N 145 
GLU CA   C N S 146 
GLU C    C N N 147 
GLU O    O N N 148 
GLU CB   C N N 149 
GLU CG   C N N 150 
GLU CD   C N N 151 
GLU OE1  O N N 152 
GLU OE2  O N N 153 
GLU OXT  O N N 154 
GLU H    H N N 155 
GLU H2   H N N 156 
GLU HA   H N N 157 
GLU HB2  H N N 158 
GLU HB3  H N N 159 
GLU HG2  H N N 160 
GLU HG3  H N N 161 
GLU HE2  H N N 162 
GLU HXT  H N N 163 
GLY N    N N N 164 
GLY CA   C N N 165 
GLY C    C N N 166 
GLY O    O N N 167 
GLY OXT  O N N 168 
GLY H    H N N 169 
GLY H2   H N N 170 
GLY HA2  H N N 171 
GLY HA3  H N N 172 
GLY HXT  H N N 173 
HIS N    N N N 174 
HIS CA   C N S 175 
HIS C    C N N 176 
HIS O    O N N 177 
HIS CB   C N N 178 
HIS CG   C Y N 179 
HIS ND1  N Y N 180 
HIS CD2  C Y N 181 
HIS CE1  C Y N 182 
HIS NE2  N Y N 183 
HIS OXT  O N N 184 
HIS H    H N N 185 
HIS H2   H N N 186 
HIS HA   H N N 187 
HIS HB2  H N N 188 
HIS HB3  H N N 189 
HIS HD1  H N N 190 
HIS HD2  H N N 191 
HIS HE1  H N N 192 
HIS HE2  H N N 193 
HIS HXT  H N N 194 
HOH O    O N N 195 
HOH H1   H N N 196 
HOH H2   H N N 197 
ILE N    N N N 198 
ILE CA   C N S 199 
ILE C    C N N 200 
ILE O    O N N 201 
ILE CB   C N S 202 
ILE CG1  C N N 203 
ILE CG2  C N N 204 
ILE CD1  C N N 205 
ILE OXT  O N N 206 
ILE H    H N N 207 
ILE H2   H N N 208 
ILE HA   H N N 209 
ILE HB   H N N 210 
ILE HG12 H N N 211 
ILE HG13 H N N 212 
ILE HG21 H N N 213 
ILE HG22 H N N 214 
ILE HG23 H N N 215 
ILE HD11 H N N 216 
ILE HD12 H N N 217 
ILE HD13 H N N 218 
ILE HXT  H N N 219 
LEU N    N N N 220 
LEU CA   C N S 221 
LEU C    C N N 222 
LEU O    O N N 223 
LEU CB   C N N 224 
LEU CG   C N N 225 
LEU CD1  C N N 226 
LEU CD2  C N N 227 
LEU OXT  O N N 228 
LEU H    H N N 229 
LEU H2   H N N 230 
LEU HA   H N N 231 
LEU HB2  H N N 232 
LEU HB3  H N N 233 
LEU HG   H N N 234 
LEU HD11 H N N 235 
LEU HD12 H N N 236 
LEU HD13 H N N 237 
LEU HD21 H N N 238 
LEU HD22 H N N 239 
LEU HD23 H N N 240 
LEU HXT  H N N 241 
LYS N    N N N 242 
LYS CA   C N S 243 
LYS C    C N N 244 
LYS O    O N N 245 
LYS CB   C N N 246 
LYS CG   C N N 247 
LYS CD   C N N 248 
LYS CE   C N N 249 
LYS NZ   N N N 250 
LYS OXT  O N N 251 
LYS H    H N N 252 
LYS H2   H N N 253 
LYS HA   H N N 254 
LYS HB2  H N N 255 
LYS HB3  H N N 256 
LYS HG2  H N N 257 
LYS HG3  H N N 258 
LYS HD2  H N N 259 
LYS HD3  H N N 260 
LYS HE2  H N N 261 
LYS HE3  H N N 262 
LYS HZ1  H N N 263 
LYS HZ2  H N N 264 
LYS HZ3  H N N 265 
LYS HXT  H N N 266 
MET N    N N N 267 
MET CA   C N S 268 
MET C    C N N 269 
MET O    O N N 270 
MET CB   C N N 271 
MET CG   C N N 272 
MET SD   S N N 273 
MET CE   C N N 274 
MET OXT  O N N 275 
MET H    H N N 276 
MET H2   H N N 277 
MET HA   H N N 278 
MET HB2  H N N 279 
MET HB3  H N N 280 
MET HG2  H N N 281 
MET HG3  H N N 282 
MET HE1  H N N 283 
MET HE2  H N N 284 
MET HE3  H N N 285 
MET HXT  H N N 286 
PHE N    N N N 287 
PHE CA   C N S 288 
PHE C    C N N 289 
PHE O    O N N 290 
PHE CB   C N N 291 
PHE CG   C Y N 292 
PHE CD1  C Y N 293 
PHE CD2  C Y N 294 
PHE CE1  C Y N 295 
PHE CE2  C Y N 296 
PHE CZ   C Y N 297 
PHE OXT  O N N 298 
PHE H    H N N 299 
PHE H2   H N N 300 
PHE HA   H N N 301 
PHE HB2  H N N 302 
PHE HB3  H N N 303 
PHE HD1  H N N 304 
PHE HD2  H N N 305 
PHE HE1  H N N 306 
PHE HE2  H N N 307 
PHE HZ   H N N 308 
PHE HXT  H N N 309 
PRO N    N N N 310 
PRO CA   C N S 311 
PRO C    C N N 312 
PRO O    O N N 313 
PRO CB   C N N 314 
PRO CG   C N N 315 
PRO CD   C N N 316 
PRO OXT  O N N 317 
PRO H    H N N 318 
PRO HA   H N N 319 
PRO HB2  H N N 320 
PRO HB3  H N N 321 
PRO HG2  H N N 322 
PRO HG3  H N N 323 
PRO HD2  H N N 324 
PRO HD3  H N N 325 
PRO HXT  H N N 326 
SER N    N N N 327 
SER CA   C N S 328 
SER C    C N N 329 
SER O    O N N 330 
SER CB   C N N 331 
SER OG   O N N 332 
SER OXT  O N N 333 
SER H    H N N 334 
SER H2   H N N 335 
SER HA   H N N 336 
SER HB2  H N N 337 
SER HB3  H N N 338 
SER HG   H N N 339 
SER HXT  H N N 340 
THR N    N N N 341 
THR CA   C N S 342 
THR C    C N N 343 
THR O    O N N 344 
THR CB   C N R 345 
THR OG1  O N N 346 
THR CG2  C N N 347 
THR OXT  O N N 348 
THR H    H N N 349 
THR H2   H N N 350 
THR HA   H N N 351 
THR HB   H N N 352 
THR HG1  H N N 353 
THR HG21 H N N 354 
THR HG22 H N N 355 
THR HG23 H N N 356 
THR HXT  H N N 357 
TYR N    N N N 358 
TYR CA   C N S 359 
TYR C    C N N 360 
TYR O    O N N 361 
TYR CB   C N N 362 
TYR CG   C Y N 363 
TYR CD1  C Y N 364 
TYR CD2  C Y N 365 
TYR CE1  C Y N 366 
TYR CE2  C Y N 367 
TYR CZ   C Y N 368 
TYR OH   O N N 369 
TYR OXT  O N N 370 
TYR H    H N N 371 
TYR H2   H N N 372 
TYR HA   H N N 373 
TYR HB2  H N N 374 
TYR HB3  H N N 375 
TYR HD1  H N N 376 
TYR HD2  H N N 377 
TYR HE1  H N N 378 
TYR HE2  H N N 379 
TYR HH   H N N 380 
TYR HXT  H N N 381 
VAL N    N N N 382 
VAL CA   C N S 383 
VAL C    C N N 384 
VAL O    O N N 385 
VAL CB   C N N 386 
VAL CG1  C N N 387 
VAL CG2  C N N 388 
VAL OXT  O N N 389 
VAL H    H N N 390 
VAL H2   H N N 391 
VAL HA   H N N 392 
VAL HB   H N N 393 
VAL HG11 H N N 394 
VAL HG12 H N N 395 
VAL HG13 H N N 396 
VAL HG21 H N N 397 
VAL HG22 H N N 398 
VAL HG23 H N N 399 
VAL HXT  H N N 400 
# 
loop_
_chem_comp_bond.comp_id 
_chem_comp_bond.atom_id_1 
_chem_comp_bond.atom_id_2 
_chem_comp_bond.value_order 
_chem_comp_bond.pdbx_aromatic_flag 
_chem_comp_bond.pdbx_stereo_config 
_chem_comp_bond.pdbx_ordinal 
4WT CAD CAC  doub Y N 1   
4WT CAD CAF  sing Y N 2   
4WT CAC CAE  sing Y N 3   
4WT CAF CAK  doub Y N 4   
4WT CAE CAJ  doub Y N 5   
4WT CAB CAL  sing N N 6   
4WT CAK CAJ  sing Y N 7   
4WT CAK CAL  sing N N 8   
4WT CAJ CAG  sing N N 9   
4WT CAL CAA  sing N N 10  
4WT CAL CAH  sing N N 11  
4WT CAG NAI  sing N N 12  
4WT CAH NAI  sing N N 13  
4WT CAH H1   sing N N 14  
4WT CAH H2   sing N N 15  
4WT NAI H3   sing N N 16  
4WT CAG H5   sing N N 17  
4WT CAG H6   sing N N 18  
4WT CAE H7   sing N N 19  
4WT CAC H8   sing N N 20  
4WT CAD H9   sing N N 21  
4WT CAF H10  sing N N 22  
4WT CAB H11  sing N N 23  
4WT CAB H12  sing N N 24  
4WT CAB H13  sing N N 25  
4WT CAA H14  sing N N 26  
4WT CAA H15  sing N N 27  
4WT CAA H16  sing N N 28  
ALA N   CA   sing N N 29  
ALA N   H    sing N N 30  
ALA N   H2   sing N N 31  
ALA CA  C    sing N N 32  
ALA CA  CB   sing N N 33  
ALA CA  HA   sing N N 34  
ALA C   O    doub N N 35  
ALA C   OXT  sing N N 36  
ALA CB  HB1  sing N N 37  
ALA CB  HB2  sing N N 38  
ALA CB  HB3  sing N N 39  
ALA OXT HXT  sing N N 40  
ARG N   CA   sing N N 41  
ARG N   H    sing N N 42  
ARG N   H2   sing N N 43  
ARG CA  C    sing N N 44  
ARG CA  CB   sing N N 45  
ARG CA  HA   sing N N 46  
ARG C   O    doub N N 47  
ARG C   OXT  sing N N 48  
ARG CB  CG   sing N N 49  
ARG CB  HB2  sing N N 50  
ARG CB  HB3  sing N N 51  
ARG CG  CD   sing N N 52  
ARG CG  HG2  sing N N 53  
ARG CG  HG3  sing N N 54  
ARG CD  NE   sing N N 55  
ARG CD  HD2  sing N N 56  
ARG CD  HD3  sing N N 57  
ARG NE  CZ   sing N N 58  
ARG NE  HE   sing N N 59  
ARG CZ  NH1  sing N N 60  
ARG CZ  NH2  doub N N 61  
ARG NH1 HH11 sing N N 62  
ARG NH1 HH12 sing N N 63  
ARG NH2 HH21 sing N N 64  
ARG NH2 HH22 sing N N 65  
ARG OXT HXT  sing N N 66  
ASN N   CA   sing N N 67  
ASN N   H    sing N N 68  
ASN N   H2   sing N N 69  
ASN CA  C    sing N N 70  
ASN CA  CB   sing N N 71  
ASN CA  HA   sing N N 72  
ASN C   O    doub N N 73  
ASN C   OXT  sing N N 74  
ASN CB  CG   sing N N 75  
ASN CB  HB2  sing N N 76  
ASN CB  HB3  sing N N 77  
ASN CG  OD1  doub N N 78  
ASN CG  ND2  sing N N 79  
ASN ND2 HD21 sing N N 80  
ASN ND2 HD22 sing N N 81  
ASN OXT HXT  sing N N 82  
ASP N   CA   sing N N 83  
ASP N   H    sing N N 84  
ASP N   H2   sing N N 85  
ASP CA  C    sing N N 86  
ASP CA  CB   sing N N 87  
ASP CA  HA   sing N N 88  
ASP C   O    doub N N 89  
ASP C   OXT  sing N N 90  
ASP CB  CG   sing N N 91  
ASP CB  HB2  sing N N 92  
ASP CB  HB3  sing N N 93  
ASP CG  OD1  doub N N 94  
ASP CG  OD2  sing N N 95  
ASP OD2 HD2  sing N N 96  
ASP OXT HXT  sing N N 97  
CYS N   CA   sing N N 98  
CYS N   H    sing N N 99  
CYS N   H2   sing N N 100 
CYS CA  C    sing N N 101 
CYS CA  CB   sing N N 102 
CYS CA  HA   sing N N 103 
CYS C   O    doub N N 104 
CYS C   OXT  sing N N 105 
CYS CB  SG   sing N N 106 
CYS CB  HB2  sing N N 107 
CYS CB  HB3  sing N N 108 
CYS SG  HG   sing N N 109 
CYS OXT HXT  sing N N 110 
DMS S   O    doub N N 111 
DMS S   C1   sing N N 112 
DMS S   C2   sing N N 113 
DMS C1  H11  sing N N 114 
DMS C1  H12  sing N N 115 
DMS C1  H13  sing N N 116 
DMS C2  H21  sing N N 117 
DMS C2  H22  sing N N 118 
DMS C2  H23  sing N N 119 
GLN N   CA   sing N N 120 
GLN N   H    sing N N 121 
GLN N   H2   sing N N 122 
GLN CA  C    sing N N 123 
GLN CA  CB   sing N N 124 
GLN CA  HA   sing N N 125 
GLN C   O    doub N N 126 
GLN C   OXT  sing N N 127 
GLN CB  CG   sing N N 128 
GLN CB  HB2  sing N N 129 
GLN CB  HB3  sing N N 130 
GLN CG  CD   sing N N 131 
GLN CG  HG2  sing N N 132 
GLN CG  HG3  sing N N 133 
GLN CD  OE1  doub N N 134 
GLN CD  NE2  sing N N 135 
GLN NE2 HE21 sing N N 136 
GLN NE2 HE22 sing N N 137 
GLN OXT HXT  sing N N 138 
GLU N   CA   sing N N 139 
GLU N   H    sing N N 140 
GLU N   H2   sing N N 141 
GLU CA  C    sing N N 142 
GLU CA  CB   sing N N 143 
GLU CA  HA   sing N N 144 
GLU C   O    doub N N 145 
GLU C   OXT  sing N N 146 
GLU CB  CG   sing N N 147 
GLU CB  HB2  sing N N 148 
GLU CB  HB3  sing N N 149 
GLU CG  CD   sing N N 150 
GLU CG  HG2  sing N N 151 
GLU CG  HG3  sing N N 152 
GLU CD  OE1  doub N N 153 
GLU CD  OE2  sing N N 154 
GLU OE2 HE2  sing N N 155 
GLU OXT HXT  sing N N 156 
GLY N   CA   sing N N 157 
GLY N   H    sing N N 158 
GLY N   H2   sing N N 159 
GLY CA  C    sing N N 160 
GLY CA  HA2  sing N N 161 
GLY CA  HA3  sing N N 162 
GLY C   O    doub N N 163 
GLY C   OXT  sing N N 164 
GLY OXT HXT  sing N N 165 
HIS N   CA   sing N N 166 
HIS N   H    sing N N 167 
HIS N   H2   sing N N 168 
HIS CA  C    sing N N 169 
HIS CA  CB   sing N N 170 
HIS CA  HA   sing N N 171 
HIS C   O    doub N N 172 
HIS C   OXT  sing N N 173 
HIS CB  CG   sing N N 174 
HIS CB  HB2  sing N N 175 
HIS CB  HB3  sing N N 176 
HIS CG  ND1  sing Y N 177 
HIS CG  CD2  doub Y N 178 
HIS ND1 CE1  doub Y N 179 
HIS ND1 HD1  sing N N 180 
HIS CD2 NE2  sing Y N 181 
HIS CD2 HD2  sing N N 182 
HIS CE1 NE2  sing Y N 183 
HIS CE1 HE1  sing N N 184 
HIS NE2 HE2  sing N N 185 
HIS OXT HXT  sing N N 186 
HOH O   H1   sing N N 187 
HOH O   H2   sing N N 188 
ILE N   CA   sing N N 189 
ILE N   H    sing N N 190 
ILE N   H2   sing N N 191 
ILE CA  C    sing N N 192 
ILE CA  CB   sing N N 193 
ILE CA  HA   sing N N 194 
ILE C   O    doub N N 195 
ILE C   OXT  sing N N 196 
ILE CB  CG1  sing N N 197 
ILE CB  CG2  sing N N 198 
ILE CB  HB   sing N N 199 
ILE CG1 CD1  sing N N 200 
ILE CG1 HG12 sing N N 201 
ILE CG1 HG13 sing N N 202 
ILE CG2 HG21 sing N N 203 
ILE CG2 HG22 sing N N 204 
ILE CG2 HG23 sing N N 205 
ILE CD1 HD11 sing N N 206 
ILE CD1 HD12 sing N N 207 
ILE CD1 HD13 sing N N 208 
ILE OXT HXT  sing N N 209 
LEU N   CA   sing N N 210 
LEU N   H    sing N N 211 
LEU N   H2   sing N N 212 
LEU CA  C    sing N N 213 
LEU CA  CB   sing N N 214 
LEU CA  HA   sing N N 215 
LEU C   O    doub N N 216 
LEU C   OXT  sing N N 217 
LEU CB  CG   sing N N 218 
LEU CB  HB2  sing N N 219 
LEU CB  HB3  sing N N 220 
LEU CG  CD1  sing N N 221 
LEU CG  CD2  sing N N 222 
LEU CG  HG   sing N N 223 
LEU CD1 HD11 sing N N 224 
LEU CD1 HD12 sing N N 225 
LEU CD1 HD13 sing N N 226 
LEU CD2 HD21 sing N N 227 
LEU CD2 HD22 sing N N 228 
LEU CD2 HD23 sing N N 229 
LEU OXT HXT  sing N N 230 
LYS N   CA   sing N N 231 
LYS N   H    sing N N 232 
LYS N   H2   sing N N 233 
LYS CA  C    sing N N 234 
LYS CA  CB   sing N N 235 
LYS CA  HA   sing N N 236 
LYS C   O    doub N N 237 
LYS C   OXT  sing N N 238 
LYS CB  CG   sing N N 239 
LYS CB  HB2  sing N N 240 
LYS CB  HB3  sing N N 241 
LYS CG  CD   sing N N 242 
LYS CG  HG2  sing N N 243 
LYS CG  HG3  sing N N 244 
LYS CD  CE   sing N N 245 
LYS CD  HD2  sing N N 246 
LYS CD  HD3  sing N N 247 
LYS CE  NZ   sing N N 248 
LYS CE  HE2  sing N N 249 
LYS CE  HE3  sing N N 250 
LYS NZ  HZ1  sing N N 251 
LYS NZ  HZ2  sing N N 252 
LYS NZ  HZ3  sing N N 253 
LYS OXT HXT  sing N N 254 
MET N   CA   sing N N 255 
MET N   H    sing N N 256 
MET N   H2   sing N N 257 
MET CA  C    sing N N 258 
MET CA  CB   sing N N 259 
MET CA  HA   sing N N 260 
MET C   O    doub N N 261 
MET C   OXT  sing N N 262 
MET CB  CG   sing N N 263 
MET CB  HB2  sing N N 264 
MET CB  HB3  sing N N 265 
MET CG  SD   sing N N 266 
MET CG  HG2  sing N N 267 
MET CG  HG3  sing N N 268 
MET SD  CE   sing N N 269 
MET CE  HE1  sing N N 270 
MET CE  HE2  sing N N 271 
MET CE  HE3  sing N N 272 
MET OXT HXT  sing N N 273 
PHE N   CA   sing N N 274 
PHE N   H    sing N N 275 
PHE N   H2   sing N N 276 
PHE CA  C    sing N N 277 
PHE CA  CB   sing N N 278 
PHE CA  HA   sing N N 279 
PHE C   O    doub N N 280 
PHE C   OXT  sing N N 281 
PHE CB  CG   sing N N 282 
PHE CB  HB2  sing N N 283 
PHE CB  HB3  sing N N 284 
PHE CG  CD1  doub Y N 285 
PHE CG  CD2  sing Y N 286 
PHE CD1 CE1  sing Y N 287 
PHE CD1 HD1  sing N N 288 
PHE CD2 CE2  doub Y N 289 
PHE CD2 HD2  sing N N 290 
PHE CE1 CZ   doub Y N 291 
PHE CE1 HE1  sing N N 292 
PHE CE2 CZ   sing Y N 293 
PHE CE2 HE2  sing N N 294 
PHE CZ  HZ   sing N N 295 
PHE OXT HXT  sing N N 296 
PRO N   CA   sing N N 297 
PRO N   CD   sing N N 298 
PRO N   H    sing N N 299 
PRO CA  C    sing N N 300 
PRO CA  CB   sing N N 301 
PRO CA  HA   sing N N 302 
PRO C   O    doub N N 303 
PRO C   OXT  sing N N 304 
PRO CB  CG   sing N N 305 
PRO CB  HB2  sing N N 306 
PRO CB  HB3  sing N N 307 
PRO CG  CD   sing N N 308 
PRO CG  HG2  sing N N 309 
PRO CG  HG3  sing N N 310 
PRO CD  HD2  sing N N 311 
PRO CD  HD3  sing N N 312 
PRO OXT HXT  sing N N 313 
SER N   CA   sing N N 314 
SER N   H    sing N N 315 
SER N   H2   sing N N 316 
SER CA  C    sing N N 317 
SER CA  CB   sing N N 318 
SER CA  HA   sing N N 319 
SER C   O    doub N N 320 
SER C   OXT  sing N N 321 
SER CB  OG   sing N N 322 
SER CB  HB2  sing N N 323 
SER CB  HB3  sing N N 324 
SER OG  HG   sing N N 325 
SER OXT HXT  sing N N 326 
THR N   CA   sing N N 327 
THR N   H    sing N N 328 
THR N   H2   sing N N 329 
THR CA  C    sing N N 330 
THR CA  CB   sing N N 331 
THR CA  HA   sing N N 332 
THR C   O    doub N N 333 
THR C   OXT  sing N N 334 
THR CB  OG1  sing N N 335 
THR CB  CG2  sing N N 336 
THR CB  HB   sing N N 337 
THR OG1 HG1  sing N N 338 
THR CG2 HG21 sing N N 339 
THR CG2 HG22 sing N N 340 
THR CG2 HG23 sing N N 341 
THR OXT HXT  sing N N 342 
TYR N   CA   sing N N 343 
TYR N   H    sing N N 344 
TYR N   H2   sing N N 345 
TYR CA  C    sing N N 346 
TYR CA  CB   sing N N 347 
TYR CA  HA   sing N N 348 
TYR C   O    doub N N 349 
TYR C   OXT  sing N N 350 
TYR CB  CG   sing N N 351 
TYR CB  HB2  sing N N 352 
TYR CB  HB3  sing N N 353 
TYR CG  CD1  doub Y N 354 
TYR CG  CD2  sing Y N 355 
TYR CD1 CE1  sing Y N 356 
TYR CD1 HD1  sing N N 357 
TYR CD2 CE2  doub Y N 358 
TYR CD2 HD2  sing N N 359 
TYR CE1 CZ   doub Y N 360 
TYR CE1 HE1  sing N N 361 
TYR CE2 CZ   sing Y N 362 
TYR CE2 HE2  sing N N 363 
TYR CZ  OH   sing N N 364 
TYR OH  HH   sing N N 365 
TYR OXT HXT  sing N N 366 
VAL N   CA   sing N N 367 
VAL N   H    sing N N 368 
VAL N   H2   sing N N 369 
VAL CA  C    sing N N 370 
VAL CA  CB   sing N N 371 
VAL CA  HA   sing N N 372 
VAL C   O    doub N N 373 
VAL C   OXT  sing N N 374 
VAL CB  CG1  sing N N 375 
VAL CB  CG2  sing N N 376 
VAL CB  HB   sing N N 377 
VAL CG1 HG11 sing N N 378 
VAL CG1 HG12 sing N N 379 
VAL CG1 HG13 sing N N 380 
VAL CG2 HG21 sing N N 381 
VAL CG2 HG22 sing N N 382 
VAL CG2 HG23 sing N N 383 
VAL OXT HXT  sing N N 384 
# 
_atom_sites.entry_id                    5BZC 
_atom_sites.fract_transf_matrix[1][1]   0.02421558 
_atom_sites.fract_transf_matrix[1][2]   0.02471301 
_atom_sites.fract_transf_matrix[1][3]   -0.01175021 
_atom_sites.fract_transf_matrix[2][1]   0.00544924 
_atom_sites.fract_transf_matrix[2][2]   -0.00856204 
_atom_sites.fract_transf_matrix[2][3]   -0.00677752 
_atom_sites.fract_transf_matrix[3][1]   -0.00780135 
_atom_sites.fract_transf_matrix[3][2]   0.01817678 
_atom_sites.fract_transf_matrix[3][3]   -0.02923512 
_atom_sites.fract_transf_vector[1]      0.095499 
_atom_sites.fract_transf_vector[2]      -0.006592 
_atom_sites.fract_transf_vector[3]      0.081516 
# 
loop_
_atom_type.symbol 
C 
N 
O 
S 
# 
loop_
_atom_site.group_PDB 
_atom_site.id 
_atom_site.type_symbol 
_atom_site.label_atom_id 
_atom_site.label_alt_id 
_atom_site.label_comp_id 
_atom_site.label_asym_id 
_atom_site.label_entity_id 
_atom_site.label_seq_id 
_atom_site.pdbx_PDB_ins_code 
_atom_site.Cartn_x 
_atom_site.Cartn_y 
_atom_site.Cartn_z 
_atom_site.occupancy 
_atom_site.B_iso_or_equiv 
_atom_site.pdbx_formal_charge 
_atom_site.auth_seq_id 
_atom_site.auth_comp_id 
_atom_site.auth_asym_id 
_atom_site.auth_atom_id 
_atom_site.pdbx_PDB_model_num 
ATOM   1    N N   . ASN A 1 1   ? 20.188  -1.397  -8.850  1.00 21.16 ? 24  ASN A N   1 
ATOM   2    C CA  . ASN A 1 1   ? 18.904  -2.082  -9.156  1.00 20.49 ? 24  ASN A CA  1 
ATOM   3    C C   . ASN A 1 1   ? 18.171  -2.352  -7.849  1.00 19.42 ? 24  ASN A C   1 
ATOM   4    O O   . ASN A 1 1   ? 18.229  -3.470  -7.323  1.00 18.59 ? 24  ASN A O   1 
ATOM   5    C CB  . ASN A 1 1   ? 19.155  -3.401  -9.915  1.00 21.29 ? 24  ASN A CB  1 
ATOM   6    C CG  . ASN A 1 1   ? 17.932  -3.860  -10.699 1.00 22.49 ? 24  ASN A CG  1 
ATOM   7    O OD1 . ASN A 1 1   ? 16.825  -3.344  -10.502 1.00 27.24 ? 24  ASN A OD1 1 
ATOM   8    N ND2 . ASN A 1 1   ? 18.119  -4.826  -11.589 1.00 22.86 ? 24  ASN A ND2 1 
ATOM   9    N N   . GLN A 1 2   ? 17.517  -1.318  -7.316  1.00 17.78 ? 25  GLN A N   1 
ATOM   10   C CA  . GLN A 1 2   ? 17.060  -1.335  -5.925  1.00 17.14 ? 25  GLN A CA  1 
ATOM   11   C C   . GLN A 1 2   ? 15.710  -0.644  -5.796  1.00 15.78 ? 25  GLN A C   1 
ATOM   12   O O   . GLN A 1 2   ? 15.468  0.394   -6.443  1.00 15.81 ? 25  GLN A O   1 
ATOM   13   C CB  . GLN A 1 2   ? 18.113  -0.663  -5.021  1.00 18.28 ? 25  GLN A CB  1 
ATOM   14   C CG  . GLN A 1 2   ? 18.261  -1.242  -3.603  1.00 21.46 ? 25  GLN A CG  1 
ATOM   15   C CD  . GLN A 1 2   ? 17.156  -0.777  -2.643  1.00 26.51 ? 25  GLN A CD  1 
ATOM   16   O OE1 . GLN A 1 2   ? 16.787  0.410   -2.624  1.00 29.09 ? 25  GLN A OE1 1 
ATOM   17   N NE2 . GLN A 1 2   ? 16.625  -1.713  -1.843  1.00 24.44 ? 25  GLN A NE2 1 
ATOM   18   N N   . ILE A 1 3   ? 14.825  -1.253  -5.006  1.00 13.29 ? 26  ILE A N   1 
ATOM   19   C CA  . ILE A 1 3   ? 13.477  -0.728  -4.751  1.00 12.08 ? 26  ILE A CA  1 
ATOM   20   C C   . ILE A 1 3   ? 13.209  -0.766  -3.251  1.00 10.78 ? 26  ILE A C   1 
ATOM   21   O O   . ILE A 1 3   ? 13.398  -1.799  -2.608  1.00 9.82  ? 26  ILE A O   1 
ATOM   22   C CB  . ILE A 1 3   ? 12.372  -1.552  -5.471  1.00 11.57 ? 26  ILE A CB  1 
ATOM   23   C CG1 . ILE A 1 3   ? 12.537  -1.469  -7.004  1.00 11.74 ? 26  ILE A CG1 1 
ATOM   24   C CG2 . ILE A 1 3   ? 10.981  -1.105  -5.011  1.00 12.13 ? 26  ILE A CG2 1 
ATOM   25   C CD1 . ILE A 1 3   ? 11.549  -2.342  -7.823  1.00 10.64 ? 26  ILE A CD1 1 
ATOM   26   N N   . ASP A 1 4   ? 12.809  0.381   -2.709  1.00 10.13 ? 27  ASP A N   1 
ATOM   27   C CA  . ASP A 1 4   ? 12.332  0.507   -1.322  1.00 9.26  ? 27  ASP A CA  1 
ATOM   28   C C   . ASP A 1 4   ? 10.805  0.468   -1.375  1.00 8.61  ? 27  ASP A C   1 
ATOM   29   O O   . ASP A 1 4   ? 10.190  1.170   -2.202  1.00 7.25  ? 27  ASP A O   1 
ATOM   30   C CB  . ASP A 1 4   ? 12.729  1.850   -0.705  1.00 9.50  ? 27  ASP A CB  1 
ATOM   31   C CG  . ASP A 1 4   ? 14.206  1.888   -0.208  1.00 13.71 ? 27  ASP A CG  1 
ATOM   32   O OD1 . ASP A 1 4   ? 14.907  0.879   -0.329  1.00 16.12 ? 27  ASP A OD1 1 
ATOM   33   O OD2 . ASP A 1 4   ? 14.656  2.953   0.275   1.00 18.88 ? 27  ASP A OD2 1 
ATOM   34   N N   . LEU A 1 5   ? 10.220  -0.344  -0.498  1.00 7.45  ? 28  LEU A N   1 
ATOM   35   C CA  . LEU A 1 5   ? 8.783   -0.389  -0.294  1.00 6.73  ? 28  LEU A CA  1 
ATOM   36   C C   . LEU A 1 5   ? 8.483   0.046   1.128   1.00 6.50  ? 28  LEU A C   1 
ATOM   37   O O   . LEU A 1 5   ? 8.751   -0.688  2.097   1.00 7.19  ? 28  LEU A O   1 
ATOM   38   C CB  . LEU A 1 5   ? 8.223   -1.795  -0.593  1.00 6.24  ? 28  LEU A CB  1 
ATOM   39   C CG  . LEU A 1 5   ? 8.537   -2.394  -1.977  1.00 6.05  ? 28  LEU A CG  1 
ATOM   40   C CD1 . LEU A 1 5   ? 8.156   -3.886  -1.991  1.00 6.14  ? 28  LEU A CD1 1 
ATOM   41   C CD2 . LEU A 1 5   ? 7.800   -1.663  -3.080  1.00 3.95  ? 28  LEU A CD2 1 
ATOM   42   N N   . ASN A 1 6   ? 7.951   1.257   1.263   1.00 6.78  ? 29  ASN A N   1 
ATOM   43   C CA  . ASN A 1 6   ? 7.570   1.792   2.574   1.00 7.02  ? 29  ASN A CA  1 
ATOM   44   C C   . ASN A 1 6   ? 6.201   1.264   2.973   1.00 6.77  ? 29  ASN A C   1 
ATOM   45   O O   . ASN A 1 6   ? 5.236   1.454   2.242   1.00 7.08  ? 29  ASN A O   1 
ATOM   46   C CB  . ASN A 1 6   ? 7.548   3.348   2.537   1.00 6.31  ? 29  ASN A CB  1 
ATOM   47   C CG  . ASN A 1 6   ? 8.886   3.955   2.211   1.00 7.58  ? 29  ASN A CG  1 
ATOM   48   O OD1 . ASN A 1 6   ? 9.945   3.330   2.396   1.00 10.80 ? 29  ASN A OD1 1 
ATOM   49   N ND2 . ASN A 1 6   ? 8.863   5.200   1.707   1.00 6.60  ? 29  ASN A ND2 1 
ATOM   50   N N   . VAL A 1 7   ? 6.097   0.593   4.116   1.00 6.85  ? 30  VAL A N   1 
ATOM   51   C CA  . VAL A 1 7   ? 4.817   0.011   4.489   1.00 5.92  ? 30  VAL A CA  1 
ATOM   52   C C   . VAL A 1 7   ? 4.356   0.528   5.851   1.00 7.63  ? 30  VAL A C   1 
ATOM   53   O O   . VAL A 1 7   ? 5.172   1.011   6.672   1.00 7.77  ? 30  VAL A O   1 
ATOM   54   C CB  . VAL A 1 7   ? 4.879   -1.531  4.530   1.00 6.30  ? 30  VAL A CB  1 
ATOM   55   C CG1 . VAL A 1 7   ? 5.355   -2.086  3.161   1.00 5.13  ? 30  VAL A CG1 1 
ATOM   56   C CG2 . VAL A 1 7   ? 5.850   -1.973  5.639   1.00 4.50  ? 30  VAL A CG2 1 
ATOM   57   N N   . THR A 1 8   ? 3.059   0.385   6.091   1.00 6.44  ? 31  THR A N   1 
ATOM   58   C CA  . THR A 1 8   ? 2.436   0.823   7.343   1.00 6.60  ? 31  THR A CA  1 
ATOM   59   C C   . THR A 1 8   ? 1.939   -0.338  8.209   1.00 6.27  ? 31  THR A C   1 
ATOM   60   O O   . THR A 1 8   ? 1.990   -1.505  7.809   1.00 5.97  ? 31  THR A O   1 
ATOM   61   C CB  . THR A 1 8   ? 1.184   1.697   7.095   1.00 6.10  ? 31  THR A CB  1 
ATOM   62   O OG1 . THR A 1 8   ? 0.178   0.909   6.431   1.00 7.37  ? 31  THR A OG1 1 
ATOM   63   C CG2 . THR A 1 8   ? 1.507   2.985   6.294   1.00 7.25  ? 31  THR A CG2 1 
ATOM   64   N N   . CYS A 1 9   ? 1.411   0.031   9.371   1.00 6.57  ? 32  CYS A N   1 
ATOM   65   C CA  . CYS A 1 9   ? 0.604   -0.862  10.203  1.00 6.68  ? 32  CYS A CA  1 
ATOM   66   C C   . CYS A 1 9   ? -0.526  -1.378  9.339   1.00 6.32  ? 32  CYS A C   1 
ATOM   67   O O   . CYS A 1 9   ? -0.915  -0.705  8.373   1.00 6.10  ? 32  CYS A O   1 
ATOM   68   C CB  . CYS A 1 9   ? -0.041  -0.083  11.343  1.00 5.76  ? 32  CYS A CB  1 
ATOM   69   S SG  . CYS A 1 9   ? 1.101   0.742   12.470  1.00 8.86  ? 32  CYS A SG  1 
ATOM   70   N N   . ARG A 1 10  ? -1.008  -2.575  9.670   1.00 5.65  ? 33  ARG A N   1 
ATOM   71   C CA  . ARG A 1 10  ? -2.197  -3.137  9.090   1.00 6.14  ? 33  ARG A CA  1 
ATOM   72   C C   . ARG A 1 10  ? -3.384  -2.868  9.990   1.00 6.68  ? 33  ARG A C   1 
ATOM   73   O O   . ARG A 1 10  ? -3.268  -2.932  11.238  1.00 6.96  ? 33  ARG A O   1 
ATOM   74   C CB  . ARG A 1 10  ? -2.044  -4.657  8.874   1.00 6.61  ? 33  ARG A CB  1 
ATOM   75   C CG  . ARG A 1 10  ? -1.239  -5.107  7.608   1.00 5.35  ? 33  ARG A CG  1 
ATOM   76   C CD  . ARG A 1 10  ? 0.274   -4.795  7.694   1.00 5.35  ? 33  ARG A CD  1 
ATOM   77   N NE  . ARG A 1 10  ? 0.880   -5.540  8.783   1.00 4.57  ? 33  ARG A NE  1 
ATOM   78   C CZ  . ARG A 1 10  ? 1.833   -5.088  9.577   1.00 6.42  ? 33  ARG A CZ  1 
ATOM   79   N NH1 . ARG A 1 10  ? 2.304   -5.884  10.538  1.00 8.38  ? 33  ARG A NH1 1 
ATOM   80   N NH2 . ARG A 1 10  ? 2.310   -3.862  9.415   1.00 4.52  ? 33  ARG A NH2 1 
ATOM   81   N N   . TYR A 1 11  ? -4.536  -2.631  9.356   1.00 5.89  ? 34  TYR A N   1 
ATOM   82   C CA  . TYR A 1 11  ? -5.778  -2.371  10.062  1.00 6.22  ? 34  TYR A CA  1 
ATOM   83   C C   . TYR A 1 11  ? -6.830  -3.238  9.444   1.00 5.15  ? 34  TYR A C   1 
ATOM   84   O O   . TYR A 1 11  ? -7.189  -3.036  8.279   1.00 5.56  ? 34  TYR A O   1 
ATOM   85   C CB  . TYR A 1 11  ? -6.167  -0.885  9.920   1.00 5.67  ? 34  TYR A CB  1 
ATOM   86   C CG  . TYR A 1 11  ? -5.319  -0.009  10.781  1.00 7.86  ? 34  TYR A CG  1 
ATOM   87   C CD1 . TYR A 1 11  ? -5.685  0.250   12.108  1.00 8.61  ? 34  TYR A CD1 1 
ATOM   88   C CD2 . TYR A 1 11  ? -4.123  0.546   10.291  1.00 8.48  ? 34  TYR A CD2 1 
ATOM   89   C CE1 . TYR A 1 11  ? -4.887  1.040   12.913  1.00 10.24 ? 34  TYR A CE1 1 
ATOM   90   C CE2 . TYR A 1 11  ? -3.311  1.321   11.102  1.00 12.34 ? 34  TYR A CE2 1 
ATOM   91   C CZ  . TYR A 1 11  ? -3.705  1.580   12.406  1.00 12.84 ? 34  TYR A CZ  1 
ATOM   92   O OH  . TYR A 1 11  ? -2.905  2.356   13.238  1.00 13.96 ? 34  TYR A OH  1 
ATOM   93   N N   . ALA A 1 12  ? -7.318  -4.216  10.192  1.00 5.02  ? 35  ALA A N   1 
ATOM   94   C CA  . ALA A 1 12  ? -8.188  -5.231  9.597   1.00 5.36  ? 35  ALA A CA  1 
ATOM   95   C C   . ALA A 1 12  ? -7.555  -5.791  8.315   1.00 5.13  ? 35  ALA A C   1 
ATOM   96   O O   . ALA A 1 12  ? -8.256  -6.036  7.327   1.00 5.96  ? 35  ALA A O   1 
ATOM   97   C CB  . ALA A 1 12  ? -9.578  -4.647  9.313   1.00 4.12  ? 35  ALA A CB  1 
ATOM   98   N N   . GLY A 1 13  ? -6.236  -5.952  8.312   1.00 4.53  ? 36  GLY A N   1 
ATOM   99   C CA  . GLY A 1 13  ? -5.547  -6.569  7.148   1.00 4.44  ? 36  GLY A CA  1 
ATOM   100  C C   . GLY A 1 13  ? -5.188  -5.627  5.995   1.00 4.09  ? 36  GLY A C   1 
ATOM   101  O O   . GLY A 1 13  ? -4.517  -6.033  5.049   1.00 5.05  ? 36  GLY A O   1 
ATOM   102  N N   . VAL A 1 14  ? -5.625  -4.378  6.071   1.00 4.64  ? 37  VAL A N   1 
ATOM   103  C CA  . VAL A 1 14  ? -5.293  -3.364  5.080   1.00 4.68  ? 37  VAL A CA  1 
ATOM   104  C C   . VAL A 1 14  ? -4.068  -2.545  5.499   1.00 5.62  ? 37  VAL A C   1 
ATOM   105  O O   . VAL A 1 14  ? -4.010  -2.030  6.616   1.00 5.92  ? 37  VAL A O   1 
ATOM   106  C CB  . VAL A 1 14  ? -6.503  -2.417  4.811   1.00 5.77  ? 37  VAL A CB  1 
ATOM   107  C CG1 . VAL A 1 14  ? -6.189  -1.432  3.669   1.00 3.66  ? 37  VAL A CG1 1 
ATOM   108  C CG2 . VAL A 1 14  ? -7.738  -3.236  4.470   1.00 2.84  ? 37  VAL A CG2 1 
ATOM   109  N N   . PHE A 1 15  ? -3.116  -2.393  4.582   1.00 5.23  ? 38  PHE A N   1 
ATOM   110  C CA  . PHE A 1 15  ? -1.978  -1.509  4.807   1.00 5.81  ? 38  PHE A CA  1 
ATOM   111  C C   . PHE A 1 15  ? -1.686  -0.686  3.563   1.00 5.60  ? 38  PHE A C   1 
ATOM   112  O O   . PHE A 1 15  ? -2.245  -0.951  2.491   1.00 4.61  ? 38  PHE A O   1 
ATOM   113  C CB  . PHE A 1 15  ? -0.722  -2.286  5.233   1.00 5.01  ? 38  PHE A CB  1 
ATOM   114  C CG  . PHE A 1 15  ? -0.259  -3.342  4.251   1.00 7.10  ? 38  PHE A CG  1 
ATOM   115  C CD1 . PHE A 1 15  ? 1.003   -3.232  3.632   1.00 8.00  ? 38  PHE A CD1 1 
ATOM   116  C CD2 . PHE A 1 15  ? -1.031  -4.482  3.999   1.00 5.22  ? 38  PHE A CD2 1 
ATOM   117  C CE1 . PHE A 1 15  ? 1.457   -4.226  2.749   1.00 7.29  ? 38  PHE A CE1 1 
ATOM   118  C CE2 . PHE A 1 15  ? -0.583  -5.474  3.124   1.00 5.90  ? 38  PHE A CE2 1 
ATOM   119  C CZ  . PHE A 1 15  ? 0.648   -5.361  2.506   1.00 7.22  ? 38  PHE A CZ  1 
ATOM   120  N N   . HIS A 1 16  ? -0.815  0.308   3.745   1.00 5.03  ? 39  HIS A N   1 
ATOM   121  C CA  . HIS A 1 16  ? -0.368  1.237   2.679   1.00 5.44  ? 39  HIS A CA  1 
ATOM   122  C C   . HIS A 1 16  ? 1.063   0.883   2.288   1.00 5.12  ? 39  HIS A C   1 
ATOM   123  O O   . HIS A 1 16  ? 1.908   0.616   3.168   1.00 5.26  ? 39  HIS A O   1 
ATOM   124  C CB  . HIS A 1 16  ? -0.419  2.649   3.251   1.00 4.25  ? 39  HIS A CB  1 
ATOM   125  C CG  . HIS A 1 16  ? 0.153   3.717   2.371   1.00 7.22  ? 39  HIS A CG  1 
ATOM   126  N ND1 . HIS A 1 16  ? 0.888   4.771   2.880   1.00 9.00  ? 39  HIS A ND1 1 
ATOM   127  C CD2 . HIS A 1 16  ? 0.064   3.932   1.030   1.00 7.94  ? 39  HIS A CD2 1 
ATOM   128  C CE1 . HIS A 1 16  ? 1.264   5.570   1.889   1.00 7.81  ? 39  HIS A CE1 1 
ATOM   129  N NE2 . HIS A 1 16  ? 0.756   5.099   0.760   1.00 8.69  ? 39  HIS A NE2 1 
ATOM   130  N N   . VAL A 1 17  ? 1.325   0.879   0.986   1.00 4.91  ? 40  VAL A N   1 
ATOM   131  C CA  . VAL A 1 17  ? 2.636   0.631   0.426   1.00 5.23  ? 40  VAL A CA  1 
ATOM   132  C C   . VAL A 1 17  ? 3.012   1.799   -0.487  1.00 6.37  ? 40  VAL A C   1 
ATOM   133  O O   . VAL A 1 17  ? 2.314   2.109   -1.487  1.00 4.92  ? 40  VAL A O   1 
ATOM   134  C CB  . VAL A 1 17  ? 2.679   -0.643  -0.410  1.00 4.97  ? 40  VAL A CB  1 
ATOM   135  C CG1 . VAL A 1 17  ? 4.157   -0.941  -0.891  1.00 6.43  ? 40  VAL A CG1 1 
ATOM   136  C CG2 . VAL A 1 17  ? 2.116   -1.789  0.368   1.00 3.31  ? 40  VAL A CG2 1 
ATOM   137  N N   . GLU A 1 18  ? 4.134   2.415   -0.154  1.00 7.24  ? 41  GLU A N   1 
ATOM   138  C CA  . GLU A 1 18  ? 4.650   3.547   -0.915  1.00 7.87  ? 41  GLU A CA  1 
ATOM   139  C C   . GLU A 1 18  ? 6.011   3.198   -1.530  1.00 8.49  ? 41  GLU A C   1 
ATOM   140  O O   . GLU A 1 18  ? 6.990   2.895   -0.809  1.00 8.20  ? 41  GLU A O   1 
ATOM   141  C CB  . GLU A 1 18  ? 4.710   4.745   0.032   1.00 8.87  ? 41  GLU A CB  1 
ATOM   142  C CG  . GLU A 1 18  ? 5.387   5.991   -0.492  1.00 10.63 ? 41  GLU A CG  1 
ATOM   143  C CD  . GLU A 1 18  ? 5.531   6.982   0.632   1.00 15.28 ? 41  GLU A CD  1 
ATOM   144  O OE1 . GLU A 1 18  ? 4.603   7.792   0.824   1.00 15.60 ? 41  GLU A OE1 1 
ATOM   145  O OE2 . GLU A 1 18  ? 6.545   6.897   1.360   1.00 16.82 ? 41  GLU A OE2 1 
ATOM   146  N N   . LYS A 1 19  ? 6.071   3.217   -2.866  1.00 8.57  ? 42  LYS A N   1 
ATOM   147  C CA  . LYS A 1 19  ? 7.291   2.827   -3.581  1.00 9.18  ? 42  LYS A CA  1 
ATOM   148  C C   . LYS A 1 19  ? 8.300   3.968   -3.658  1.00 9.43  ? 42  LYS A C   1 
ATOM   149  O O   . LYS A 1 19  ? 8.018   5.046   -4.214  1.00 9.84  ? 42  LYS A O   1 
ATOM   150  C CB  . LYS A 1 19  ? 6.967   2.321   -4.993  1.00 9.23  ? 42  LYS A CB  1 
ATOM   151  C CG  . LYS A 1 19  ? 8.150   1.697   -5.735  1.00 9.24  ? 42  LYS A CG  1 
ATOM   152  C CD  . LYS A 1 19  ? 7.826   1.461   -7.188  1.00 9.99  ? 42  LYS A CD  1 
ATOM   153  C CE  . LYS A 1 19  ? 9.028   0.844   -7.882  1.00 11.58 ? 42  LYS A CE  1 
ATOM   154  N NZ  . LYS A 1 19  ? 8.783   0.710   -9.361  1.00 13.76 ? 42  LYS A NZ  1 
ATOM   155  N N   . ASN A 1 20  ? 9.481   3.732   -3.103  1.00 9.76  ? 43  ASN A N   1 
ATOM   156  C CA  . ASN A 1 20  ? 10.579  4.704   -3.164  1.00 9.51  ? 43  ASN A CA  1 
ATOM   157  C C   . ASN A 1 20  ? 10.224  6.077   -2.593  1.00 10.26 ? 43  ASN A C   1 
ATOM   158  O O   . ASN A 1 20  ? 10.826  7.086   -2.984  1.00 10.45 ? 43  ASN A O   1 
ATOM   159  C CB  . ASN A 1 20  ? 11.115  4.812   -4.610  1.00 9.77  ? 43  ASN A CB  1 
ATOM   160  C CG  . ASN A 1 20  ? 11.881  3.558   -5.028  1.00 9.57  ? 43  ASN A CG  1 
ATOM   161  O OD1 . ASN A 1 20  ? 12.584  2.955   -4.200  1.00 6.61  ? 43  ASN A OD1 1 
ATOM   162  N ND2 . ASN A 1 20  ? 11.752  3.160   -6.294  1.00 7.92  ? 43  ASN A ND2 1 
ATOM   163  N N   . GLY A 1 21  ? 9.257   6.096   -1.670  1.00 9.60  ? 44  GLY A N   1 
ATOM   164  C CA  . GLY A 1 21  ? 8.798   7.315   -1.039  1.00 10.62 ? 44  GLY A CA  1 
ATOM   165  C C   . GLY A 1 21  ? 8.230   8.350   -1.999  1.00 11.50 ? 44  GLY A C   1 
ATOM   166  O O   . GLY A 1 21  ? 8.192   9.539   -1.658  1.00 11.54 ? 44  GLY A O   1 
ATOM   167  N N   . ARG A 1 22  ? 7.759   7.910   -3.175  1.00 10.69 ? 45  ARG A N   1 
ATOM   168  C CA  . ARG A 1 22  ? 7.127   8.818   -4.140  1.00 11.21 ? 45  ARG A CA  1 
ATOM   169  C C   . ARG A 1 22  ? 6.015   8.140   -4.978  1.00 9.69  ? 45  ARG A C   1 
ATOM   170  O O   . ARG A 1 22  ? 6.027   6.915   -5.199  1.00 9.63  ? 45  ARG A O   1 
ATOM   171  C CB  . ARG A 1 22  ? 8.183   9.458   -5.059  1.00 12.69 ? 45  ARG A CB  1 
ATOM   172  C CG  . ARG A 1 22  ? 8.978   8.475   -5.912  1.00 16.45 ? 45  ARG A CG  1 
ATOM   173  C CD  . ARG A 1 22  ? 10.141  9.193   -6.626  1.00 22.82 ? 45  ARG A CD  1 
ATOM   174  N NE  . ARG A 1 22  ? 11.195  8.245   -7.015  1.00 29.61 ? 45  ARG A NE  1 
ATOM   175  C CZ  . ARG A 1 22  ? 11.285  7.640   -8.197  1.00 31.92 ? 45  ARG A CZ  1 
ATOM   176  N NH1 . ARG A 1 22  ? 10.384  7.866   -9.157  1.00 34.28 ? 45  ARG A NH1 1 
ATOM   177  N NH2 . ARG A 1 22  ? 12.296  6.809   -8.430  1.00 33.52 ? 45  ARG A NH2 1 
ATOM   178  N N   . TYR A 1 23  ? 5.050   8.924   -5.436  1.00 8.11  ? 46  TYR A N   1 
ATOM   179  C CA  . TYR A 1 23  ? 3.973   8.362   -6.254  1.00 7.65  ? 46  TYR A CA  1 
ATOM   180  C C   . TYR A 1 23  ? 4.590   7.730   -7.494  1.00 7.62  ? 46  TYR A C   1 
ATOM   181  O O   . TYR A 1 23  ? 5.095   8.447   -8.366  1.00 8.65  ? 46  TYR A O   1 
ATOM   182  C CB  . TYR A 1 23  ? 2.977   9.455   -6.655  1.00 7.41  ? 46  TYR A CB  1 
ATOM   183  C CG  . TYR A 1 23  ? 2.098   9.914   -5.523  1.00 6.54  ? 46  TYR A CG  1 
ATOM   184  C CD1 . TYR A 1 23  ? 1.402   8.988   -4.727  1.00 4.43  ? 46  TYR A CD1 1 
ATOM   185  C CD2 . TYR A 1 23  ? 1.943   11.282  -5.242  1.00 8.49  ? 46  TYR A CD2 1 
ATOM   186  C CE1 . TYR A 1 23  ? 0.579   9.433   -3.668  1.00 4.66  ? 46  TYR A CE1 1 
ATOM   187  C CE2 . TYR A 1 23  ? 1.102   11.730  -4.200  1.00 5.87  ? 46  TYR A CE2 1 
ATOM   188  C CZ  . TYR A 1 23  ? 0.437   10.794  -3.427  1.00 3.85  ? 46  TYR A CZ  1 
ATOM   189  O OH  . TYR A 1 23  ? -0.377  11.233  -2.397  1.00 4.80  ? 46  TYR A OH  1 
ATOM   190  N N   . SER A 1 24  ? 4.606   6.408   -7.577  1.00 7.54  ? 47  SER A N   1 
ATOM   191  C CA  . SER A 1 24  ? 5.357   5.800   -8.683  1.00 7.99  ? 47  SER A CA  1 
ATOM   192  C C   . SER A 1 24  ? 4.885   4.413   -9.050  1.00 8.34  ? 47  SER A C   1 
ATOM   193  O O   . SER A 1 24  ? 5.561   3.696   -9.821  1.00 8.16  ? 47  SER A O   1 
ATOM   194  C CB  . SER A 1 24  ? 6.854   5.769   -8.349  1.00 8.77  ? 47  SER A CB  1 
ATOM   195  O OG  . SER A 1 24  ? 7.041   5.032   -7.161  1.00 8.75  ? 47  SER A OG  1 
ATOM   196  N N   . ILE A 1 25  ? 3.704   4.051   -8.543  1.00 8.12  ? 48  ILE A N   1 
ATOM   197  C CA  . ILE A 1 25  ? 3.116   2.746   -8.823  1.00 7.56  ? 48  ILE A CA  1 
ATOM   198  C C   . ILE A 1 25  ? 1.912   2.842   -9.774  1.00 7.19  ? 48  ILE A C   1 
ATOM   199  O O   . ILE A 1 25  ? 0.985   3.602   -9.521  1.00 5.83  ? 48  ILE A O   1 
ATOM   200  C CB  . ILE A 1 25  ? 2.654   2.090   -7.547  1.00 7.72  ? 48  ILE A CB  1 
ATOM   201  C CG1 . ILE A 1 25  ? 3.797   1.991   -6.527  1.00 5.97  ? 48  ILE A CG1 1 
ATOM   202  C CG2 . ILE A 1 25  ? 2.093   0.722   -7.868  1.00 8.45  ? 48  ILE A CG2 1 
ATOM   203  C CD1 . ILE A 1 25  ? 3.289   1.597   -5.074  1.00 8.11  ? 48  ILE A CD1 1 
ATOM   204  N N   . SER A 1 26  ? 1.921   2.064   -10.855 1.00 6.68  ? 49  SER A N   1 
ATOM   205  C CA  . SER A 1 26  ? 0.811   2.084   -11.833 1.00 7.93  ? 49  SER A CA  1 
ATOM   206  C C   . SER A 1 26  ? -0.243  1.086   -11.348 1.00 8.79  ? 49  SER A C   1 
ATOM   207  O O   . SER A 1 26  ? 0.033   0.293   -10.426 1.00 7.65  ? 49  SER A O   1 
ATOM   208  C CB  . SER A 1 26  ? 1.302   1.637   -13.210 1.00 9.36  ? 49  SER A CB  1 
ATOM   209  O OG  . SER A 1 26  ? 1.641   0.252   -13.185 1.00 10.46 ? 49  SER A OG  1 
ATOM   210  N N   . ARG A 1 27  ? -1.425  1.094   -11.975 1.00 9.03  ? 50  ARG A N   1 
ATOM   211  C CA  . ARG A 1 27  ? -2.488  0.194   -11.547 1.00 10.11 ? 50  ARG A CA  1 
ATOM   212  C C   . ARG A 1 27  ? -2.067  -1.282  -11.678 1.00 10.08 ? 50  ARG A C   1 
ATOM   213  O O   . ARG A 1 27  ? -2.304  -2.094  -10.773 1.00 11.26 ? 50  ARG A O   1 
ATOM   214  C CB  . ARG A 1 27  ? -3.807  0.507   -12.277 1.00 10.87 ? 50  ARG A CB  1 
ATOM   215  C CG  . ARG A 1 27  ? -4.796  -0.664  -12.324 1.00 15.05 ? 50  ARG A CG  1 
ATOM   216  C CD  . ARG A 1 27  ? -5.509  -0.918  -11.016 1.00 20.51 ? 50  ARG A CD  1 
ATOM   217  N NE  . ARG A 1 27  ? -6.421  0.162   -10.622 1.00 24.39 ? 50  ARG A NE  1 
ATOM   218  C CZ  . ARG A 1 27  ? -7.235  0.082   -9.566  1.00 25.47 ? 50  ARG A CZ  1 
ATOM   219  N NH1 . ARG A 1 27  ? -7.242  -1.034  -8.853  1.00 28.63 ? 50  ARG A NH1 1 
ATOM   220  N NH2 . ARG A 1 27  ? -8.036  1.095   -9.216  1.00 20.00 ? 50  ARG A NH2 1 
ATOM   221  N N   . THR A 1 28  ? -1.407  -1.624  -12.778 1.00 9.52  ? 51  THR A N   1 
ATOM   222  C CA  . THR A 1 28  ? -0.911  -2.999  -12.956 1.00 9.59  ? 51  THR A CA  1 
ATOM   223  C C   . THR A 1 28  ? 0.200   -3.376  -11.961 1.00 9.03  ? 51  THR A C   1 
ATOM   224  O O   . THR A 1 28  ? 0.197   -4.498  -11.428 1.00 9.07  ? 51  THR A O   1 
ATOM   225  C CB  . THR A 1 28  ? -0.459  -3.233  -14.409 1.00 9.86  ? 51  THR A CB  1 
ATOM   226  O OG1 . THR A 1 28  ? 0.536   -2.261  -14.747 1.00 9.05  ? 51  THR A OG1 1 
ATOM   227  C CG2 . THR A 1 28  ? -1.655  -3.045  -15.348 1.00 10.22 ? 51  THR A CG2 1 
ATOM   228  N N   . GLU A 1 29  ? 1.131   -2.462  -11.685 1.00 8.13  ? 52  GLU A N   1 
ATOM   229  C CA  . GLU A 1 29  ? 2.209   -2.748  -10.689 1.00 8.23  ? 52  GLU A CA  1 
ATOM   230  C C   . GLU A 1 29  ? 1.628   -2.899  -9.274  1.00 8.23  ? 52  GLU A C   1 
ATOM   231  O O   . GLU A 1 29  ? 2.114   -3.694  -8.487  1.00 6.77  ? 52  GLU A O   1 
ATOM   232  C CB  . GLU A 1 29  ? 3.319   -1.668  -10.701 1.00 7.94  ? 52  GLU A CB  1 
ATOM   233  C CG  . GLU A 1 29  ? 4.453   -1.888  -9.660  1.00 8.89  ? 52  GLU A CG  1 
ATOM   234  C CD  . GLU A 1 29  ? 5.713   -1.061  -9.930  1.00 12.85 ? 52  GLU A CD  1 
ATOM   235  O OE1 . GLU A 1 29  ? 5.760   -0.316  -10.935 1.00 17.69 ? 52  GLU A OE1 1 
ATOM   236  O OE2 . GLU A 1 29  ? 6.688   -1.169  -9.171  1.00 12.83 ? 52  GLU A OE2 1 
ATOM   237  N N   . ALA A 1 30  ? 0.598   -2.099  -8.957  1.00 8.76  ? 53  ALA A N   1 
ATOM   238  C CA  . ALA A 1 30  ? -0.142  -2.228  -7.702  1.00 8.47  ? 53  ALA A CA  1 
ATOM   239  C C   . ALA A 1 30  ? -0.646  -3.647  -7.433  1.00 8.10  ? 53  ALA A C   1 
ATOM   240  O O   . ALA A 1 30  ? -0.441  -4.181  -6.341  1.00 7.79  ? 53  ALA A O   1 
ATOM   241  C CB  . ALA A 1 30  ? -1.330  -1.231  -7.668  1.00 8.76  ? 53  ALA A CB  1 
ATOM   242  N N   . ALA A 1 31  ? -1.310  -4.242  -8.427  1.00 7.49  ? 54  ALA A N   1 
ATOM   243  C CA  . ALA A 1 31  ? -1.843  -5.584  -8.309  1.00 7.99  ? 54  ALA A CA  1 
ATOM   244  C C   . ALA A 1 31  ? -0.708  -6.541  -8.078  1.00 8.32  ? 54  ALA A C   1 
ATOM   245  O O   . ALA A 1 31  ? -0.807  -7.407  -7.201  1.00 7.92  ? 54  ALA A O   1 
ATOM   246  C CB  . ALA A 1 31  ? -2.627  -5.981  -9.566  1.00 8.40  ? 54  ALA A CB  1 
ATOM   247  N N   . ASP A 1 32  ? 0.371   -6.399  -8.859  1.00 8.18  ? 55  ASP A N   1 
ATOM   248  C CA  . ASP A 1 32  ? 1.517   -7.318  -8.707  1.00 8.54  ? 55  ASP A CA  1 
ATOM   249  C C   . ASP A 1 32  ? 2.162   -7.200  -7.333  1.00 8.58  ? 55  ASP A C   1 
ATOM   250  O O   . ASP A 1 32  ? 2.605   -8.197  -6.746  1.00 8.05  ? 55  ASP A O   1 
ATOM   251  C CB  . ASP A 1 32  ? 2.579   -7.080  -9.779  1.00 8.73  ? 55  ASP A CB  1 
ATOM   252  C CG  . ASP A 1 32  ? 2.130   -7.517  -11.161 1.00 11.47 ? 55  ASP A CG  1 
ATOM   253  O OD1 . ASP A 1 32  ? 1.169   -8.317  -11.246 1.00 10.88 ? 55  ASP A OD1 1 
ATOM   254  O OD2 . ASP A 1 32  ? 2.740   -7.033  -12.150 1.00 13.25 ? 55  ASP A OD2 1 
ATOM   255  N N   . LEU A 1 33  ? 2.263   -5.971  -6.838  1.00 8.63  ? 56  LEU A N   1 
ATOM   256  C CA  . LEU A 1 33  ? 2.885   -5.724  -5.536  1.00 8.76  ? 56  LEU A CA  1 
ATOM   257  C C   . LEU A 1 33  ? 2.087   -6.353  -4.377  1.00 8.39  ? 56  LEU A C   1 
ATOM   258  O O   . LEU A 1 33  ? 2.673   -6.991  -3.497  1.00 8.60  ? 56  LEU A O   1 
ATOM   259  C CB  . LEU A 1 33  ? 3.034   -4.214  -5.345  1.00 9.19  ? 56  LEU A CB  1 
ATOM   260  C CG  . LEU A 1 33  ? 3.758   -3.614  -4.144  1.00 10.78 ? 56  LEU A CG  1 
ATOM   261  C CD1 . LEU A 1 33  ? 5.071   -4.355  -3.802  1.00 12.24 ? 56  LEU A CD1 1 
ATOM   262  C CD2 . LEU A 1 33  ? 3.964   -2.097  -4.396  1.00 11.67 ? 56  LEU A CD2 1 
ATOM   263  N N   . CYS A 1 34  ? 0.760   -6.190  -4.378  1.00 8.64  ? 57  CYS A N   1 
ATOM   264  C CA  . CYS A 1 34  ? -0.069  -6.840  -3.373  1.00 9.32  ? 57  CYS A CA  1 
ATOM   265  C C   . CYS A 1 34  ? 0.092   -8.345  -3.483  1.00 9.47  ? 57  CYS A C   1 
ATOM   266  O O   . CYS A 1 34  ? 0.278   -9.013  -2.461  1.00 8.49  ? 57  CYS A O   1 
ATOM   267  C CB  . CYS A 1 34  ? -1.541  -6.381  -3.415  1.00 9.89  ? 57  CYS A CB  1 
ATOM   268  S SG  . CYS A 1 34  ? -1.739  -4.536  -3.127  1.00 9.69  ? 57  CYS A SG  1 
ATOM   269  N N   . GLN A 1 35  ? 0.100   -8.866  -4.715  1.00 9.91  ? 58  GLN A N   1 
ATOM   270  C CA  . GLN A 1 35  ? 0.368   -10.318 -4.942  1.00 10.70 ? 58  GLN A CA  1 
ATOM   271  C C   . GLN A 1 35  ? 1.668   -10.827 -4.259  1.00 9.99  ? 58  GLN A C   1 
ATOM   272  O O   . GLN A 1 35  ? 1.678   -11.916 -3.634  1.00 8.87  ? 58  GLN A O   1 
ATOM   273  C CB  . GLN A 1 35  ? 0.361   -10.667 -6.445  1.00 11.29 ? 58  GLN A CB  1 
ATOM   274  C CG  . GLN A 1 35  ? 0.457   -12.199 -6.754  1.00 17.25 ? 58  GLN A CG  1 
ATOM   275  C CD  . GLN A 1 35  ? 1.157   -12.554 -8.093  1.00 25.50 ? 58  GLN A CD  1 
ATOM   276  O OE1 . GLN A 1 35  ? 1.292   -11.714 -9.010  1.00 30.48 ? 58  GLN A OE1 1 
ATOM   277  N NE2 . GLN A 1 35  ? 1.614   -13.805 -8.202  1.00 28.20 ? 58  GLN A NE2 1 
ATOM   278  N N   . ALA A 1 36  ? 2.736   -10.025 -4.370  1.00 9.00  ? 59  ALA A N   1 
ATOM   279  C CA  . ALA A 1 36  ? 4.016   -10.282 -3.726  1.00 9.09  ? 59  ALA A CA  1 
ATOM   280  C C   . ALA A 1 36  ? 3.953   -10.315 -2.199  1.00 9.03  ? 59  ALA A C   1 
ATOM   281  O O   . ALA A 1 36  ? 4.746   -11.019 -1.562  1.00 9.03  ? 59  ALA A O   1 
ATOM   282  C CB  . ALA A 1 36  ? 5.046   -9.249  -4.188  1.00 10.14 ? 59  ALA A CB  1 
ATOM   283  N N   . PHE A 1 37  ? 3.009   -9.560  -1.627  1.00 7.99  ? 60  PHE A N   1 
ATOM   284  C CA  . PHE A 1 37  ? 2.672   -9.629  -0.203  1.00 8.61  ? 60  PHE A CA  1 
ATOM   285  C C   . PHE A 1 37  ? 1.593   -10.676 0.141   1.00 8.90  ? 60  PHE A C   1 
ATOM   286  O O   . PHE A 1 37  ? 0.996   -10.606 1.229   1.00 9.54  ? 60  PHE A O   1 
ATOM   287  C CB  . PHE A 1 37  ? 2.193   -8.254  0.296   1.00 7.90  ? 60  PHE A CB  1 
ATOM   288  C CG  . PHE A 1 37  ? 3.303   -7.240  0.488   1.00 8.87  ? 60  PHE A CG  1 
ATOM   289  C CD1 . PHE A 1 37  ? 4.221   -7.384  1.520   1.00 8.92  ? 60  PHE A CD1 1 
ATOM   290  C CD2 . PHE A 1 37  ? 3.404   -6.128  -0.365  1.00 9.39  ? 60  PHE A CD2 1 
ATOM   291  C CE1 . PHE A 1 37  ? 5.236   -6.427  1.720   1.00 9.58  ? 60  PHE A CE1 1 
ATOM   292  C CE2 . PHE A 1 37  ? 4.427   -5.183  -0.199  1.00 9.54  ? 60  PHE A CE2 1 
ATOM   293  C CZ  . PHE A 1 37  ? 5.345   -5.329  0.850   1.00 9.43  ? 60  PHE A CZ  1 
ATOM   294  N N   . ASN A 1 38  ? 1.331   -11.629 -0.764  1.00 9.71  ? 61  ASN A N   1 
ATOM   295  C CA  . ASN A 1 38  ? 0.199   -12.571 -0.619  1.00 10.58 ? 61  ASN A CA  1 
ATOM   296  C C   . ASN A 1 38  ? -1.043  -11.811 -0.185  1.00 10.09 ? 61  ASN A C   1 
ATOM   297  O O   . ASN A 1 38  ? -1.717  -12.195 0.770   1.00 9.29  ? 61  ASN A O   1 
ATOM   298  C CB  . ASN A 1 38  ? 0.505   -13.670 0.414   1.00 12.03 ? 61  ASN A CB  1 
ATOM   299  C CG  . ASN A 1 38  ? 1.290   -14.827 -0.197  1.00 17.02 ? 61  ASN A CG  1 
ATOM   300  O OD1 . ASN A 1 38  ? 1.279   -15.025 -1.428  1.00 19.65 ? 61  ASN A OD1 1 
ATOM   301  N ND2 . ASN A 1 38  ? 1.985   -15.589 0.652   1.00 20.46 ? 61  ASN A ND2 1 
ATOM   302  N N   . SER A 1 39  ? -1.313  -10.729 -0.905  1.00 8.58  ? 62  SER A N   1 
ATOM   303  C CA  . SER A 1 39  ? -2.380  -9.788  -0.560  1.00 8.30  ? 62  SER A CA  1 
ATOM   304  C C   . SER A 1 39  ? -3.082  -9.449  -1.868  1.00 8.38  ? 62  SER A C   1 
ATOM   305  O O   . SER A 1 39  ? -2.595  -9.819  -2.946  1.00 7.93  ? 62  SER A O   1 
ATOM   306  C CB  . SER A 1 39  ? -1.787  -8.543  0.115   1.00 6.86  ? 62  SER A CB  1 
ATOM   307  O OG  . SER A 1 39  ? -1.199  -8.903  1.364   1.00 7.13  ? 62  SER A OG  1 
ATOM   308  N N   . THR A 1 40  ? -4.232  -8.784  -1.763  1.00 8.88  ? 63  THR A N   1 
ATOM   309  C CA  . THR A 1 40  ? -5.026  -8.312  -2.912  1.00 9.49  ? 63  THR A CA  1 
ATOM   310  C C   . THR A 1 40  ? -5.270  -6.816  -2.742  1.00 9.45  ? 63  THR A C   1 
ATOM   311  O O   . THR A 1 40  ? -5.094  -6.292  -1.637  1.00 10.45 ? 63  THR A O   1 
ATOM   312  C CB  . THR A 1 40  ? -6.420  -8.993  -2.927  1.00 9.87  ? 63  THR A CB  1 
ATOM   313  O OG1 . THR A 1 40  ? -7.023  -8.904  -1.625  1.00 9.97  ? 63  THR A OG1 1 
ATOM   314  C CG2 . THR A 1 40  ? -6.311  -10.474 -3.299  1.00 11.64 ? 63  THR A CG2 1 
ATOM   315  N N   . LEU A 1 41  ? -5.697  -6.113  -3.800  1.00 9.27  ? 64  LEU A N   1 
ATOM   316  C CA  . LEU A 1 41  ? -6.119  -4.732  -3.604  1.00 9.18  ? 64  LEU A CA  1 
ATOM   317  C C   . LEU A 1 41  ? -7.404  -4.754  -2.792  1.00 8.91  ? 64  LEU A C   1 
ATOM   318  O O   . LEU A 1 41  ? -8.307  -5.565  -3.074  1.00 8.42  ? 64  LEU A O   1 
ATOM   319  C CB  . LEU A 1 41  ? -6.383  -4.042  -4.951  1.00 9.74  ? 64  LEU A CB  1 
ATOM   320  C CG  . LEU A 1 41  ? -5.270  -3.493  -5.860  1.00 10.76 ? 64  LEU A CG  1 
ATOM   321  C CD1 . LEU A 1 41  ? -4.335  -2.578  -5.129  1.00 12.85 ? 64  LEU A CD1 1 
ATOM   322  C CD2 . LEU A 1 41  ? -4.517  -4.574  -6.569  1.00 16.20 ? 64  LEU A CD2 1 
ATOM   323  N N   . PRO A 1 42  ? -7.521  -3.860  -1.792  1.00 8.65  ? 65  PRO A N   1 
ATOM   324  C CA  . PRO A 1 42  ? -8.715  -3.938  -0.972  1.00 8.42  ? 65  PRO A CA  1 
ATOM   325  C C   . PRO A 1 42  ? -9.980  -3.535  -1.727  1.00 7.89  ? 65  PRO A C   1 
ATOM   326  O O   . PRO A 1 42  ? -9.904  -2.781  -2.700  1.00 7.74  ? 65  PRO A O   1 
ATOM   327  C CB  . PRO A 1 42  ? -8.427  -2.918  0.159   1.00 9.36  ? 65  PRO A CB  1 
ATOM   328  C CG  . PRO A 1 42  ? -6.899  -2.738  0.138   1.00 9.42  ? 65  PRO A CG  1 
ATOM   329  C CD  . PRO A 1 42  ? -6.593  -2.814  -1.320  1.00 9.20  ? 65  PRO A CD  1 
ATOM   330  N N   . THR A 1 43  ? -11.134 -4.021  -1.272  1.00 7.54  ? 66  THR A N   1 
ATOM   331  C CA  . THR A 1 43  ? -12.402 -3.497  -1.753  1.00 7.53  ? 66  THR A CA  1 
ATOM   332  C C   . THR A 1 43  ? -12.722 -2.257  -0.924  1.00 7.55  ? 66  THR A C   1 
ATOM   333  O O   . THR A 1 43  ? -12.082 -2.001  0.098   1.00 6.63  ? 66  THR A O   1 
ATOM   334  C CB  . THR A 1 43  ? -13.552 -4.505  -1.593  1.00 7.36  ? 66  THR A CB  1 
ATOM   335  O OG1 . THR A 1 43  ? -13.705 -4.806  -0.208  1.00 7.77  ? 66  THR A OG1 1 
ATOM   336  C CG2 . THR A 1 43  ? -13.266 -5.796  -2.355  1.00 8.02  ? 66  THR A CG2 1 
ATOM   337  N N   . MET A 1 44  ? -13.712 -1.503  -1.371  1.00 7.70  ? 67  MET A N   1 
ATOM   338  C CA  . MET A 1 44  ? -14.147 -0.326  -0.648  1.00 8.12  ? 67  MET A CA  1 
ATOM   339  C C   . MET A 1 44  ? -14.644 -0.704  0.747   1.00 8.09  ? 67  MET A C   1 
ATOM   340  O O   . MET A 1 44  ? -14.276 -0.039  1.692   1.00 7.68  ? 67  MET A O   1 
ATOM   341  C CB  . MET A 1 44  ? -15.220 0.466   -1.425  1.00 8.41  ? 67  MET A CB  1 
ATOM   342  C CG  . MET A 1 44  ? -15.741 1.685   -0.628  1.00 9.94  ? 67  MET A CG  1 
ATOM   343  S SD  . MET A 1 44  ? -14.514 2.977   -0.241  1.00 13.00 ? 67  MET A SD  1 
ATOM   344  C CE  . MET A 1 44  ? -14.232 3.635   -1.877  1.00 10.53 ? 67  MET A CE  1 
ATOM   345  N N   . ASP A 1 45  ? -15.450 -1.773  0.852   1.00 8.47  ? 68  ASP A N   1 
ATOM   346  C CA  . ASP A 1 45  ? -15.895 -2.336  2.143   1.00 9.46  ? 68  ASP A CA  1 
ATOM   347  C C   . ASP A 1 45  ? -14.723 -2.686  3.066   1.00 8.62  ? 68  ASP A C   1 
ATOM   348  O O   . ASP A 1 45  ? -14.760 -2.395  4.271   1.00 7.81  ? 68  ASP A O   1 
ATOM   349  C CB  . ASP A 1 45  ? -16.771 -3.588  1.909   1.00 10.82 ? 68  ASP A CB  1 
ATOM   350  C CG  . ASP A 1 45  ? -17.562 -4.029  3.160   1.00 14.40 ? 68  ASP A CG  1 
ATOM   351  O OD1 . ASP A 1 45  ? -18.522 -3.324  3.539   1.00 19.75 ? 68  ASP A OD1 1 
ATOM   352  O OD2 . ASP A 1 45  ? -17.266 -5.111  3.749   1.00 18.29 ? 68  ASP A OD2 1 
ATOM   353  N N   . GLN A 1 46  ? -13.701 -3.335  2.512   1.00 7.56  ? 69  GLN A N   1 
ATOM   354  C CA  . GLN A 1 46  ? -12.514 -3.687  3.318   1.00 7.30  ? 69  GLN A CA  1 
ATOM   355  C C   . GLN A 1 46  ? -11.798 -2.451  3.838   1.00 6.20  ? 69  GLN A C   1 
ATOM   356  O O   . GLN A 1 46  ? -11.388 -2.403  5.007   1.00 6.31  ? 69  GLN A O   1 
ATOM   357  C CB  . GLN A 1 46  ? -11.544 -4.572  2.520   1.00 6.48  ? 69  GLN A CB  1 
ATOM   358  C CG  . GLN A 1 46  ? -12.032 -6.007  2.426   1.00 6.54  ? 69  GLN A CG  1 
ATOM   359  C CD  . GLN A 1 46  ? -11.365 -6.799  1.308   1.00 7.84  ? 69  GLN A CD  1 
ATOM   360  O OE1 . GLN A 1 46  ? -10.715 -6.244  0.413   1.00 6.21  ? 69  GLN A OE1 1 
ATOM   361  N NE2 . GLN A 1 46  ? -11.550 -8.114  1.347   1.00 7.43  ? 69  GLN A NE2 1 
ATOM   362  N N   . MET A 1 47  ? -11.630 -1.454  2.963   1.00 6.06  ? 70  MET A N   1 
ATOM   363  C CA  . MET A 1 47  ? -11.050 -0.161  3.334   1.00 5.93  ? 70  MET A CA  1 
ATOM   364  C C   . MET A 1 47  ? -11.856 0.573   4.425   1.00 5.75  ? 70  MET A C   1 
ATOM   365  O O   . MET A 1 47  ? -11.289 1.194   5.367   1.00 3.70  ? 70  MET A O   1 
ATOM   366  C CB  . MET A 1 47  ? -10.924 0.743   2.077   1.00 6.36  ? 70  MET A CB  1 
ATOM   367  C CG  . MET A 1 47  ? -10.215 2.075   2.312   1.00 7.70  ? 70  MET A CG  1 
ATOM   368  S SD  . MET A 1 47  ? -8.604  1.998   3.152   1.00 8.63  ? 70  MET A SD  1 
ATOM   369  C CE  . MET A 1 47  ? -7.553  1.780   1.744   1.00 10.69 ? 70  MET A CE  1 
ATOM   370  N N   . LYS A 1 48  ? -13.181 0.521   4.297   1.00 5.48  ? 71  LYS A N   1 
ATOM   371  C CA  . LYS A 1 48  ? -14.048 1.187   5.281   1.00 5.54  ? 71  LYS A CA  1 
ATOM   372  C C   . LYS A 1 48  ? -13.914 0.537   6.682   1.00 5.53  ? 71  LYS A C   1 
ATOM   373  O O   . LYS A 1 48  ? -13.888 1.232   7.718   1.00 5.57  ? 71  LYS A O   1 
ATOM   374  C CB  . LYS A 1 48  ? -15.507 1.193   4.800   1.00 5.80  ? 71  LYS A CB  1 
ATOM   375  C CG  . LYS A 1 48  ? -15.752 2.211   3.686   1.00 8.06  ? 71  LYS A CG  1 
ATOM   376  C CD  . LYS A 1 48  ? -17.180 2.238   3.187   1.00 10.20 ? 71  LYS A CD  1 
ATOM   377  C CE  . LYS A 1 48  ? -17.374 3.456   2.231   1.00 13.42 ? 71  LYS A CE  1 
ATOM   378  N NZ  . LYS A 1 48  ? -18.747 3.392   1.648   1.00 15.36 ? 71  LYS A NZ  1 
ATOM   379  N N   . LEU A 1 49  ? -13.809 -0.787  6.715   1.00 6.02  ? 72  LEU A N   1 
ATOM   380  C CA  . LEU A 1 49  ? -13.581 -1.483  8.004   1.00 6.25  ? 72  LEU A CA  1 
ATOM   381  C C   . LEU A 1 49  ? -12.211 -1.118  8.589   1.00 6.39  ? 72  LEU A C   1 
ATOM   382  O O   . LEU A 1 49  ? -12.114 -0.838  9.790   1.00 7.47  ? 72  LEU A O   1 
ATOM   383  C CB  . LEU A 1 49  ? -13.704 -3.015  7.875   1.00 6.33  ? 72  LEU A CB  1 
ATOM   384  C CG  . LEU A 1 49  ? -13.713 -3.729  9.234   1.00 7.92  ? 72  LEU A CG  1 
ATOM   385  C CD1 . LEU A 1 49  ? -14.960 -3.287  10.067  1.00 8.21  ? 72  LEU A CD1 1 
ATOM   386  C CD2 . LEU A 1 49  ? -13.711 -5.250  9.032   1.00 7.81  ? 72  LEU A CD2 1 
ATOM   387  N N   . ALA A 1 50  ? -11.168 -1.091  7.750   1.00 5.68  ? 73  ALA A N   1 
ATOM   388  C CA  . ALA A 1 50  ? -9.813  -0.663  8.163   1.00 6.04  ? 73  ALA A CA  1 
ATOM   389  C C   . ALA A 1 50  ? -9.834  0.724   8.794   1.00 6.52  ? 73  ALA A C   1 
ATOM   390  O O   . ALA A 1 50  ? -9.268  0.959   9.894   1.00 5.58  ? 73  ALA A O   1 
ATOM   391  C CB  . ALA A 1 50  ? -8.874  -0.670  6.981   1.00 4.97  ? 73  ALA A CB  1 
ATOM   392  N N   . LEU A 1 51  ? -10.508 1.633   8.098   1.00 6.92  ? 74  LEU A N   1 
ATOM   393  C CA  . LEU A 1 51  ? -10.693 3.004   8.583   1.00 8.50  ? 74  LEU A CA  1 
ATOM   394  C C   . LEU A 1 51  ? -11.321 3.022   9.981   1.00 8.93  ? 74  LEU A C   1 
ATOM   395  O O   . LEU A 1 51  ? -10.819 3.717   10.898  1.00 8.93  ? 74  LEU A O   1 
ATOM   396  C CB  . LEU A 1 51  ? -11.506 3.812   7.566   1.00 9.27  ? 74  LEU A CB  1 
ATOM   397  C CG  . LEU A 1 51  ? -12.177 5.107   8.073   1.00 11.76 ? 74  LEU A CG  1 
ATOM   398  C CD1 . LEU A 1 51  ? -11.155 6.144   8.252   1.00 10.87 ? 74  LEU A CD1 1 
ATOM   399  C CD2 . LEU A 1 51  ? -13.252 5.552   7.076   1.00 14.71 ? 74  LEU A CD2 1 
ATOM   400  N N   . SER A 1 52  ? -12.369 2.211   10.167  1.00 10.16 ? 75  SER A N   1 
ATOM   401  C CA  . SER A 1 52  ? -13.078 2.148   11.449  1.00 10.03 ? 75  SER A CA  1 
ATOM   402  C C   . SER A 1 52  ? -12.166 1.637   12.585  1.00 10.26 ? 75  SER A C   1 
ATOM   403  O O   . SER A 1 52  ? -12.406 1.950   13.779  1.00 10.33 ? 75  SER A O   1 
ATOM   404  C CB  . SER A 1 52  ? -14.357 1.311   11.336  1.00 10.20 ? 75  SER A CB  1 
ATOM   405  O OG  . SER A 1 52  ? -14.078 -0.077  11.421  1.00 9.87  ? 75  SER A OG  1 
ATOM   406  N N   . LYS A 1 53  ? -11.144 0.853   12.210  1.00 9.35  ? 76  LYS A N   1 
ATOM   407  C CA  . LYS A 1 53  ? -10.167 0.296   13.164  1.00 8.75  ? 76  LYS A CA  1 
ATOM   408  C C   . LYS A 1 53  ? -9.023  1.269   13.481  1.00 8.44  ? 76  LYS A C   1 
ATOM   409  O O   . LYS A 1 53  ? -8.198  1.011   14.369  1.00 7.28  ? 76  LYS A O   1 
ATOM   410  C CB  . LYS A 1 53  ? -9.603  -1.057  12.665  1.00 8.70  ? 76  LYS A CB  1 
ATOM   411  C CG  . LYS A 1 53  ? -10.669 -2.145  12.408  1.00 8.92  ? 76  LYS A CG  1 
ATOM   412  C CD  . LYS A 1 53  ? -11.513 -2.477  13.655  1.00 12.73 ? 76  LYS A CD  1 
ATOM   413  C CE  . LYS A 1 53  ? -12.609 -3.513  13.299  1.00 14.79 ? 76  LYS A CE  1 
ATOM   414  N NZ  . LYS A 1 53  ? -13.437 -3.958  14.481  1.00 13.12 ? 76  LYS A NZ  1 
ATOM   415  N N   . GLY A 1 54  ? -8.974  2.385   12.755  1.00 8.23  ? 77  GLY A N   1 
ATOM   416  C CA  . GLY A 1 54  ? -8.002  3.427   13.054  1.00 8.34  ? 77  GLY A CA  1 
ATOM   417  C C   . GLY A 1 54  ? -7.020  3.744   11.935  1.00 8.09  ? 77  GLY A C   1 
ATOM   418  O O   . GLY A 1 54  ? -6.006  4.411   12.178  1.00 8.35  ? 77  GLY A O   1 
ATOM   419  N N   . PHE A 1 55  ? -7.315  3.294   10.708  1.00 6.51  ? 78  PHE A N   1 
ATOM   420  C CA  . PHE A 1 55  ? -6.397  3.478   9.584   1.00 5.80  ? 78  PHE A CA  1 
ATOM   421  C C   . PHE A 1 55  ? -6.609  4.834   8.937   1.00 5.98  ? 78  PHE A C   1 
ATOM   422  O O   . PHE A 1 55  ? -7.709  5.124   8.455   1.00 5.52  ? 78  PHE A O   1 
ATOM   423  C CB  . PHE A 1 55  ? -6.597  2.348   8.558   1.00 4.81  ? 78  PHE A CB  1 
ATOM   424  C CG  . PHE A 1 55  ? -5.623  2.350   7.381   1.00 5.81  ? 78  PHE A CG  1 
ATOM   425  C CD1 . PHE A 1 55  ? -4.244  2.568   7.566   1.00 4.77  ? 78  PHE A CD1 1 
ATOM   426  C CD2 . PHE A 1 55  ? -6.092  2.054   6.093   1.00 5.56  ? 78  PHE A CD2 1 
ATOM   427  C CE1 . PHE A 1 55  ? -3.343  2.509   6.495   1.00 6.04  ? 78  PHE A CE1 1 
ATOM   428  C CE2 . PHE A 1 55  ? -5.208  2.002   4.993   1.00 4.32  ? 78  PHE A CE2 1 
ATOM   429  C CZ  . PHE A 1 55  ? -3.820  2.233   5.196   1.00 5.95  ? 78  PHE A CZ  1 
ATOM   430  N N   . GLU A 1 56  ? -5.556  5.661   8.906   1.00 5.60  ? 79  GLU A N   1 
ATOM   431  C CA  . GLU A 1 56  ? -5.564  6.840   8.037   1.00 5.46  ? 79  GLU A CA  1 
ATOM   432  C C   . GLU A 1 56  ? -4.198  7.117   7.440   1.00 5.43  ? 79  GLU A C   1 
ATOM   433  O O   . GLU A 1 56  ? -3.162  6.778   8.043   1.00 5.35  ? 79  GLU A O   1 
ATOM   434  C CB  . GLU A 1 56  ? -6.123  8.094   8.751   1.00 6.44  ? 79  GLU A CB  1 
ATOM   435  C CG  . GLU A 1 56  ? -5.218  8.676   9.850   1.00 8.77  ? 79  GLU A CG  1 
ATOM   436  C CD  . GLU A 1 56  ? -5.709  10.040  10.368  1.00 10.60 ? 79  GLU A CD  1 
ATOM   437  O OE1 . GLU A 1 56  ? -6.721  10.596  9.837   1.00 9.13  ? 79  GLU A OE1 1 
ATOM   438  O OE2 . GLU A 1 56  ? -5.076  10.542  11.317  1.00 10.81 ? 79  GLU A OE2 1 
ATOM   439  N N   . THR A 1 57  ? -4.188  7.716   6.242   1.00 5.44  ? 80  THR A N   1 
ATOM   440  C CA  . THR A 1 57  ? -2.943  8.148   5.598   1.00 5.43  ? 80  THR A CA  1 
ATOM   441  C C   . THR A 1 57  ? -3.144  9.543   5.005   1.00 6.17  ? 80  THR A C   1 
ATOM   442  O O   . THR A 1 57  ? -4.252  10.089  5.023   1.00 5.17  ? 80  THR A O   1 
ATOM   443  C CB  . THR A 1 57  ? -2.480  7.200   4.449   1.00 5.16  ? 80  THR A CB  1 
ATOM   444  O OG1 . THR A 1 57  ? -3.241  7.489   3.271   1.00 4.87  ? 80  THR A OG1 1 
ATOM   445  C CG2 . THR A 1 57  ? -2.605  5.698   4.806   1.00 5.43  ? 80  THR A CG2 1 
ATOM   446  N N   . CYS A 1 58  ? -2.063  10.119  4.497   1.00 6.28  ? 81  CYS A N   1 
ATOM   447  C CA  . CYS A 1 58  ? -2.140  11.382  3.767   1.00 6.79  ? 81  CYS A CA  1 
ATOM   448  C C   . CYS A 1 58  ? -1.659  11.187  2.325   1.00 7.25  ? 81  CYS A C   1 
ATOM   449  O O   . CYS A 1 58  ? -1.056  12.105  1.733   1.00 6.48  ? 81  CYS A O   1 
ATOM   450  C CB  . CYS A 1 58  ? -1.291  12.453  4.464   1.00 7.31  ? 81  CYS A CB  1 
ATOM   451  S SG  . CYS A 1 58  ? -1.672  14.111  3.835   1.00 10.65 ? 81  CYS A SG  1 
ATOM   452  N N   . ARG A 1 59  ? -1.919  9.997   1.773   1.00 6.79  ? 82  ARG A N   1 
ATOM   453  C CA  . ARG A 1 59  ? -1.447  9.630   0.449   1.00 7.24  ? 82  ARG A CA  1 
ATOM   454  C C   . ARG A 1 59  ? -2.520  8.916   -0.389  1.00 7.67  ? 82  ARG A C   1 
ATOM   455  O O   . ARG A 1 59  ? -3.219  8.007   0.110   1.00 7.22  ? 82  ARG A O   1 
ATOM   456  C CB  . ARG A 1 59  ? -0.222  8.680   0.553   1.00 7.64  ? 82  ARG A CB  1 
ATOM   457  C CG  . ARG A 1 59  ? 1.008   9.262   1.286   1.00 7.30  ? 82  ARG A CG  1 
ATOM   458  C CD  . ARG A 1 59  ? 1.838   10.188  0.375   1.00 7.57  ? 82  ARG A CD  1 
ATOM   459  N NE  . ARG A 1 59  ? 2.519   9.438   -0.693  1.00 8.87  ? 82  ARG A NE  1 
ATOM   460  C CZ  . ARG A 1 59  ? 3.330   9.964   -1.616  1.00 9.16  ? 82  ARG A CZ  1 
ATOM   461  N NH1 . ARG A 1 59  ? 3.893   9.158   -2.541  1.00 5.21  ? 82  ARG A NH1 1 
ATOM   462  N NH2 . ARG A 1 59  ? 3.625   11.266  -1.581  1.00 8.27  ? 82  ARG A NH2 1 
ATOM   463  N N   . TYR A 1 60  ? -2.611  9.320   -1.655  1.00 6.72  ? 83  TYR A N   1 
ATOM   464  C CA  . TYR A 1 60  ? -3.423  8.630   -2.669  1.00 8.20  ? 83  TYR A CA  1 
ATOM   465  C C   . TYR A 1 60  ? -2.847  7.253   -2.943  1.00 7.18  ? 83  TYR A C   1 
ATOM   466  O O   . TYR A 1 60  ? -1.637  7.120   -3.121  1.00 6.82  ? 83  TYR A O   1 
ATOM   467  C CB  . TYR A 1 60  ? -3.405  9.394   -3.991  1.00 8.04  ? 83  TYR A CB  1 
ATOM   468  C CG  . TYR A 1 60  ? -4.175  10.693  -3.948  1.00 10.54 ? 83  TYR A CG  1 
ATOM   469  C CD1 . TYR A 1 60  ? -5.547  10.705  -3.686  1.00 12.31 ? 83  TYR A CD1 1 
ATOM   470  C CD2 . TYR A 1 60  ? -3.524  11.913  -4.162  1.00 13.05 ? 83  TYR A CD2 1 
ATOM   471  C CE1 . TYR A 1 60  ? -6.267  11.924  -3.648  1.00 14.26 ? 83  TYR A CE1 1 
ATOM   472  C CE2 . TYR A 1 60  ? -4.223  13.125  -4.123  1.00 16.33 ? 83  TYR A CE2 1 
ATOM   473  C CZ  . TYR A 1 60  ? -5.586  13.118  -3.867  1.00 16.28 ? 83  TYR A CZ  1 
ATOM   474  O OH  . TYR A 1 60  ? -6.257  14.311  -3.832  1.00 18.67 ? 83  TYR A OH  1 
ATOM   475  N N   . GLY A 1 61  ? -3.710  6.242   -2.956  1.00 6.29  ? 84  GLY A N   1 
ATOM   476  C CA  . GLY A 1 61  ? -3.306  4.874   -3.303  1.00 5.64  ? 84  GLY A CA  1 
ATOM   477  C C   . GLY A 1 61  ? -4.471  4.077   -3.889  1.00 6.32  ? 84  GLY A C   1 
ATOM   478  O O   . GLY A 1 61  ? -5.623  4.322   -3.534  1.00 4.92  ? 84  GLY A O   1 
ATOM   479  N N   . PHE A 1 62  ? -4.151  3.113   -4.760  1.00 5.73  ? 85  PHE A N   1 
ATOM   480  C CA  . PHE A 1 62  ? -5.120  2.185   -5.352  1.00 6.91  ? 85  PHE A CA  1 
ATOM   481  C C   . PHE A 1 62  ? -5.812  1.274   -4.348  1.00 7.00  ? 85  PHE A C   1 
ATOM   482  O O   . PHE A 1 62  ? -5.190  0.773   -3.417  1.00 5.74  ? 85  PHE A O   1 
ATOM   483  C CB  . PHE A 1 62  ? -4.414  1.265   -6.355  1.00 6.55  ? 85  PHE A CB  1 
ATOM   484  C CG  . PHE A 1 62  ? -3.806  2.000   -7.508  1.00 8.23  ? 85  PHE A CG  1 
ATOM   485  C CD1 . PHE A 1 62  ? -4.613  2.540   -8.500  1.00 8.67  ? 85  PHE A CD1 1 
ATOM   486  C CD2 . PHE A 1 62  ? -2.422  2.130   -7.604  1.00 8.26  ? 85  PHE A CD2 1 
ATOM   487  C CE1 . PHE A 1 62  ? -4.028  3.231   -9.615  1.00 9.27  ? 85  PHE A CE1 1 
ATOM   488  C CE2 . PHE A 1 62  ? -1.844  2.802   -8.671  1.00 8.59  ? 85  PHE A CE2 1 
ATOM   489  C CZ  . PHE A 1 62  ? -2.657  3.345   -9.692  1.00 7.03  ? 85  PHE A CZ  1 
ATOM   490  N N   . ILE A 1 63  ? -7.118  1.110   -4.543  1.00 7.32  ? 86  ILE A N   1 
ATOM   491  C CA  . ILE A 1 63  ? -7.865  -0.041  -4.043  1.00 7.81  ? 86  ILE A CA  1 
ATOM   492  C C   . ILE A 1 63  ? -8.514  -0.650  -5.306  1.00 8.26  ? 86  ILE A C   1 
ATOM   493  O O   . ILE A 1 63  ? -8.211  -0.222  -6.415  1.00 8.03  ? 86  ILE A O   1 
ATOM   494  C CB  . ILE A 1 63  ? -8.952  0.345   -2.988  1.00 7.66  ? 86  ILE A CB  1 
ATOM   495  C CG1 . ILE A 1 63  ? -10.005 1.317   -3.569  1.00 8.01  ? 86  ILE A CG1 1 
ATOM   496  C CG2 . ILE A 1 63  ? -8.287  0.898   -1.722  1.00 7.89  ? 86  ILE A CG2 1 
ATOM   497  C CD1 . ILE A 1 63  ? -11.372 1.443   -2.735  1.00 8.22  ? 86  ILE A CD1 1 
ATOM   498  N N   . GLU A 1 64  ? -9.366  -1.653  -5.156  1.00 8.36  ? 87  GLU A N   1 
ATOM   499  C CA  . GLU A 1 64  ? -10.038 -2.215  -6.303  1.00 10.53 ? 87  GLU A CA  1 
ATOM   500  C C   . GLU A 1 64  ? -11.027 -1.150  -6.801  1.00 10.14 ? 87  GLU A C   1 
ATOM   501  O O   . GLU A 1 64  ? -11.946 -0.755  -6.067  1.00 11.80 ? 87  GLU A O   1 
ATOM   502  C CB  . GLU A 1 64  ? -10.755 -3.504  -5.910  1.00 11.13 ? 87  GLU A CB  1 
ATOM   503  C CG  . GLU A 1 64  ? -11.391 -4.231  -7.089  1.00 15.66 ? 87  GLU A CG  1 
ATOM   504  C CD  . GLU A 1 64  ? -10.360 -4.756  -8.092  1.00 20.12 ? 87  GLU A CD  1 
ATOM   505  O OE1 . GLU A 1 64  ? -9.324  -5.344  -7.684  1.00 19.57 ? 87  GLU A OE1 1 
ATOM   506  O OE2 . GLU A 1 64  ? -10.591 -4.581  -9.309  1.00 24.31 ? 87  GLU A OE2 1 
ATOM   507  N N   . GLY A 1 65  ? -10.805 -0.647  -8.011  1.00 10.09 ? 88  GLY A N   1 
ATOM   508  C CA  . GLY A 1 65  ? -11.733 0.290   -8.641  1.00 8.79  ? 88  GLY A CA  1 
ATOM   509  C C   . GLY A 1 65  ? -11.501 1.789   -8.520  1.00 7.87  ? 88  GLY A C   1 
ATOM   510  O O   . GLY A 1 65  ? -11.923 2.548   -9.405  1.00 7.84  ? 88  GLY A O   1 
ATOM   511  N N   . ASN A 1 66  ? -10.802 2.231   -7.463  1.00 7.22  ? 89  ASN A N   1 
ATOM   512  C CA  . ASN A 1 66  ? -10.600 3.673   -7.222  1.00 6.71  ? 89  ASN A CA  1 
ATOM   513  C C   . ASN A 1 66  ? -9.256  3.967   -6.611  1.00 6.37  ? 89  ASN A C   1 
ATOM   514  O O   . ASN A 1 66  ? -8.498  3.063   -6.293  1.00 7.38  ? 89  ASN A O   1 
ATOM   515  C CB  . ASN A 1 66  ? -11.670 4.269   -6.299  1.00 5.80  ? 89  ASN A CB  1 
ATOM   516  C CG  . ASN A 1 66  ? -13.051 4.289   -6.926  1.00 6.97  ? 89  ASN A CG  1 
ATOM   517  O OD1 . ASN A 1 66  ? -13.853 3.403   -6.652  1.00 6.14  ? 89  ASN A OD1 1 
ATOM   518  N ND2 . ASN A 1 66  ? -13.343 5.309   -7.745  1.00 3.83  ? 89  ASN A ND2 1 
ATOM   519  N N   . VAL A 1 67  ? -8.975  5.252   -6.484  1.00 6.32  ? 90  VAL A N   1 
ATOM   520  C CA  . VAL A 1 67  ? -7.782  5.758   -5.841  1.00 6.08  ? 90  VAL A CA  1 
ATOM   521  C C   . VAL A 1 67  ? -8.336  6.570   -4.664  1.00 6.41  ? 90  VAL A C   1 
ATOM   522  O O   . VAL A 1 67  ? -9.231  7.439   -4.826  1.00 5.48  ? 90  VAL A O   1 
ATOM   523  C CB  . VAL A 1 67  ? -6.975  6.637   -6.828  1.00 6.92  ? 90  VAL A CB  1 
ATOM   524  C CG1 . VAL A 1 67  ? -5.825  7.363   -6.121  1.00 6.62  ? 90  VAL A CG1 1 
ATOM   525  C CG2 . VAL A 1 67  ? -6.463  5.767   -8.032  1.00 7.52  ? 90  VAL A CG2 1 
ATOM   526  N N   . VAL A 1 68  ? -7.857  6.268   -3.464  1.00 5.49  ? 91  VAL A N   1 
ATOM   527  C CA  . VAL A 1 68  ? -8.482  6.847   -2.263  1.00 5.55  ? 91  VAL A CA  1 
ATOM   528  C C   . VAL A 1 68  ? -7.464  7.252   -1.202  1.00 5.62  ? 91  VAL A C   1 
ATOM   529  O O   . VAL A 1 68  ? -6.307  6.887   -1.281  1.00 6.09  ? 91  VAL A O   1 
ATOM   530  C CB  . VAL A 1 68  ? -9.416  5.793   -1.594  1.00 5.80  ? 91  VAL A CB  1 
ATOM   531  C CG1 . VAL A 1 68  ? -10.481 5.254   -2.602  1.00 7.41  ? 91  VAL A CG1 1 
ATOM   532  C CG2 . VAL A 1 68  ? -8.577  4.624   -1.016  1.00 5.51  ? 91  VAL A CG2 1 
ATOM   533  N N   . ILE A 1 69  ? -7.924  8.022   -0.218  1.00 5.17  ? 92  ILE A N   1 
ATOM   534  C CA  . ILE A 1 69  ? -7.187  8.301   0.986   1.00 5.06  ? 92  ILE A CA  1 
ATOM   535  C C   . ILE A 1 69  ? -8.159  8.092   2.151   1.00 4.97  ? 92  ILE A C   1 
ATOM   536  O O   . ILE A 1 69  ? -9.177  8.770   2.220   1.00 5.13  ? 92  ILE A O   1 
ATOM   537  C CB  . ILE A 1 69  ? -6.709  9.774   1.062   1.00 5.03  ? 92  ILE A CB  1 
ATOM   538  C CG1 . ILE A 1 69  ? -5.910  10.177  -0.191  1.00 5.60  ? 92  ILE A CG1 1 
ATOM   539  C CG2 . ILE A 1 69  ? -5.833  9.969   2.274   1.00 6.12  ? 92  ILE A CG2 1 
ATOM   540  C CD1 . ILE A 1 69  ? -5.289  11.549  -0.105  1.00 5.84  ? 92  ILE A CD1 1 
ATOM   541  N N   . PRO A 1 70  ? -7.837  7.170   3.079   1.00 5.18  ? 93  PRO A N   1 
ATOM   542  C CA  . PRO A 1 70  ? -8.646  7.038   4.290   1.00 4.58  ? 93  PRO A CA  1 
ATOM   543  C C   . PRO A 1 70  ? -8.272  8.123   5.272   1.00 5.31  ? 93  PRO A C   1 
ATOM   544  O O   . PRO A 1 70  ? -7.083  8.296   5.602   1.00 4.76  ? 93  PRO A O   1 
ATOM   545  C CB  . PRO A 1 70  ? -8.255  5.653   4.836   1.00 4.63  ? 93  PRO A CB  1 
ATOM   546  C CG  . PRO A 1 70  ? -6.867  5.414   4.331   1.00 4.26  ? 93  PRO A CG  1 
ATOM   547  C CD  . PRO A 1 70  ? -6.739  6.176   3.018   1.00 4.91  ? 93  PRO A CD  1 
ATOM   548  N N   . ARG A 1 71  ? -9.283  8.851   5.737   1.00 7.11  ? 94  ARG A N   1 
ATOM   549  C CA  . ARG A 1 71  ? -9.073  9.927   6.716   1.00 7.43  ? 94  ARG A CA  1 
ATOM   550  C C   . ARG A 1 71  ? -9.964  9.747   7.940   1.00 8.05  ? 94  ARG A C   1 
ATOM   551  O O   . ARG A 1 71  ? -11.189 9.562   7.827   1.00 7.97  ? 94  ARG A O   1 
ATOM   552  C CB  . ARG A 1 71  ? -9.358  11.308  6.087   1.00 7.81  ? 94  ARG A CB  1 
ATOM   553  C CG  . ARG A 1 71  ? -8.461  11.708  4.916   1.00 7.49  ? 94  ARG A CG  1 
ATOM   554  C CD  . ARG A 1 71  ? -7.008  11.875  5.330   1.00 10.41 ? 94  ARG A CD  1 
ATOM   555  N NE  . ARG A 1 71  ? -6.841  12.712  6.527   1.00 11.18 ? 94  ARG A NE  1 
ATOM   556  C CZ  . ARG A 1 71  ? -5.761  12.685  7.301   1.00 12.00 ? 94  ARG A CZ  1 
ATOM   557  N NH1 . ARG A 1 71  ? -4.780  11.843  7.012   1.00 8.54  ? 94  ARG A NH1 1 
ATOM   558  N NH2 . ARG A 1 71  ? -5.667  13.487  8.364   1.00 13.20 ? 94  ARG A NH2 1 
ATOM   559  N N   . ILE A 1 72  ? -9.342  9.838   9.111   1.00 8.20  ? 95  ILE A N   1 
ATOM   560  C CA  . ILE A 1 72  ? -10.081 9.880   10.345  1.00 9.10  ? 95  ILE A CA  1 
ATOM   561  C C   . ILE A 1 72  ? -10.236 11.322  10.815  1.00 10.06 ? 95  ILE A C   1 
ATOM   562  O O   . ILE A 1 72  ? -11.370 11.783  11.064  1.00 9.92  ? 95  ILE A O   1 
ATOM   563  C CB  . ILE A 1 72  ? -9.374  9.030   11.423  1.00 8.85  ? 95  ILE A CB  1 
ATOM   564  C CG1 . ILE A 1 72  ? -9.392  7.561   10.985  1.00 9.18  ? 95  ILE A CG1 1 
ATOM   565  C CG2 . ILE A 1 72  ? -10.042 9.210   12.760  1.00 8.66  ? 95  ILE A CG2 1 
ATOM   566  C CD1 . ILE A 1 72  ? -8.640  6.638   11.893  1.00 10.55 ? 95  ILE A CD1 1 
ATOM   567  N N   . HIS A 1 73  ? -9.093  12.012  10.943  1.00 11.45 ? 96  HIS A N   1 
ATOM   568  C CA  . HIS A 1 73  ? -9.034  13.412  11.370  1.00 13.51 ? 96  HIS A CA  1 
ATOM   569  C C   . HIS A 1 73  ? -9.005  14.376  10.187  1.00 14.18 ? 96  HIS A C   1 
ATOM   570  O O   . HIS A 1 73  ? -8.318  14.122  9.177   1.00 15.22 ? 96  HIS A O   1 
ATOM   571  C CB  . HIS A 1 73  ? -7.829  13.651  12.289  1.00 14.10 ? 96  HIS A CB  1 
ATOM   572  C CG  . HIS A 1 73  ? -7.756  12.689  13.432  1.00 15.59 ? 96  HIS A CG  1 
ATOM   573  N ND1 . HIS A 1 73  ? -6.948  11.569  13.416  1.00 19.87 ? 96  HIS A ND1 1 
ATOM   574  C CD2 . HIS A 1 73  ? -8.418  12.657  14.613  1.00 18.72 ? 96  HIS A CD2 1 
ATOM   575  C CE1 . HIS A 1 73  ? -7.103  10.898  14.547  1.00 19.77 ? 96  HIS A CE1 1 
ATOM   576  N NE2 . HIS A 1 73  ? -7.988  11.537  15.288  1.00 19.39 ? 96  HIS A NE2 1 
ATOM   577  N N   . PRO A 1 74  ? -9.775  15.467  10.284  1.00 14.96 ? 97  PRO A N   1 
ATOM   578  C CA  . PRO A 1 74  ? -9.754  16.459  9.220   1.00 15.77 ? 97  PRO A CA  1 
ATOM   579  C C   . PRO A 1 74  ? -8.435  17.247  9.278   1.00 17.06 ? 97  PRO A C   1 
ATOM   580  O O   . PRO A 1 74  ? -8.021  17.697  10.358  1.00 17.68 ? 97  PRO A O   1 
ATOM   581  C CB  . PRO A 1 74  ? -10.988 17.343  9.516   1.00 16.38 ? 97  PRO A CB  1 
ATOM   582  C CG  . PRO A 1 74  ? -11.351 17.059  10.917  1.00 14.61 ? 97  PRO A CG  1 
ATOM   583  C CD  . PRO A 1 74  ? -10.899 15.675  11.220  1.00 14.99 ? 97  PRO A CD  1 
ATOM   584  N N   . ASN A 1 75  ? -7.766  17.340  8.127   1.00 17.02 ? 98  ASN A N   1 
ATOM   585  C CA  . ASN A 1 75  ? -6.493  18.047  7.982   1.00 17.63 ? 98  ASN A CA  1 
ATOM   586  C C   . ASN A 1 75  ? -6.566  18.721  6.622   1.00 17.74 ? 98  ASN A C   1 
ATOM   587  O O   . ASN A 1 75  ? -6.910  18.068  5.602   1.00 16.78 ? 98  ASN A O   1 
ATOM   588  C CB  . ASN A 1 75  ? -5.326  17.052  8.061   1.00 18.36 ? 98  ASN A CB  1 
ATOM   589  C CG  . ASN A 1 75  ? -3.953  17.727  8.089   1.00 20.00 ? 98  ASN A CG  1 
ATOM   590  O OD1 . ASN A 1 75  ? -3.683  18.648  7.331   1.00 22.22 ? 98  ASN A OD1 1 
ATOM   591  N ND2 . ASN A 1 75  ? -3.068  17.225  8.941   1.00 21.96 ? 98  ASN A ND2 1 
ATOM   592  N N   . ALA A 1 76  ? -6.299  20.030  6.609   1.00 17.43 ? 99  ALA A N   1 
ATOM   593  C CA  . ALA A 1 76  ? -6.452  20.863  5.398   1.00 17.40 ? 99  ALA A CA  1 
ATOM   594  C C   . ALA A 1 76  ? -5.604  20.389  4.208   1.00 17.21 ? 99  ALA A C   1 
ATOM   595  O O   . ALA A 1 76  ? -6.002  20.555  3.051   1.00 18.00 ? 99  ALA A O   1 
ATOM   596  C CB  . ALA A 1 76  ? -6.147  22.319  5.702   1.00 17.22 ? 99  ALA A CB  1 
ATOM   597  N N   . ILE A 1 77  ? -4.455  19.801  4.501   1.00 17.10 ? 100 ILE A N   1 
ATOM   598  C CA  . ILE A 1 77  ? -3.502  19.372  3.458   1.00 17.92 ? 100 ILE A CA  1 
ATOM   599  C C   . ILE A 1 77  ? -3.595  17.856  3.120   1.00 17.78 ? 100 ILE A C   1 
ATOM   600  O O   . ILE A 1 77  ? -2.785  17.348  2.328   1.00 18.02 ? 100 ILE A O   1 
ATOM   601  C CB  . ILE A 1 77  ? -2.046  19.774  3.827   1.00 17.98 ? 100 ILE A CB  1 
ATOM   602  C CG1 . ILE A 1 77  ? -1.525  18.920  4.992   1.00 18.13 ? 100 ILE A CG1 1 
ATOM   603  C CG2 . ILE A 1 77  ? -1.985  21.283  4.151   1.00 19.73 ? 100 ILE A CG2 1 
ATOM   604  C CD1 . ILE A 1 77  ? 0.018   18.827  5.086   1.00 21.17 ? 100 ILE A CD1 1 
ATOM   605  N N   . CYS A 1 78  ? -4.569  17.157  3.718   1.00 16.55 ? 101 CYS A N   1 
ATOM   606  C CA  . CYS A 1 78  ? -4.859  15.751  3.390   1.00 16.34 ? 101 CYS A CA  1 
ATOM   607  C C   . CYS A 1 78  ? -6.305  15.562  2.922   1.00 16.32 ? 101 CYS A C   1 
ATOM   608  O O   . CYS A 1 78  ? -7.254  15.597  3.712   1.00 15.51 ? 101 CYS A O   1 
ATOM   609  C CB  . CYS A 1 78  ? -4.556  14.826  4.585   1.00 15.12 ? 101 CYS A CB  1 
ATOM   610  S SG  . CYS A 1 78  ? -2.885  14.995  5.264   1.00 14.59 ? 101 CYS A SG  1 
ATOM   611  N N   . ALA A 1 79  ? -6.461  15.352  1.619   1.00 17.40 ? 102 ALA A N   1 
ATOM   612  C CA  . ALA A 1 79  ? -7.773  15.190  1.006   1.00 18.08 ? 102 ALA A CA  1 
ATOM   613  C C   . ALA A 1 79  ? -8.716  16.353  1.377   1.00 19.12 ? 102 ALA A C   1 
ATOM   614  O O   . ALA A 1 79  ? -9.926  16.151  1.555   1.00 18.91 ? 102 ALA A O   1 
ATOM   615  C CB  . ALA A 1 79  ? -8.369  13.837  1.401   1.00 17.96 ? 102 ALA A CB  1 
ATOM   616  N N   . ALA A 1 80  ? -8.131  17.553  1.532   1.00 20.02 ? 103 ALA A N   1 
ATOM   617  C CA  . ALA A 1 80  ? -8.878  18.805  1.723   1.00 20.47 ? 103 ALA A CA  1 
ATOM   618  C C   . ALA A 1 80  ? -9.899  18.745  2.858   1.00 20.43 ? 103 ALA A C   1 
ATOM   619  O O   . ALA A 1 80  ? -11.100 18.944  2.619   1.00 21.19 ? 103 ALA A O   1 
ATOM   620  C CB  . ALA A 1 80  ? -9.573  19.196  0.392   1.00 21.33 ? 103 ALA A CB  1 
ATOM   621  N N   . ASN A 1 81  ? -9.431  18.396  4.061   1.00 19.38 ? 104 ASN A N   1 
ATOM   622  C CA  . ASN A 1 81  ? -10.245 18.344  5.286   1.00 19.04 ? 104 ASN A CA  1 
ATOM   623  C C   . ASN A 1 81  ? -11.383 17.303  5.320   1.00 18.03 ? 104 ASN A C   1 
ATOM   624  O O   . ASN A 1 81  ? -12.151 17.270  6.277   1.00 17.70 ? 104 ASN A O   1 
ATOM   625  C CB  . ASN A 1 81  ? -10.772 19.747  5.682   1.00 18.79 ? 104 ASN A CB  1 
ATOM   626  C CG  . ASN A 1 81  ? -9.920  20.436  6.726   1.00 20.87 ? 104 ASN A CG  1 
ATOM   627  O OD1 . ASN A 1 81  ? -9.363  19.808  7.622   1.00 20.47 ? 104 ASN A OD1 1 
ATOM   628  N ND2 . ASN A 1 81  ? -9.827  21.776  6.624   1.00 26.47 ? 104 ASN A ND2 1 
ATOM   629  N N   . HIS A 1 82  ? -11.476 16.431  4.314   1.00 17.23 ? 105 HIS A N   1 
ATOM   630  C CA  . HIS A 1 82  ? -12.491 15.382  4.357   1.00 16.10 ? 105 HIS A CA  1 
ATOM   631  C C   . HIS A 1 82  ? -12.104 14.325  5.390   1.00 15.03 ? 105 HIS A C   1 
ATOM   632  O O   . HIS A 1 82  ? -10.933 14.142  5.704   1.00 13.91 ? 105 HIS A O   1 
ATOM   633  C CB  . HIS A 1 82  ? -12.679 14.720  3.002   1.00 17.17 ? 105 HIS A CB  1 
ATOM   634  C CG  . HIS A 1 82  ? -13.453 15.542  2.014   1.00 18.88 ? 105 HIS A CG  1 
ATOM   635  N ND1 . HIS A 1 82  ? -12.935 16.670  1.415   1.00 22.29 ? 105 HIS A ND1 1 
ATOM   636  C CD2 . HIS A 1 82  ? -14.678 15.356  1.465   1.00 20.99 ? 105 HIS A CD2 1 
ATOM   637  C CE1 . HIS A 1 82  ? -13.819 17.168  0.568   1.00 21.57 ? 105 HIS A CE1 1 
ATOM   638  N NE2 . HIS A 1 82  ? -14.881 16.380  0.566   1.00 21.85 ? 105 HIS A NE2 1 
ATOM   639  N N   . THR A 1 83  ? -13.120 13.649  5.906   1.00 13.74 ? 106 THR A N   1 
ATOM   640  C CA  . THR A 1 83  ? -12.958 12.467  6.731   1.00 12.15 ? 106 THR A CA  1 
ATOM   641  C C   . THR A 1 83  ? -13.719 11.354  6.018   1.00 12.10 ? 106 THR A C   1 
ATOM   642  O O   . THR A 1 83  ? -14.540 11.612  5.110   1.00 11.68 ? 106 THR A O   1 
ATOM   643  C CB  . THR A 1 83  ? -13.557 12.671  8.118   1.00 12.20 ? 106 THR A CB  1 
ATOM   644  O OG1 . THR A 1 83  ? -14.973 12.793  7.989   1.00 11.00 ? 106 THR A OG1 1 
ATOM   645  C CG2 . THR A 1 83  ? -13.022 13.940  8.752   1.00 11.01 ? 106 THR A CG2 1 
ATOM   646  N N   . GLY A 1 84  ? -13.435 10.119  6.412   1.00 11.01 ? 107 GLY A N   1 
ATOM   647  C CA  . GLY A 1 84  ? -13.968 8.958   5.732   1.00 9.94  ? 107 GLY A CA  1 
ATOM   648  C C   . GLY A 1 84  ? -13.016 8.543   4.628   1.00 9.02  ? 107 GLY A C   1 
ATOM   649  O O   . GLY A 1 84  ? -11.887 9.039   4.542   1.00 8.17  ? 107 GLY A O   1 
ATOM   650  N N   . VAL A 1 85  ? -13.462 7.610   3.795   1.00 8.07  ? 108 VAL A N   1 
ATOM   651  C CA  . VAL A 1 85  ? -12.606 7.150   2.721   1.00 7.80  ? 108 VAL A CA  1 
ATOM   652  C C   . VAL A 1 85  ? -12.760 8.160   1.586   1.00 7.65  ? 108 VAL A C   1 
ATOM   653  O O   . VAL A 1 85  ? -13.770 8.172   0.921   1.00 8.94  ? 108 VAL A O   1 
ATOM   654  C CB  . VAL A 1 85  ? -12.966 5.726   2.236   1.00 6.74  ? 108 VAL A CB  1 
ATOM   655  C CG1 . VAL A 1 85  ? -11.962 5.275   1.167   1.00 6.52  ? 108 VAL A CG1 1 
ATOM   656  C CG2 . VAL A 1 85  ? -12.930 4.737   3.394   1.00 7.36  ? 108 VAL A CG2 1 
ATOM   657  N N   . TYR A 1 86  ? -11.773 9.025   1.393   1.00 8.48  ? 109 TYR A N   1 
ATOM   658  C CA  . TYR A 1 86  ? -11.905 10.077  0.368   1.00 8.49  ? 109 TYR A CA  1 
ATOM   659  C C   . TYR A 1 86  ? -11.586 9.482   -1.013  1.00 8.67  ? 109 TYR A C   1 
ATOM   660  O O   . TYR A 1 86  ? -10.549 8.823   -1.188  1.00 8.21  ? 109 TYR A O   1 
ATOM   661  C CB  . TYR A 1 86  ? -10.982 11.257  0.683   1.00 9.14  ? 109 TYR A CB  1 
ATOM   662  C CG  . TYR A 1 86  ? -10.912 12.303  -0.427  1.00 11.26 ? 109 TYR A CG  1 
ATOM   663  C CD1 . TYR A 1 86  ? -11.921 13.267  -0.567  1.00 15.10 ? 109 TYR A CD1 1 
ATOM   664  C CD2 . TYR A 1 86  ? -9.845  12.326  -1.318  1.00 15.56 ? 109 TYR A CD2 1 
ATOM   665  C CE1 . TYR A 1 86  ? -11.883 14.216  -1.597  1.00 19.46 ? 109 TYR A CE1 1 
ATOM   666  C CE2 . TYR A 1 86  ? -9.780  13.287  -2.348  1.00 19.49 ? 109 TYR A CE2 1 
ATOM   667  C CZ  . TYR A 1 86  ? -10.801 14.228  -2.477  1.00 20.91 ? 109 TYR A CZ  1 
ATOM   668  O OH  . TYR A 1 86  ? -10.734 15.167  -3.483  1.00 22.17 ? 109 TYR A OH  1 
ATOM   669  N N   . ILE A 1 87  ? -12.458 9.726   -1.993  1.00 8.16  ? 110 ILE A N   1 
ATOM   670  C CA  . ILE A 1 87  ? -12.235 9.168   -3.327  1.00 7.16  ? 110 ILE A CA  1 
ATOM   671  C C   . ILE A 1 87  ? -11.691 10.215  -4.307  1.00 7.73  ? 110 ILE A C   1 
ATOM   672  O O   . ILE A 1 87  ? -12.283 11.287  -4.485  1.00 6.46  ? 110 ILE A O   1 
ATOM   673  C CB  . ILE A 1 87  ? -13.510 8.513   -3.906  1.00 6.79  ? 110 ILE A CB  1 
ATOM   674  C CG1 . ILE A 1 87  ? -14.016 7.417   -2.969  1.00 7.73  ? 110 ILE A CG1 1 
ATOM   675  C CG2 . ILE A 1 87  ? -13.193 7.881   -5.277  1.00 6.42  ? 110 ILE A CG2 1 
ATOM   676  C CD1 . ILE A 1 87  ? -15.342 6.868   -3.377  1.00 8.92  ? 110 ILE A CD1 1 
ATOM   677  N N   . LEU A 1 88  ? -10.567 9.895   -4.954  1.00 7.01  ? 111 LEU A N   1 
ATOM   678  C CA  . LEU A 1 88  ? -10.007 10.804  -5.936  1.00 7.32  ? 111 LEU A CA  1 
ATOM   679  C C   . LEU A 1 88  ? -10.923 10.805  -7.175  1.00 7.19  ? 111 LEU A C   1 
ATOM   680  O O   . LEU A 1 88  ? -11.166 9.751   -7.779  1.00 7.09  ? 111 LEU A O   1 
ATOM   681  C CB  . LEU A 1 88  ? -8.587  10.386  -6.330  1.00 6.69  ? 111 LEU A CB  1 
ATOM   682  C CG  . LEU A 1 88  ? -7.961  11.165  -7.495  1.00 7.95  ? 111 LEU A CG  1 
ATOM   683  C CD1 . LEU A 1 88  ? -7.686  12.579  -7.047  1.00 9.34  ? 111 LEU A CD1 1 
ATOM   684  C CD2 . LEU A 1 88  ? -6.661  10.453  -7.923  1.00 7.01  ? 111 LEU A CD2 1 
ATOM   685  N N   . VAL A 1 89  ? -11.414 11.987  -7.540  1.00 6.67  ? 112 VAL A N   1 
ATOM   686  C CA  . VAL A 1 89  ? -12.374 12.091  -8.636  1.00 7.46  ? 112 VAL A CA  1 
ATOM   687  C C   . VAL A 1 89  ? -11.672 12.511  -9.930  1.00 7.54  ? 112 VAL A C   1 
ATOM   688  O O   . VAL A 1 89  ? -11.784 11.825  -10.937 1.00 7.56  ? 112 VAL A O   1 
ATOM   689  C CB  . VAL A 1 89  ? -13.553 13.039  -8.268  1.00 6.86  ? 112 VAL A CB  1 
ATOM   690  C CG1 . VAL A 1 89  ? -14.527 13.232  -9.441  1.00 9.40  ? 112 VAL A CG1 1 
ATOM   691  C CG2 . VAL A 1 89  ? -14.324 12.458  -7.068  1.00 7.30  ? 112 VAL A CG2 1 
ATOM   692  N N   . THR A 1 90  ? -10.912 13.607  -9.875  1.00 8.16  ? 113 THR A N   1 
ATOM   693  C CA  . THR A 1 90  ? -10.308 14.206  -11.073 1.00 7.69  ? 113 THR A CA  1 
ATOM   694  C C   . THR A 1 90  ? -8.793  14.293  -10.982 1.00 7.53  ? 113 THR A C   1 
ATOM   695  O O   . THR A 1 90  ? -8.257  15.066  -10.188 1.00 6.76  ? 113 THR A O   1 
ATOM   696  C CB  . THR A 1 90  ? -10.841 15.648  -11.327 1.00 8.11  ? 113 THR A CB  1 
ATOM   697  O OG1 . THR A 1 90  ? -12.260 15.622  -11.372 1.00 5.91  ? 113 THR A OG1 1 
ATOM   698  C CG2 . THR A 1 90  ? -10.298 16.216  -12.696 1.00 6.52  ? 113 THR A CG2 1 
ATOM   699  N N   . SER A 1 91  ? -8.107  13.564  -11.847 1.00 6.57  ? 114 SER A N   1 
ATOM   700  C CA  . SER A 1 91  ? -6.654  13.692  -11.945 1.00 6.90  ? 114 SER A CA  1 
ATOM   701  C C   . SER A 1 91  ? -6.182  13.390  -13.366 1.00 7.10  ? 114 SER A C   1 
ATOM   702  O O   . SER A 1 91  ? -6.748  12.504  -14.039 1.00 7.69  ? 114 SER A O   1 
ATOM   703  C CB  . SER A 1 91  ? -5.989  12.759  -10.927 1.00 7.38  ? 114 SER A CB  1 
ATOM   704  O OG  . SER A 1 91  ? -4.588  12.634  -11.123 1.00 4.75  ? 114 SER A OG  1 
ATOM   705  N N   . ASN A 1 92  ? -5.146  14.108  -13.824 1.00 6.54  ? 115 ASN A N   1 
ATOM   706  C CA  . ASN A 1 92  ? -4.551  13.873  -15.153 1.00 6.05  ? 115 ASN A CA  1 
ATOM   707  C C   . ASN A 1 92  ? -3.772  12.548  -15.227 1.00 6.21  ? 115 ASN A C   1 
ATOM   708  O O   . ASN A 1 92  ? -3.615  11.946  -16.292 1.00 4.66  ? 115 ASN A O   1 
ATOM   709  C CB  . ASN A 1 92  ? -3.523  14.972  -15.468 1.00 5.13  ? 115 ASN A CB  1 
ATOM   710  C CG  . ASN A 1 92  ? -4.142  16.235  -15.995 1.00 3.13  ? 115 ASN A CG  1 
ATOM   711  O OD1 . ASN A 1 92  ? -5.331  16.273  -16.315 1.00 3.05  ? 115 ASN A OD1 1 
ATOM   712  N ND2 . ASN A 1 92  ? -3.334  17.317  -16.067 1.00 2.98  ? 115 ASN A ND2 1 
ATOM   713  N N   . THR A 1 93  ? -3.268  12.130  -14.066 1.00 6.94  ? 116 THR A N   1 
ATOM   714  C CA  . THR A 1 93  ? -2.101  11.236  -13.983 1.00 7.08  ? 116 THR A CA  1 
ATOM   715  C C   . THR A 1 93  ? -2.442  9.851   -13.422 1.00 7.46  ? 116 THR A C   1 
ATOM   716  O O   . THR A 1 93  ? -3.509  9.651   -12.838 1.00 7.79  ? 116 THR A O   1 
ATOM   717  C CB  . THR A 1 93  ? -0.973  11.885  -13.096 1.00 6.53  ? 116 THR A CB  1 
ATOM   718  O OG1 . THR A 1 93  ? -1.528  12.192  -11.826 1.00 6.18  ? 116 THR A OG1 1 
ATOM   719  C CG2 . THR A 1 93  ? -0.460  13.167  -13.707 1.00 6.64  ? 116 THR A CG2 1 
ATOM   720  N N   . SER A 1 94  ? -1.543  8.887   -13.621 1.00 7.89  ? 117 SER A N   1 
ATOM   721  C CA  . SER A 1 94  ? -1.887  7.470   -13.441 1.00 8.31  ? 117 SER A CA  1 
ATOM   722  C C   . SER A 1 94  ? -1.117  6.744   -12.353 1.00 8.14  ? 117 SER A C   1 
ATOM   723  O O   . SER A 1 94  ? -1.380  5.580   -12.093 1.00 9.12  ? 117 SER A O   1 
ATOM   724  C CB  . SER A 1 94  ? -1.659  6.717   -14.757 1.00 8.66  ? 117 SER A CB  1 
ATOM   725  O OG  . SER A 1 94  ? -0.311  6.861   -15.139 1.00 8.97  ? 117 SER A OG  1 
ATOM   726  N N   . HIS A 1 95  ? -0.156  7.402   -11.735 1.00 7.72  ? 118 HIS A N   1 
ATOM   727  C CA  . HIS A 1 95  ? 0.736   6.698   -10.787 1.00 6.62  ? 118 HIS A CA  1 
ATOM   728  C C   . HIS A 1 95  ? 0.544   7.198   -9.383  1.00 6.41  ? 118 HIS A C   1 
ATOM   729  O O   . HIS A 1 95  ? 0.574   8.395   -9.138  1.00 5.79  ? 118 HIS A O   1 
ATOM   730  C CB  . HIS A 1 95  ? 2.195   6.812   -11.228 1.00 6.07  ? 118 HIS A CB  1 
ATOM   731  C CG  . HIS A 1 95  ? 2.529   5.917   -12.384 1.00 7.75  ? 118 HIS A CG  1 
ATOM   732  N ND1 . HIS A 1 95  ? 1.790   5.897   -13.551 1.00 7.12  ? 118 HIS A ND1 1 
ATOM   733  C CD2 . HIS A 1 95  ? 3.515   5.005   -12.551 1.00 9.17  ? 118 HIS A CD2 1 
ATOM   734  C CE1 . HIS A 1 95  ? 2.301   5.001   -14.379 1.00 9.41  ? 118 HIS A CE1 1 
ATOM   735  N NE2 . HIS A 1 95  ? 3.351   4.450   -13.796 1.00 7.31  ? 118 HIS A NE2 1 
ATOM   736  N N   . TYR A 1 96  ? 0.317   6.261   -8.462  1.00 6.49  ? 119 TYR A N   1 
ATOM   737  C CA  . TYR A 1 96  ? 0.045   6.629   -7.075  1.00 6.18  ? 119 TYR A CA  1 
ATOM   738  C C   . TYR A 1 96  ? 0.790   5.674   -6.123  1.00 5.87  ? 119 TYR A C   1 
ATOM   739  O O   . TYR A 1 96  ? 1.745   4.987   -6.526  1.00 5.59  ? 119 TYR A O   1 
ATOM   740  C CB  . TYR A 1 96  ? -1.475  6.611   -6.809  1.00 5.80  ? 119 TYR A CB  1 
ATOM   741  C CG  . TYR A 1 96  ? -2.261  7.568   -7.695  1.00 4.96  ? 119 TYR A CG  1 
ATOM   742  C CD1 . TYR A 1 96  ? -2.412  8.937   -7.357  1.00 3.48  ? 119 TYR A CD1 1 
ATOM   743  C CD2 . TYR A 1 96  ? -2.850  7.104   -8.878  1.00 5.32  ? 119 TYR A CD2 1 
ATOM   744  C CE1 . TYR A 1 96  ? -3.117  9.805   -8.182  1.00 4.28  ? 119 TYR A CE1 1 
ATOM   745  C CE2 . TYR A 1 96  ? -3.542  7.963   -9.730  1.00 3.51  ? 119 TYR A CE2 1 
ATOM   746  C CZ  . TYR A 1 96  ? -3.683  9.308   -9.371  1.00 5.41  ? 119 TYR A CZ  1 
ATOM   747  O OH  . TYR A 1 96  ? -4.389  10.137  -10.198 1.00 6.35  ? 119 TYR A OH  1 
ATOM   748  N N   . ASP A 1 97  ? 0.386   5.650   -4.858  1.00 5.03  ? 120 ASP A N   1 
ATOM   749  C CA  . ASP A 1 97  ? 0.818   4.545   -3.967  1.00 5.45  ? 120 ASP A CA  1 
ATOM   750  C C   . ASP A 1 97  ? -0.228  3.439   -4.120  1.00 5.61  ? 120 ASP A C   1 
ATOM   751  O O   . ASP A 1 97  ? -1.099  3.506   -4.989  1.00 4.44  ? 120 ASP A O   1 
ATOM   752  C CB  . ASP A 1 97  ? 0.899   4.990   -2.500  1.00 4.91  ? 120 ASP A CB  1 
ATOM   753  C CG  . ASP A 1 97  ? 1.927   6.119   -2.238  1.00 5.20  ? 120 ASP A CG  1 
ATOM   754  O OD1 . ASP A 1 97  ? 2.849   6.395   -3.073  1.00 5.56  ? 120 ASP A OD1 1 
ATOM   755  O OD2 . ASP A 1 97  ? 1.797   6.724   -1.135  1.00 5.35  ? 120 ASP A OD2 1 
ATOM   756  N N   . THR A 1 98  ? -0.127  2.388   -3.313  1.00 6.76  ? 121 THR A N   1 
ATOM   757  C CA  . THR A 1 98  ? -1.182  1.400   -3.316  1.00 7.00  ? 121 THR A CA  1 
ATOM   758  C C   . THR A 1 98  ? -1.561  1.012   -1.900  1.00 6.83  ? 121 THR A C   1 
ATOM   759  O O   . THR A 1 98  ? -0.775  1.177   -0.954  1.00 6.30  ? 121 THR A O   1 
ATOM   760  C CB  . THR A 1 98  ? -0.848  0.147   -4.192  1.00 7.18  ? 121 THR A CB  1 
ATOM   761  O OG1 . THR A 1 98  ? -2.045  -0.609  -4.379  1.00 6.94  ? 121 THR A OG1 1 
ATOM   762  C CG2 . THR A 1 98  ? 0.198   -0.734  -3.525  1.00 6.98  ? 121 THR A CG2 1 
ATOM   763  N N   . TYR A 1 99  ? -2.781  0.500   -1.754  1.00 6.16  ? 122 TYR A N   1 
ATOM   764  C CA  . TYR A 1 99  ? -3.151  -0.179  -0.509  1.00 5.77  ? 122 TYR A CA  1 
ATOM   765  C C   . TYR A 1 99  ? -3.159  -1.655  -0.822  1.00 6.11  ? 122 TYR A C   1 
ATOM   766  O O   . TYR A 1 99  ? -3.306  -2.007  -1.971  1.00 7.27  ? 122 TYR A O   1 
ATOM   767  C CB  . TYR A 1 99  ? -4.521  0.313   -0.016  1.00 5.89  ? 122 TYR A CB  1 
ATOM   768  C CG  . TYR A 1 99  ? -4.456  1.768   0.316   1.00 5.56  ? 122 TYR A CG  1 
ATOM   769  C CD1 . TYR A 1 99  ? -3.875  2.184   1.524   1.00 6.21  ? 122 TYR A CD1 1 
ATOM   770  C CD2 . TYR A 1 99  ? -4.889  2.754   -0.599  1.00 6.24  ? 122 TYR A CD2 1 
ATOM   771  C CE1 . TYR A 1 99  ? -3.750  3.525   1.850   1.00 8.28  ? 122 TYR A CE1 1 
ATOM   772  C CE2 . TYR A 1 99  ? -4.773  4.158   -0.265  1.00 7.22  ? 122 TYR A CE2 1 
ATOM   773  C CZ  . TYR A 1 99  ? -4.184  4.518   0.966   1.00 8.76  ? 122 TYR A CZ  1 
ATOM   774  O OH  . TYR A 1 99  ? -4.020  5.851   1.363   1.00 8.53  ? 122 TYR A OH  1 
ATOM   775  N N   . CYS A 1 100 ? -2.984  -2.514  0.182   1.00 5.92  ? 123 CYS A N   1 
ATOM   776  C CA  . CYS A 1 100 ? -3.060  -3.963  -0.009  1.00 6.61  ? 123 CYS A CA  1 
ATOM   777  C C   . CYS A 1 100 ? -3.865  -4.526  1.149   1.00 6.11  ? 123 CYS A C   1 
ATOM   778  O O   . CYS A 1 100 ? -3.966  -3.888  2.200   1.00 5.73  ? 123 CYS A O   1 
ATOM   779  C CB  . CYS A 1 100 ? -1.663  -4.608  -0.061  1.00 7.00  ? 123 CYS A CB  1 
ATOM   780  S SG  . CYS A 1 100 ? -0.641  -4.101  -1.434  1.00 9.95  ? 123 CYS A SG  1 
ATOM   781  N N   . PHE A 1 101 ? -4.470  -5.689  0.940   1.00 5.83  ? 124 PHE A N   1 
ATOM   782  C CA  . PHE A 1 101 ? -5.263  -6.360  1.964   1.00 6.04  ? 124 PHE A CA  1 
ATOM   783  C C   . PHE A 1 101 ? -4.731  -7.778  2.167   1.00 7.41  ? 124 PHE A C   1 
ATOM   784  O O   . PHE A 1 101 ? -4.748  -8.568  1.217   1.00 7.73  ? 124 PHE A O   1 
ATOM   785  C CB  . PHE A 1 101 ? -6.755  -6.454  1.522   1.00 5.92  ? 124 PHE A CB  1 
ATOM   786  C CG  . PHE A 1 101 ? -7.530  -7.430  2.318   1.00 5.07  ? 124 PHE A CG  1 
ATOM   787  C CD1 . PHE A 1 101 ? -7.676  -7.246  3.694   1.00 6.87  ? 124 PHE A CD1 1 
ATOM   788  C CD2 . PHE A 1 101 ? -8.066  -8.571  1.726   1.00 6.39  ? 124 PHE A CD2 1 
ATOM   789  C CE1 . PHE A 1 101 ? -8.373  -8.199  4.490   1.00 7.94  ? 124 PHE A CE1 1 
ATOM   790  C CE2 . PHE A 1 101 ? -8.744  -9.510  2.490   1.00 7.39  ? 124 PHE A CE2 1 
ATOM   791  C CZ  . PHE A 1 101 ? -8.911  -9.309  3.895   1.00 4.93  ? 124 PHE A CZ  1 
ATOM   792  N N   . ASN A 1 102 ? -4.315  -8.103  3.403   1.00 7.91  ? 125 ASN A N   1 
ATOM   793  C CA  . ASN A 1 102 ? -3.860  -9.434  3.781   1.00 8.54  ? 125 ASN A CA  1 
ATOM   794  C C   . ASN A 1 102 ? -4.882  -10.079 4.758   1.00 8.32  ? 125 ASN A C   1 
ATOM   795  O O   . ASN A 1 102 ? -5.023  -9.652  5.916   1.00 8.65  ? 125 ASN A O   1 
ATOM   796  C CB  . ASN A 1 102 ? -2.438  -9.373  4.399   1.00 8.54  ? 125 ASN A CB  1 
ATOM   797  C CG  . ASN A 1 102 ? -1.830  -10.767 4.619   1.00 12.66 ? 125 ASN A CG  1 
ATOM   798  O OD1 . ASN A 1 102 ? -2.522  -11.699 4.982   1.00 13.00 ? 125 ASN A OD1 1 
ATOM   799  N ND2 . ASN A 1 102 ? -0.533  -10.905 4.371   1.00 17.27 ? 125 ASN A ND2 1 
ATOM   800  N N   . ALA A 1 103 ? -5.602  -11.080 4.271   1.00 8.69  ? 126 ALA A N   1 
ATOM   801  C CA  . ALA A 1 103 ? -6.652  -11.759 5.040   1.00 9.25  ? 126 ALA A CA  1 
ATOM   802  C C   . ALA A 1 103 ? -6.117  -12.449 6.309   1.00 9.32  ? 126 ALA A C   1 
ATOM   803  O O   . ALA A 1 103 ? -6.867  -12.579 7.291   1.00 9.72  ? 126 ALA A O   1 
ATOM   804  C CB  . ALA A 1 103 ? -7.369  -12.788 4.149   1.00 9.72  ? 126 ALA A CB  1 
ATOM   805  N N   . SER A 1 104 ? -4.841  -12.866 6.293   1.00 9.42  ? 127 SER A N   1 
ATOM   806  C CA  . SER A 1 104 ? -4.171  -13.538 7.460   1.00 10.37 ? 127 SER A CA  1 
ATOM   807  C C   . SER A 1 104 ? -3.756  -12.610 8.583   1.00 9.78  ? 127 SER A C   1 
ATOM   808  O O   . SER A 1 104 ? -3.251  -13.065 9.605   1.00 9.74  ? 127 SER A O   1 
ATOM   809  C CB  . SER A 1 104 ? -2.878  -14.250 7.015   1.00 10.39 ? 127 SER A CB  1 
ATOM   810  O OG  . SER A 1 104 ? -3.199  -15.420 6.312   1.00 16.08 ? 127 SER A OG  1 
ATOM   811  N N   . ALA A 1 105 ? -3.899  -11.308 8.373   1.00 10.08 ? 128 ALA A N   1 
ATOM   812  C CA  . ALA A 1 105 ? -3.485  -10.327 9.356   1.00 9.19  ? 128 ALA A CA  1 
ATOM   813  C C   . ALA A 1 105 ? -4.414  -10.342 10.582  1.00 9.09  ? 128 ALA A C   1 
ATOM   814  O O   . ALA A 1 105 ? -5.529  -10.896 10.491  1.00 8.99  ? 128 ALA A O   1 
ATOM   815  C CB  . ALA A 1 105 ? -3.431  -8.928  8.697   1.00 8.70  ? 128 ALA A CB  1 
ATOM   816  N N   . PRO A 1 106 ? -3.988  -9.731  11.726  1.00 8.86  ? 129 PRO A N   1 
ATOM   817  C CA  . PRO A 1 106 ? -4.959  -9.615  12.828  1.00 8.70  ? 129 PRO A CA  1 
ATOM   818  C C   . PRO A 1 106 ? -6.170  -8.730  12.456  1.00 8.43  ? 129 PRO A C   1 
ATOM   819  O O   . PRO A 1 106 ? -6.065  -7.921  11.515  1.00 8.32  ? 129 PRO A O   1 
ATOM   820  C CB  . PRO A 1 106 ? -4.135  -8.988  13.985  1.00 8.68  ? 129 PRO A CB  1 
ATOM   821  C CG  . PRO A 1 106 ? -2.701  -9.289  13.647  1.00 10.19 ? 129 PRO A CG  1 
ATOM   822  C CD  . PRO A 1 106 ? -2.656  -9.217  12.120  1.00 7.96  ? 129 PRO A CD  1 
ATOM   823  N N   . PRO A 1 107 ? -7.312  -8.902  13.165  1.00 8.37  ? 130 PRO A N   1 
ATOM   824  C CA  . PRO A 1 107 ? -8.593  -8.244  12.827  1.00 8.10  ? 130 PRO A CA  1 
ATOM   825  C C   . PRO A 1 107 ? -8.602  -6.731  13.070  1.00 8.50  ? 130 PRO A C   1 
ATOM   826  O O   . PRO A 1 107 ? -9.382  -6.016  12.455  1.00 7.64  ? 130 PRO A O   1 
ATOM   827  C CB  . PRO A 1 107 ? -9.599  -8.923  13.765  1.00 7.90  ? 130 PRO A CB  1 
ATOM   828  C CG  . PRO A 1 107 ? -8.731  -9.392  14.971  1.00 7.98  ? 130 PRO A CG  1 
ATOM   829  C CD  . PRO A 1 107 ? -7.473  -9.857  14.287  1.00 8.98  ? 130 PRO A CD  1 
ATOM   830  N N   . GLU A 1 108 ? -7.758  -6.255  13.975  1.00 8.41  ? 131 GLU A N   1 
ATOM   831  C CA  . GLU A 1 108 ? -7.804  -4.839  14.315  1.00 9.17  ? 131 GLU A CA  1 
ATOM   832  C C   . GLU A 1 108 ? -6.472  -4.173  13.976  1.00 9.21  ? 131 GLU A C   1 
ATOM   833  O O   . GLU A 1 108 ? -5.961  -4.415  12.885  1.00 8.79  ? 131 GLU A O   1 
ATOM   834  C CB  . GLU A 1 108 ? -8.315  -4.694  15.753  1.00 9.50  ? 131 GLU A CB  1 
ATOM   835  C CG  . GLU A 1 108 ? -9.738  -5.257  15.775  1.00 12.23 ? 131 GLU A CG  1 
ATOM   836  C CD  . GLU A 1 108 ? -10.479 -5.077  17.050  1.00 16.91 ? 131 GLU A CD  1 
ATOM   837  O OE1 . GLU A 1 108 ? -9.971  -5.502  18.094  1.00 15.90 ? 131 GLU A OE1 1 
ATOM   838  O OE2 . GLU A 1 108 ? -11.614 -4.567  16.979  1.00 19.68 ? 131 GLU A OE2 1 
ATOM   839  N N   . GLU A 1 109 ? -5.911  -3.351  14.865  1.00 9.42  ? 132 GLU A N   1 
ATOM   840  C CA  . GLU A 1 109 ? -4.617  -2.703  14.589  1.00 9.30  ? 132 GLU A CA  1 
ATOM   841  C C   . GLU A 1 109 ? -3.449  -3.665  14.767  1.00 9.18  ? 132 GLU A C   1 
ATOM   842  O O   . GLU A 1 109 ? -3.331  -4.329  15.812  1.00 8.31  ? 132 GLU A O   1 
ATOM   843  C CB  . GLU A 1 109 ? -4.432  -1.479  15.501  1.00 10.07 ? 132 GLU A CB  1 
ATOM   844  C CG  . GLU A 1 109 ? -3.216  -0.602  15.092  1.00 11.14 ? 132 GLU A CG  1 
ATOM   845  C CD  . GLU A 1 109 ? -3.010  0.594   16.013  1.00 13.26 ? 132 GLU A CD  1 
ATOM   846  O OE1 . GLU A 1 109 ? -2.877  0.379   17.218  1.00 13.40 ? 132 GLU A OE1 1 
ATOM   847  O OE2 . GLU A 1 109 ? -2.944  1.742   15.521  1.00 14.60 ? 132 GLU A OE2 1 
ATOM   848  N N   . ASP A 1 110 ? -2.594  -3.765  13.752  1.00 8.50  ? 133 ASP A N   1 
ATOM   849  C CA  . ASP A 1 110 ? -1.369  -4.556  13.856  1.00 8.59  ? 133 ASP A CA  1 
ATOM   850  C C   . ASP A 1 110 ? -0.213  -3.649  13.466  1.00 8.89  ? 133 ASP A C   1 
ATOM   851  O O   . ASP A 1 110 ? 0.024   -3.425  12.259  1.00 7.63  ? 133 ASP A O   1 
ATOM   852  C CB  . ASP A 1 110 ? -1.410  -5.793  12.915  1.00 8.25  ? 133 ASP A CB  1 
ATOM   853  C CG  . ASP A 1 110 ? -0.110  -6.602  12.949  1.00 8.13  ? 133 ASP A CG  1 
ATOM   854  O OD1 . ASP A 1 110 ? 0.673   -6.432  13.901  1.00 9.11  ? 133 ASP A OD1 1 
ATOM   855  O OD2 . ASP A 1 110 ? 0.150   -7.415  12.027  1.00 9.03  ? 133 ASP A OD2 1 
ATOM   856  N N   . CYS A 1 111 ? 0.454   -3.085  14.481  1.00 9.16  ? 134 CYS A N   1 
ATOM   857  C CA  . CYS A 1 111 ? 1.599   -2.171  14.257  1.00 10.60 ? 134 CYS A CA  1 
ATOM   858  C C   . CYS A 1 111 ? 2.956   -2.827  14.496  1.00 10.96 ? 134 CYS A C   1 
ATOM   859  O O   . CYS A 1 111 ? 3.981   -2.166  14.783  1.00 11.63 ? 134 CYS A O   1 
ATOM   860  C CB  . CYS A 1 111 ? 1.446   -0.865  15.074  1.00 11.28 ? 134 CYS A CB  1 
ATOM   861  S SG  . CYS A 1 111 ? 0.281   0.278   14.310  1.00 12.08 ? 134 CYS A SG  1 
ATOM   862  N N   . THR A 1 112 ? 2.984   -4.142  14.340  1.00 10.90 ? 135 THR A N   1 
ATOM   863  C CA  . THR A 1 112 ? 4.253   -4.810  14.245  1.00 11.17 ? 135 THR A CA  1 
ATOM   864  C C   . THR A 1 112 ? 4.849   -4.585  12.840  1.00 11.37 ? 135 THR A C   1 
ATOM   865  O O   . THR A 1 112 ? 4.147   -4.185  11.898  1.00 11.53 ? 135 THR A O   1 
ATOM   866  C CB  . THR A 1 112 ? 4.157   -6.300  14.500  1.00 10.84 ? 135 THR A CB  1 
ATOM   867  O OG1 . THR A 1 112 ? 3.261   -6.885  13.540  1.00 10.28 ? 135 THR A OG1 1 
ATOM   868  C CG2 . THR A 1 112 ? 3.711   -6.608  15.931  1.00 9.89  ? 135 THR A CG2 1 
ATOM   869  N N   A SER A 1 113 ? 6.145   -4.870  12.725  0.50 11.52 ? 136 SER A N   1 
ATOM   870  N N   B SER A 1 113 ? 6.146   -4.840  12.714  0.50 11.33 ? 136 SER A N   1 
ATOM   871  C CA  A SER A 1 113 ? 6.898   -4.715  11.479  0.50 12.39 ? 136 SER A CA  1 
ATOM   872  C CA  B SER A 1 113 ? 6.850   -4.630  11.450  0.50 11.93 ? 136 SER A CA  1 
ATOM   873  C C   A SER A 1 113 ? 6.568   -5.782  10.451  0.50 12.52 ? 136 SER A C   1 
ATOM   874  C C   B SER A 1 113 ? 6.601   -5.757  10.459  0.50 12.29 ? 136 SER A C   1 
ATOM   875  O O   A SER A 1 113 ? 6.216   -6.904  10.808  0.50 12.44 ? 136 SER A O   1 
ATOM   876  O O   B SER A 1 113 ? 6.332   -6.891  10.850  0.50 12.17 ? 136 SER A O   1 
ATOM   877  C CB  A SER A 1 113 ? 8.397   -4.767  11.761  0.50 11.58 ? 136 SER A CB  1 
ATOM   878  C CB  B SER A 1 113 ? 8.347   -4.489  11.696  0.50 11.14 ? 136 SER A CB  1 
ATOM   879  O OG  A SER A 1 113 ? 8.849   -3.531  12.271  0.50 13.34 ? 136 SER A OG  1 
ATOM   880  O OG  B SER A 1 113 ? 8.797   -5.501  12.563  0.50 10.70 ? 136 SER A OG  1 
ATOM   881  N N   . VAL A 1 114 ? 6.705   -5.426  9.174   1.00 12.91 ? 137 VAL A N   1 
ATOM   882  C CA  . VAL A 1 114 ? 6.646   -6.418  8.085   1.00 13.93 ? 137 VAL A CA  1 
ATOM   883  C C   . VAL A 1 114 ? 8.074   -6.911  7.777   1.00 15.19 ? 137 VAL A C   1 
ATOM   884  O O   . VAL A 1 114 ? 8.968   -6.090  7.478   1.00 14.23 ? 137 VAL A O   1 
ATOM   885  C CB  . VAL A 1 114 ? 6.010   -5.821  6.823   1.00 14.50 ? 137 VAL A CB  1 
ATOM   886  C CG1 . VAL A 1 114 ? 5.829   -6.896  5.740   1.00 14.65 ? 137 VAL A CG1 1 
ATOM   887  C CG2 . VAL A 1 114 ? 4.675   -5.211  7.163   1.00 13.61 ? 137 VAL A CG2 1 
ATOM   888  N N   . THR A 1 115 ? 8.310   -8.229  7.869   1.00 16.13 ? 138 THR A N   1 
ATOM   889  C CA  . THR A 1 115 ? 9.667   -8.762  7.653   1.00 18.12 ? 138 THR A CA  1 
ATOM   890  C C   . THR A 1 115 ? 9.813   -9.773  6.496   1.00 18.40 ? 138 THR A C   1 
ATOM   891  O O   . THR A 1 115 ? 10.783  -10.535 6.466   1.00 18.91 ? 138 THR A O   1 
ATOM   892  C CB  . THR A 1 115 ? 10.288  -9.411  8.935   1.00 18.75 ? 138 THR A CB  1 
ATOM   893  O OG1 . THR A 1 115 ? 9.255   -10.024 9.709   1.00 21.19 ? 138 THR A OG1 1 
ATOM   894  C CG2 . THR A 1 115 ? 11.106  -8.379  9.778   1.00 20.78 ? 138 THR A CG2 1 
ATOM   895  N N   . ASP A 1 116 ? 8.848   -9.803  5.586   1.00 18.47 ? 139 ASP A N   1 
ATOM   896  C CA  . ASP A 1 116 ? 8.970   -10.590 4.366   1.00 19.28 ? 139 ASP A CA  1 
ATOM   897  C C   . ASP A 1 116 ? 8.039   -10.102 3.269   1.00 18.63 ? 139 ASP A C   1 
ATOM   898  O O   . ASP A 1 116 ? 7.092   -9.341  3.517   1.00 17.79 ? 139 ASP A O   1 
ATOM   899  C CB  . ASP A 1 116 ? 8.742   -12.092 4.600   1.00 20.21 ? 139 ASP A CB  1 
ATOM   900  C CG  . ASP A 1 116 ? 9.310   -12.976 3.438   1.00 23.63 ? 139 ASP A CG  1 
ATOM   901  O OD1 . ASP A 1 116 ? 10.052  -12.488 2.524   1.00 24.38 ? 139 ASP A OD1 1 
ATOM   902  O OD2 . ASP A 1 116 ? 9.001   -14.177 3.451   1.00 27.19 ? 139 ASP A OD2 1 
ATOM   903  N N   . LEU A 1 117 ? 8.361   -10.553 2.054   1.00 17.85 ? 140 LEU A N   1 
ATOM   904  C CA  . LEU A 1 117 ? 7.620   -10.340 0.851   1.00 16.84 ? 140 LEU A CA  1 
ATOM   905  C C   . LEU A 1 117 ? 7.468   -11.779 0.381   1.00 16.98 ? 140 LEU A C   1 
ATOM   906  O O   . LEU A 1 117 ? 8.191   -12.225 -0.534  1.00 17.02 ? 140 LEU A O   1 
ATOM   907  C CB  . LEU A 1 117 ? 8.481   -9.516  -0.121  1.00 16.98 ? 140 LEU A CB  1 
ATOM   908  C CG  . LEU A 1 117 ? 7.862   -8.976  -1.410  1.00 15.90 ? 140 LEU A CG  1 
ATOM   909  C CD1 . LEU A 1 117 ? 6.839   -7.917  -1.068  1.00 16.08 ? 140 LEU A CD1 1 
ATOM   910  C CD2 . LEU A 1 117 ? 8.916   -8.385  -2.363  1.00 17.22 ? 140 LEU A CD2 1 
ATOM   911  N N   . PRO A 1 118 ? 6.565   -12.541 1.038   1.00 16.89 ? 141 PRO A N   1 
ATOM   912  C CA  . PRO A 1 118 ? 6.596   -14.006 0.923   1.00 16.17 ? 141 PRO A CA  1 
ATOM   913  C C   . PRO A 1 118 ? 6.366   -14.524 -0.491  1.00 15.84 ? 141 PRO A C   1 
ATOM   914  O O   . PRO A 1 118 ? 6.739   -15.663 -0.798  1.00 16.03 ? 141 PRO A O   1 
ATOM   915  C CB  . PRO A 1 118 ? 5.454   -14.452 1.853   1.00 16.77 ? 141 PRO A CB  1 
ATOM   916  C CG  . PRO A 1 118 ? 4.554   -13.262 1.940   1.00 17.45 ? 141 PRO A CG  1 
ATOM   917  C CD  . PRO A 1 118 ? 5.476   -12.095 1.931   1.00 16.16 ? 141 PRO A CD  1 
ATOM   918  N N   . ASN A 1 119 ? 5.786   -13.703 -1.359  1.00 13.77 ? 142 ASN A N   1 
ATOM   919  C CA  . ASN A 1 119 ? 5.414   -14.204 -2.661  1.00 13.74 ? 142 ASN A CA  1 
ATOM   920  C C   . ASN A 1 119 ? 6.131   -13.527 -3.835  1.00 12.73 ? 142 ASN A C   1 
ATOM   921  O O   . ASN A 1 119 ? 5.681   -13.613 -4.984  1.00 11.95 ? 142 ASN A O   1 
ATOM   922  C CB  . ASN A 1 119 ? 3.904   -14.109 -2.819  1.00 14.91 ? 142 ASN A CB  1 
ATOM   923  C CG  . ASN A 1 119 ? 3.374   -15.103 -3.781  1.00 17.53 ? 142 ASN A CG  1 
ATOM   924  O OD1 . ASN A 1 119 ? 3.935   -16.206 -3.943  1.00 21.73 ? 142 ASN A OD1 1 
ATOM   925  N ND2 . ASN A 1 119 ? 2.289   -14.743 -4.447  1.00 20.81 ? 142 ASN A ND2 1 
ATOM   926  N N   . SER A 1 120 ? 7.269   -12.892 -3.560  1.00 12.18 ? 143 SER A N   1 
ATOM   927  C CA  . SER A 1 120 ? 8.079   -12.323 -4.645  1.00 11.69 ? 143 SER A CA  1 
ATOM   928  C C   . SER A 1 120 ? 8.726   -13.486 -5.406  1.00 11.81 ? 143 SER A C   1 
ATOM   929  O O   . SER A 1 120 ? 8.904   -14.591 -4.850  1.00 10.56 ? 143 SER A O   1 
ATOM   930  C CB  . SER A 1 120 ? 9.159   -11.396 -4.088  1.00 11.71 ? 143 SER A CB  1 
ATOM   931  O OG  . SER A 1 120 ? 9.983   -12.077 -3.161  1.00 11.74 ? 143 SER A OG  1 
ATOM   932  N N   . PHE A 1 121 ? 9.068   -13.258 -6.670  1.00 11.03 ? 144 PHE A N   1 
ATOM   933  C CA  . PHE A 1 121 ? 9.699   -14.334 -7.427  1.00 11.24 ? 144 PHE A CA  1 
ATOM   934  C C   . PHE A 1 121 ? 11.182  -14.097 -7.708  1.00 10.46 ? 144 PHE A C   1 
ATOM   935  O O   . PHE A 1 121 ? 11.734  -13.090 -7.309  1.00 9.86  ? 144 PHE A O   1 
ATOM   936  C CB  . PHE A 1 121 ? 8.906   -14.731 -8.683  1.00 11.83 ? 144 PHE A CB  1 
ATOM   937  C CG  . PHE A 1 121 ? 8.473   -13.593 -9.546  1.00 13.39 ? 144 PHE A CG  1 
ATOM   938  C CD1 . PHE A 1 121 ? 9.298   -13.106 -10.549 1.00 15.10 ? 144 PHE A CD1 1 
ATOM   939  C CD2 . PHE A 1 121 ? 7.202   -13.036 -9.383  1.00 14.98 ? 144 PHE A CD2 1 
ATOM   940  C CE1 . PHE A 1 121 ? 8.872   -12.037 -11.382 1.00 16.12 ? 144 PHE A CE1 1 
ATOM   941  C CE2 . PHE A 1 121 ? 6.764   -11.983 -10.202 1.00 17.92 ? 144 PHE A CE2 1 
ATOM   942  C CZ  . PHE A 1 121 ? 7.600   -11.482 -11.200 1.00 15.50 ? 144 PHE A CZ  1 
ATOM   943  N N   . ASP A 1 122 ? 11.829  -15.060 -8.356  1.00 10.11 ? 145 ASP A N   1 
ATOM   944  C CA  . ASP A 1 122 ? 13.242  -14.921 -8.722  1.00 9.99  ? 145 ASP A CA  1 
ATOM   945  C C   . ASP A 1 122 ? 13.444  -13.666 -9.575  1.00 10.35 ? 145 ASP A C   1 
ATOM   946  O O   . ASP A 1 122 ? 12.652  -13.373 -10.483 1.00 9.51  ? 145 ASP A O   1 
ATOM   947  C CB  . ASP A 1 122 ? 13.742  -16.145 -9.498  1.00 9.31  ? 145 ASP A CB  1 
ATOM   948  C CG  . ASP A 1 122 ? 15.252  -16.103 -9.746  1.00 9.03  ? 145 ASP A CG  1 
ATOM   949  O OD1 . ASP A 1 122 ? 16.021  -16.518 -8.865  1.00 8.77  ? 145 ASP A OD1 1 
ATOM   950  O OD2 . ASP A 1 122 ? 15.666  -15.678 -10.827 1.00 12.38 ? 145 ASP A OD2 1 
ATOM   951  N N   . GLY A 1 123 ? 14.524  -12.950 -9.284  1.00 10.82 ? 146 GLY A N   1 
ATOM   952  C CA  . GLY A 1 123 ? 14.814  -11.712 -10.013 1.00 10.57 ? 146 GLY A CA  1 
ATOM   953  C C   . GLY A 1 123 ? 16.079  -11.049 -9.532  1.00 10.79 ? 146 GLY A C   1 
ATOM   954  O O   . GLY A 1 123 ? 16.669  -11.507 -8.535  1.00 10.54 ? 146 GLY A O   1 
ATOM   955  N N   . PRO A 1 124 ? 16.515  -9.979  -10.251 1.00 10.93 ? 147 PRO A N   1 
ATOM   956  C CA  . PRO A 1 124 ? 17.780  -9.289  -10.040 1.00 11.34 ? 147 PRO A CA  1 
ATOM   957  C C   . PRO A 1 124 ? 17.684  -8.068  -9.107  1.00 11.64 ? 147 PRO A C   1 
ATOM   958  O O   . PRO A 1 124 ? 18.710  -7.453  -8.826  1.00 12.78 ? 147 PRO A O   1 
ATOM   959  C CB  . PRO A 1 124 ? 18.104  -8.783  -11.442 1.00 11.82 ? 147 PRO A CB  1 
ATOM   960  C CG  . PRO A 1 124 ? 16.756  -8.362  -11.962 1.00 11.79 ? 147 PRO A CG  1 
ATOM   961  C CD  . PRO A 1 124 ? 15.801  -9.431  -11.429 1.00 10.66 ? 147 PRO A CD  1 
ATOM   962  N N   . VAL A 1 125 ? 16.483  -7.700  -8.666  1.00 10.78 ? 148 VAL A N   1 
ATOM   963  C CA  . VAL A 1 125 ? 16.280  -6.472  -7.892  1.00 10.17 ? 148 VAL A CA  1 
ATOM   964  C C   . VAL A 1 125 ? 16.530  -6.686  -6.382  1.00 10.65 ? 148 VAL A C   1 
ATOM   965  O O   . VAL A 1 125 ? 16.007  -7.643  -5.791  1.00 9.99  ? 148 VAL A O   1 
ATOM   966  C CB  . VAL A 1 125 ? 14.847  -5.915  -8.120  1.00 10.33 ? 148 VAL A CB  1 
ATOM   967  C CG1 . VAL A 1 125 ? 14.642  -4.610  -7.385  1.00 9.06  ? 148 VAL A CG1 1 
ATOM   968  C CG2 . VAL A 1 125 ? 14.536  -5.747  -9.638  1.00 10.36 ? 148 VAL A CG2 1 
ATOM   969  N N   . THR A 1 126 ? 17.316  -5.803  -5.754  1.00 10.08 ? 149 THR A N   1 
ATOM   970  C CA  . THR A 1 126 ? 17.343  -5.739  -4.282  1.00 10.71 ? 149 THR A CA  1 
ATOM   971  C C   . THR A 1 126 ? 16.088  -5.012  -3.771  1.00 10.32 ? 149 THR A C   1 
ATOM   972  O O   . THR A 1 126 ? 15.943  -3.800  -3.976  1.00 9.77  ? 149 THR A O   1 
ATOM   973  C CB  . THR A 1 126 ? 18.600  -5.001  -3.761  1.00 11.67 ? 149 THR A CB  1 
ATOM   974  O OG1 . THR A 1 126 ? 19.760  -5.706  -4.204  1.00 12.80 ? 149 THR A OG1 1 
ATOM   975  C CG2 . THR A 1 126 ? 18.608  -4.952  -2.214  1.00 12.59 ? 149 THR A CG2 1 
ATOM   976  N N   . ILE A 1 127 ? 15.180  -5.754  -3.147  1.00 9.40  ? 150 ILE A N   1 
ATOM   977  C CA  . ILE A 1 127 ? 13.907  -5.174  -2.710  1.00 9.74  ? 150 ILE A CA  1 
ATOM   978  C C   . ILE A 1 127 ? 13.951  -5.010  -1.207  1.00 9.91  ? 150 ILE A C   1 
ATOM   979  O O   . ILE A 1 127 ? 14.174  -5.997  -0.495  1.00 9.31  ? 150 ILE A O   1 
ATOM   980  C CB  . ILE A 1 127 ? 12.682  -6.058  -3.089  1.00 9.24  ? 150 ILE A CB  1 
ATOM   981  C CG1 . ILE A 1 127 ? 12.537  -6.140  -4.609  1.00 9.39  ? 150 ILE A CG1 1 
ATOM   982  C CG2 . ILE A 1 127 ? 11.423  -5.509  -2.448  1.00 9.80  ? 150 ILE A CG2 1 
ATOM   983  C CD1 . ILE A 1 127 ? 11.608  -7.265  -5.106  1.00 11.01 ? 150 ILE A CD1 1 
ATOM   984  N N   . THR A 1 128 ? 13.724  -3.775  -0.734  1.00 9.19  ? 151 THR A N   1 
ATOM   985  C CA  . THR A 1 128 ? 13.797  -3.495  0.685   1.00 8.42  ? 151 THR A CA  1 
ATOM   986  C C   . THR A 1 128 ? 12.441  -3.035  1.234   1.00 8.71  ? 151 THR A C   1 
ATOM   987  O O   . THR A 1 128 ? 11.892  -2.026  0.809   1.00 9.11  ? 151 THR A O   1 
ATOM   988  C CB  . THR A 1 128 ? 14.927  -2.458  1.005   1.00 8.05  ? 151 THR A CB  1 
ATOM   989  O OG1 . THR A 1 128 ? 16.195  -2.964  0.558   1.00 8.40  ? 151 THR A OG1 1 
ATOM   990  C CG2 . THR A 1 128 ? 14.988  -2.189  2.488   1.00 8.54  ? 151 THR A CG2 1 
ATOM   991  N N   . ILE A 1 129 ? 11.882  -3.822  2.149   1.00 8.77  ? 152 ILE A N   1 
ATOM   992  C CA  . ILE A 1 129 ? 10.751  -3.387  2.941   1.00 7.68  ? 152 ILE A CA  1 
ATOM   993  C C   . ILE A 1 129 ? 11.251  -2.427  4.035   1.00 7.97  ? 152 ILE A C   1 
ATOM   994  O O   . ILE A 1 129 ? 12.160  -2.755  4.854   1.00 7.11  ? 152 ILE A O   1 
ATOM   995  C CB  . ILE A 1 129 ? 10.004  -4.580  3.574   1.00 8.68  ? 152 ILE A CB  1 
ATOM   996  C CG1 . ILE A 1 129 ? 9.500   -5.534  2.477   1.00 10.10 ? 152 ILE A CG1 1 
ATOM   997  C CG2 . ILE A 1 129 ? 8.834   -4.085  4.424   1.00 7.93  ? 152 ILE A CG2 1 
ATOM   998  C CD1 . ILE A 1 129 ? 9.151   -6.889  2.995   1.00 9.96  ? 152 ILE A CD1 1 
ATOM   999  N N   . VAL A 1 130 ? 10.685  -1.231  4.046   1.00 6.19  ? 153 VAL A N   1 
ATOM   1000 C CA  . VAL A 1 130 ? 11.061  -0.267  5.065   1.00 6.42  ? 153 VAL A CA  1 
ATOM   1001 C C   . VAL A 1 130 ? 9.854   0.002   5.950   1.00 6.41  ? 153 VAL A C   1 
ATOM   1002 O O   . VAL A 1 130 ? 8.846   0.535   5.474   1.00 4.27  ? 153 VAL A O   1 
ATOM   1003 C CB  . VAL A 1 130 ? 11.587  1.071   4.516   1.00 5.60  ? 153 VAL A CB  1 
ATOM   1004 C CG1 . VAL A 1 130 ? 12.259  1.848   5.665   1.00 8.79  ? 153 VAL A CG1 1 
ATOM   1005 C CG2 . VAL A 1 130 ? 12.583  0.862   3.324   1.00 5.43  ? 153 VAL A CG2 1 
ATOM   1006 N N   . ASN A 1 131 ? 9.972   -0.379  7.232   1.00 4.88  ? 154 ASN A N   1 
ATOM   1007 C CA  . ASN A 1 131 ? 8.901   -0.094  8.191   1.00 5.64  ? 154 ASN A CA  1 
ATOM   1008 C C   . ASN A 1 131 ? 8.935   1.342   8.683   1.00 6.23  ? 154 ASN A C   1 
ATOM   1009 O O   . ASN A 1 131 ? 9.944   2.017   8.529   1.00 7.10  ? 154 ASN A O   1 
ATOM   1010 C CB  . ASN A 1 131 ? 8.949   -1.137  9.301   1.00 5.58  ? 154 ASN A CB  1 
ATOM   1011 C CG  . ASN A 1 131 ? 8.572   -2.501  8.768   1.00 4.65  ? 154 ASN A CG  1 
ATOM   1012 O OD1 . ASN A 1 131 ? 7.380   -2.784  8.573   1.00 5.12  ? 154 ASN A OD1 1 
ATOM   1013 N ND2 . ASN A 1 131 ? 9.581   -3.309  8.399   1.00 7.39  ? 154 ASN A ND2 1 
ATOM   1014 N N   . ARG A 1 132 ? 7.854   1.821   9.280   1.00 7.01  ? 155 ARG A N   1 
ATOM   1015 C CA  . ARG A 1 132 ? 7.856   3.201   9.760   1.00 7.38  ? 155 ARG A CA  1 
ATOM   1016 C C   . ARG A 1 132 ? 8.858   3.432   10.889  1.00 7.65  ? 155 ARG A C   1 
ATOM   1017 O O   . ARG A 1 132 ? 9.350   4.553   11.016  1.00 8.19  ? 155 ARG A O   1 
ATOM   1018 C CB  . ARG A 1 132 ? 6.431   3.696   10.118  1.00 7.55  ? 155 ARG A CB  1 
ATOM   1019 C CG  . ARG A 1 132 ? 6.268   5.204   10.533  1.00 7.88  ? 155 ARG A CG  1 
ATOM   1020 C CD  . ARG A 1 132 ? 6.700   6.243   9.448   1.00 12.42 ? 155 ARG A CD  1 
ATOM   1021 N NE  . ARG A 1 132 ? 8.162   6.423   9.367   1.00 9.50  ? 155 ARG A NE  1 
ATOM   1022 C CZ  . ARG A 1 132 ? 8.790   7.380   8.671   1.00 11.80 ? 155 ARG A CZ  1 
ATOM   1023 N NH1 . ARG A 1 132 ? 8.118   8.268   7.953   1.00 8.76  ? 155 ARG A NH1 1 
ATOM   1024 N NH2 . ARG A 1 132 ? 10.121  7.436   8.668   1.00 11.17 ? 155 ARG A NH2 1 
ATOM   1025 N N   . ASP A 1 133 ? 9.188   2.380   11.672  1.00 6.60  ? 156 ASP A N   1 
ATOM   1026 C CA  . ASP A 1 133 ? 10.236  2.494   12.732  1.00 6.98  ? 156 ASP A CA  1 
ATOM   1027 C C   . ASP A 1 133 ? 11.656  2.275   12.231  1.00 6.89  ? 156 ASP A C   1 
ATOM   1028 O O   . ASP A 1 133 ? 12.619  2.204   13.026  1.00 6.52  ? 156 ASP A O   1 
ATOM   1029 C CB  . ASP A 1 133 ? 9.960   1.566   13.945  1.00 7.16  ? 156 ASP A CB  1 
ATOM   1030 C CG  . ASP A 1 133 ? 10.032  0.088   13.581  1.00 7.96  ? 156 ASP A CG  1 
ATOM   1031 O OD1 . ASP A 1 133 ? 10.459  -0.234  12.443  1.00 7.92  ? 156 ASP A OD1 1 
ATOM   1032 O OD2 . ASP A 1 133 ? 9.645   -0.756  14.443  1.00 7.92  ? 156 ASP A OD2 1 
ATOM   1033 N N   . GLY A 1 134 ? 11.780  2.190   10.911  1.00 7.30  ? 157 GLY A N   1 
ATOM   1034 C CA  . GLY A 1 134 ? 13.063  2.152   10.231  1.00 7.84  ? 157 GLY A CA  1 
ATOM   1035 C C   . GLY A 1 134 ? 13.591  0.743   10.055  1.00 8.35  ? 157 GLY A C   1 
ATOM   1036 O O   . GLY A 1 134 ? 14.633  0.548   9.422   1.00 8.90  ? 157 GLY A O   1 
ATOM   1037 N N   . THR A 1 135 ? 12.915  -0.241  10.638  1.00 7.91  ? 158 THR A N   1 
ATOM   1038 C CA  . THR A 1 135 ? 13.396  -1.625  10.513  1.00 8.88  ? 158 THR A CA  1 
ATOM   1039 C C   . THR A 1 135 ? 13.254  -2.104  9.066   1.00 8.86  ? 158 THR A C   1 
ATOM   1040 O O   . THR A 1 135 ? 12.277  -1.788  8.405   1.00 6.92  ? 158 THR A O   1 
ATOM   1041 C CB  . THR A 1 135 ? 12.728  -2.572  11.514  1.00 9.01  ? 158 THR A CB  1 
ATOM   1042 O OG1 . THR A 1 135 ? 11.316  -2.586  11.320  1.00 12.55 ? 158 THR A OG1 1 
ATOM   1043 C CG2 . THR A 1 135 ? 12.982  -2.088  12.922  1.00 8.38  ? 158 THR A CG2 1 
ATOM   1044 N N   . ARG A 1 136 ? 14.244  -2.851  8.587   1.00 8.75  ? 159 ARG A N   1 
ATOM   1045 C CA  . ARG A 1 136 ? 14.319  -3.192  7.175   1.00 9.89  ? 159 ARG A CA  1 
ATOM   1046 C C   . ARG A 1 136 ? 14.470  -4.675  6.973   1.00 11.33 ? 159 ARG A C   1 
ATOM   1047 O O   . ARG A 1 136 ? 15.116  -5.362  7.764   1.00 9.92  ? 159 ARG A O   1 
ATOM   1048 C CB  . ARG A 1 136 ? 15.488  -2.475  6.474   1.00 9.94  ? 159 ARG A CB  1 
ATOM   1049 C CG  . ARG A 1 136 ? 15.236  -0.976  6.263   1.00 9.98  ? 159 ARG A CG  1 
ATOM   1050 C CD  . ARG A 1 136 ? 16.420  -0.310  5.555   1.00 13.46 ? 159 ARG A CD  1 
ATOM   1051 N NE  . ARG A 1 136 ? 16.209  1.116   5.502   1.00 11.69 ? 159 ARG A NE  1 
ATOM   1052 C CZ  . ARG A 1 136 ? 16.131  1.842   4.399   1.00 18.18 ? 159 ARG A CZ  1 
ATOM   1053 N NH1 . ARG A 1 136 ? 16.291  1.299   3.158   1.00 15.02 ? 159 ARG A NH1 1 
ATOM   1054 N NH2 . ARG A 1 136 ? 15.915  3.151   4.553   1.00 16.90 ? 159 ARG A NH2 1 
ATOM   1055 N N   . TYR A 1 137 ? 13.840  -5.149  5.905   1.00 11.73 ? 160 TYR A N   1 
ATOM   1056 C CA  . TYR A 1 137 ? 14.067  -6.500  5.438   1.00 14.14 ? 160 TYR A CA  1 
ATOM   1057 C C   . TYR A 1 137 ? 14.280  -6.446  3.926   1.00 13.74 ? 160 TYR A C   1 
ATOM   1058 O O   . TYR A 1 137 ? 13.460  -5.874  3.200   1.00 13.81 ? 160 TYR A O   1 
ATOM   1059 C CB  . TYR A 1 137 ? 12.890  -7.408  5.813   1.00 13.83 ? 160 TYR A CB  1 
ATOM   1060 C CG  . TYR A 1 137 ? 12.888  -8.682  5.003   1.00 18.78 ? 160 TYR A CG  1 
ATOM   1061 C CD1 . TYR A 1 137 ? 13.703  -9.776  5.365   1.00 21.78 ? 160 TYR A CD1 1 
ATOM   1062 C CD2 . TYR A 1 137 ? 12.097  -8.793  3.844   1.00 21.83 ? 160 TYR A CD2 1 
ATOM   1063 C CE1 . TYR A 1 137 ? 13.706  -10.953 4.592   1.00 21.97 ? 160 TYR A CE1 1 
ATOM   1064 C CE2 . TYR A 1 137 ? 12.104  -9.956  3.067   1.00 21.93 ? 160 TYR A CE2 1 
ATOM   1065 C CZ  . TYR A 1 137 ? 12.905  -11.032 3.453   1.00 22.39 ? 160 TYR A CZ  1 
ATOM   1066 O OH  . TYR A 1 137 ? 12.910  -12.191 2.698   1.00 22.77 ? 160 TYR A OH  1 
ATOM   1067 N N   . SER A 1 138 ? 15.389  -7.033  3.476   1.00 13.71 ? 161 SER A N   1 
ATOM   1068 C CA  . SER A 1 138 ? 15.797  -7.011  2.085   1.00 14.60 ? 161 SER A CA  1 
ATOM   1069 C C   . SER A 1 138 ? 15.860  -8.424  1.497   1.00 14.73 ? 161 SER A C   1 
ATOM   1070 O O   . SER A 1 138 ? 16.149  -9.402  2.218   1.00 14.43 ? 161 SER A O   1 
ATOM   1071 C CB  . SER A 1 138 ? 17.187  -6.397  1.965   1.00 14.61 ? 161 SER A CB  1 
ATOM   1072 O OG  . SER A 1 138 ? 17.104  -5.004  2.061   1.00 17.39 ? 161 SER A OG  1 
ATOM   1073 N N   . LYS A 1 139 ? 15.584  -8.519  0.203   1.00 13.84 ? 162 LYS A N   1 
ATOM   1074 C CA  . LYS A 1 139 ? 15.782  -9.761  -0.542  1.00 13.91 ? 162 LYS A CA  1 
ATOM   1075 C C   . LYS A 1 139 ? 15.938  -9.471  -2.023  1.00 13.88 ? 162 LYS A C   1 
ATOM   1076 O O   . LYS A 1 139 ? 15.422  -8.459  -2.533  1.00 13.71 ? 162 LYS A O   1 
ATOM   1077 C CB  . LYS A 1 139 ? 14.634  -10.762 -0.310  1.00 14.25 ? 162 LYS A CB  1 
ATOM   1078 C CG  . LYS A 1 139 ? 13.276  -10.339 -0.868  1.00 15.44 ? 162 LYS A CG  1 
ATOM   1079 C CD  . LYS A 1 139 ? 12.126  -11.248 -0.402  1.00 17.66 ? 162 LYS A CD  1 
ATOM   1080 C CE  . LYS A 1 139 ? 12.181  -12.660 -0.996  1.00 17.41 ? 162 LYS A CE  1 
ATOM   1081 N NZ  . LYS A 1 139 ? 10.893  -13.419 -0.806  1.00 16.74 ? 162 LYS A NZ  1 
ATOM   1082 N N   . LYS A 1 140 ? 16.656  -10.366 -2.707  1.00 13.41 ? 163 LYS A N   1 
ATOM   1083 C CA  . LYS A 1 140 ? 16.800  -10.294 -4.146  1.00 13.27 ? 163 LYS A CA  1 
ATOM   1084 C C   . LYS A 1 140 ? 15.575  -10.940 -4.784  1.00 12.76 ? 163 LYS A C   1 
ATOM   1085 O O   . LYS A 1 140 ? 15.166  -12.057 -4.424  1.00 12.01 ? 163 LYS A O   1 
ATOM   1086 C CB  . LYS A 1 140 ? 18.080  -11.010 -4.595  1.00 14.28 ? 163 LYS A CB  1 
ATOM   1087 C CG  . LYS A 1 140 ? 18.530  -10.690 -6.025  1.00 16.65 ? 163 LYS A CG  1 
ATOM   1088 C CD  . LYS A 1 140 ? 19.884  -11.390 -6.423  1.00 21.67 ? 163 LYS A CD  1 
ATOM   1089 C CE  . LYS A 1 140 ? 19.772  -12.947 -6.584  1.00 23.03 ? 163 LYS A CE  1 
ATOM   1090 N NZ  . LYS A 1 140 ? 18.756  -13.416 -7.599  1.00 22.89 ? 163 LYS A NZ  1 
ATOM   1091 N N   . GLY A 1 141 ? 14.968  -10.224 -5.722  1.00 11.96 ? 164 GLY A N   1 
ATOM   1092 C CA  . GLY A 1 141 ? 13.814  -10.756 -6.400  1.00 11.90 ? 164 GLY A CA  1 
ATOM   1093 C C   . GLY A 1 141 ? 13.188  -9.812  -7.392  1.00 11.53 ? 164 GLY A C   1 
ATOM   1094 O O   . GLY A 1 141 ? 13.832  -8.877  -7.895  1.00 11.87 ? 164 GLY A O   1 
ATOM   1095 N N   . GLU A 1 142 ? 11.914  -10.066 -7.664  1.00 11.38 ? 165 GLU A N   1 
ATOM   1096 C CA  . GLU A 1 142 ? 11.128  -9.264  -8.596  1.00 10.29 ? 165 GLU A CA  1 
ATOM   1097 C C   . GLU A 1 142 ? 9.670   -9.564  -8.256  1.00 10.15 ? 165 GLU A C   1 
ATOM   1098 O O   . GLU A 1 142 ? 9.371   -10.630 -7.688  1.00 8.93  ? 165 GLU A O   1 
ATOM   1099 C CB  . GLU A 1 142 ? 11.479  -9.637  -10.049 1.00 10.41 ? 165 GLU A CB  1 
ATOM   1100 C CG  . GLU A 1 142 ? 10.699  -8.882  -11.151 1.00 11.08 ? 165 GLU A CG  1 
ATOM   1101 C CD  . GLU A 1 142 ? 10.836  -7.362  -11.024 1.00 11.69 ? 165 GLU A CD  1 
ATOM   1102 O OE1 . GLU A 1 142 ? 11.758  -6.804  -11.654 1.00 13.52 ? 165 GLU A OE1 1 
ATOM   1103 O OE2 . GLU A 1 142 ? 10.054  -6.728  -10.269 1.00 13.24 ? 165 GLU A OE2 1 
ATOM   1104 N N   . TYR A 1 143 ? 8.777   -8.624  -8.587  1.00 9.45  ? 166 TYR A N   1 
ATOM   1105 C CA  . TYR A 1 143 ? 7.331   -8.779  -8.419  1.00 8.87  ? 166 TYR A CA  1 
ATOM   1106 C C   . TYR A 1 143 ? 6.537   -8.281  -9.640  1.00 9.49  ? 166 TYR A C   1 
ATOM   1107 O O   . TYR A 1 143 ? 5.382   -8.608  -9.775  1.00 8.55  ? 166 TYR A O   1 
ATOM   1108 C CB  . TYR A 1 143 ? 6.825   -8.084  -7.138  1.00 9.06  ? 166 TYR A CB  1 
ATOM   1109 C CG  . TYR A 1 143 ? 7.084   -6.580  -7.117  1.00 9.46  ? 166 TYR A CG  1 
ATOM   1110 C CD1 . TYR A 1 143 ? 6.131   -5.685  -7.588  1.00 11.50 ? 166 TYR A CD1 1 
ATOM   1111 C CD2 . TYR A 1 143 ? 8.294   -6.069  -6.643  1.00 9.62  ? 166 TYR A CD2 1 
ATOM   1112 C CE1 . TYR A 1 143 ? 6.382   -4.303  -7.597  1.00 11.92 ? 166 TYR A CE1 1 
ATOM   1113 C CE2 . TYR A 1 143 ? 8.548   -4.711  -6.638  1.00 12.17 ? 166 TYR A CE2 1 
ATOM   1114 C CZ  . TYR A 1 143 ? 7.592   -3.838  -7.130  1.00 9.46  ? 166 TYR A CZ  1 
ATOM   1115 O OH  . TYR A 1 143 ? 7.849   -2.496  -7.137  1.00 12.11 ? 166 TYR A OH  1 
ATOM   1116 N N   . ARG A 1 144 ? 7.159   -7.495  -10.523 1.00 10.59 ? 167 ARG A N   1 
ATOM   1117 C CA  . ARG A 1 144 ? 6.425   -6.882  -11.659 1.00 11.95 ? 167 ARG A CA  1 
ATOM   1118 C C   . ARG A 1 144 ? 6.288   -7.884  -12.819 1.00 12.47 ? 167 ARG A C   1 
ATOM   1119 O O   . ARG A 1 144 ? 7.270   -8.498  -13.218 1.00 12.82 ? 167 ARG A O   1 
ATOM   1120 C CB  . ARG A 1 144 ? 7.140   -5.595  -12.124 1.00 11.53 ? 167 ARG A CB  1 
ATOM   1121 C CG  . ARG A 1 144 ? 7.350   -4.562  -11.005 1.00 11.86 ? 167 ARG A CG  1 
ATOM   1122 C CD  . ARG A 1 144 ? 8.385   -3.516  -11.357 1.00 14.72 ? 167 ARG A CD  1 
ATOM   1123 N NE  . ARG A 1 144 ? 9.743   -4.068  -11.340 1.00 13.27 ? 167 ARG A NE  1 
ATOM   1124 C CZ  . ARG A 1 144 ? 10.830  -3.363  -11.650 1.00 16.71 ? 167 ARG A CZ  1 
ATOM   1125 N NH1 . ARG A 1 144 ? 10.717  -2.092  -12.032 1.00 13.57 ? 167 ARG A NH1 1 
ATOM   1126 N NH2 . ARG A 1 144 ? 12.030  -3.929  -11.606 1.00 12.84 ? 167 ARG A NH2 1 
ATOM   1127 N N   . THR A 1 145 ? 5.085   -8.056  -13.350 1.00 14.37 ? 168 THR A N   1 
ATOM   1128 C CA  . THR A 1 145 ? 4.860   -9.041  -14.402 1.00 16.10 ? 168 THR A CA  1 
ATOM   1129 C C   . THR A 1 145 ? 4.530   -8.367  -15.726 1.00 18.29 ? 168 THR A C   1 
ATOM   1130 O O   . THR A 1 145 ? 4.344   -9.038  -16.756 1.00 18.65 ? 168 THR A O   1 
ATOM   1131 C CB  . THR A 1 145 ? 3.720   -10.033 -14.040 1.00 16.24 ? 168 THR A CB  1 
ATOM   1132 O OG1 . THR A 1 145 ? 2.463   -9.352  -14.050 1.00 14.91 ? 168 THR A OG1 1 
ATOM   1133 C CG2 . THR A 1 145 ? 3.950   -10.677 -12.664 1.00 15.02 ? 168 THR A CG2 1 
ATOM   1134 N N   . HIS A 1 146 ? 4.410   -7.043  -15.692 1.00 19.89 ? 169 HIS A N   1 
ATOM   1135 C CA  . HIS A 1 146 ? 4.103   -6.271  -16.903 1.00 21.87 ? 169 HIS A CA  1 
ATOM   1136 C C   . HIS A 1 146 ? 5.356   -5.545  -17.372 1.00 22.71 ? 169 HIS A C   1 
ATOM   1137 O O   . HIS A 1 146 ? 5.933   -4.763  -16.629 1.00 22.59 ? 169 HIS A O   1 
ATOM   1138 C CB  . HIS A 1 146 ? 2.953   -5.290  -16.638 1.00 21.69 ? 169 HIS A CB  1 
ATOM   1139 C CG  . HIS A 1 146 ? 1.685   -5.963  -16.209 1.00 23.06 ? 169 HIS A CG  1 
ATOM   1140 N ND1 . HIS A 1 146 ? 1.456   -6.372  -14.907 1.00 24.40 ? 169 HIS A ND1 1 
ATOM   1141 C CD2 . HIS A 1 146 ? 0.596   -6.339  -16.915 1.00 23.08 ? 169 HIS A CD2 1 
ATOM   1142 C CE1 . HIS A 1 146 ? 0.271   -6.950  -14.831 1.00 23.72 ? 169 HIS A CE1 1 
ATOM   1143 N NE2 . HIS A 1 146 ? -0.274  -6.938  -16.031 1.00 24.91 ? 169 HIS A NE2 1 
ATOM   1144 N N   . GLN A 1 147 ? 5.794   -5.829  -18.600 1.00 24.45 ? 170 GLN A N   1 
ATOM   1145 C CA  . GLN A 1 147 ? 6.974   -5.177  -19.176 1.00 25.92 ? 170 GLN A CA  1 
ATOM   1146 C C   . GLN A 1 147 ? 6.892   -3.651  -19.090 1.00 26.31 ? 170 GLN A C   1 
ATOM   1147 O O   . GLN A 1 147 ? 7.904   -2.986  -18.829 1.00 27.14 ? 170 GLN A O   1 
ATOM   1148 C CB  . GLN A 1 147 ? 7.200   -5.635  -20.634 1.00 26.82 ? 170 GLN A CB  1 
ATOM   1149 C CG  . GLN A 1 147 ? 8.572   -5.227  -21.236 1.00 27.54 ? 170 GLN A CG  1 
ATOM   1150 C CD  . GLN A 1 147 ? 9.770   -5.522  -20.321 1.00 30.57 ? 170 GLN A CD  1 
ATOM   1151 O OE1 . GLN A 1 147 ? 10.564  -4.623  -20.009 1.00 30.72 ? 170 GLN A OE1 1 
ATOM   1152 N NE2 . GLN A 1 147 ? 9.903   -6.775  -19.889 1.00 31.01 ? 170 GLN A NE2 1 
ATOM   1153 N N   . GLU A 1 148 ? 5.686   -3.110  -19.275 1.00 26.46 ? 171 GLU A N   1 
ATOM   1154 C CA  . GLU A 1 148 ? 5.465   -1.666  -19.271 1.00 27.08 ? 171 GLU A CA  1 
ATOM   1155 C C   . GLU A 1 148 ? 5.826   -1.054  -17.926 1.00 25.80 ? 171 GLU A C   1 
ATOM   1156 O O   . GLU A 1 148 ? 6.123   0.123   -17.862 1.00 26.07 ? 171 GLU A O   1 
ATOM   1157 C CB  . GLU A 1 148 ? 4.024   -1.302  -19.641 1.00 27.45 ? 171 GLU A CB  1 
ATOM   1158 C CG  . GLU A 1 148 ? 3.548   -1.884  -20.975 1.00 31.93 ? 171 GLU A CG  1 
ATOM   1159 C CD  . GLU A 1 148 ? 3.439   -3.421  -20.970 1.00 35.54 ? 171 GLU A CD  1 
ATOM   1160 O OE1 . GLU A 1 148 ? 3.643   -4.018  -22.049 1.00 37.19 ? 171 GLU A OE1 1 
ATOM   1161 O OE2 . GLU A 1 148 ? 3.167   -4.028  -19.899 1.00 36.05 ? 171 GLU A OE2 1 
ATOM   1162 N N   . ASP A 1 149 ? 5.831   -1.865  -16.872 1.00 24.89 ? 172 ASP A N   1 
ATOM   1163 C CA  . ASP A 1 149 ? 6.199   -1.380  -15.535 1.00 23.93 ? 172 ASP A CA  1 
ATOM   1164 C C   . ASP A 1 149 ? 7.699   -1.426  -15.234 1.00 24.63 ? 172 ASP A C   1 
ATOM   1165 O O   . ASP A 1 149 ? 8.172   -0.763  -14.292 1.00 24.85 ? 172 ASP A O   1 
ATOM   1166 C CB  . ASP A 1 149 ? 5.385   -2.100  -14.444 1.00 22.54 ? 172 ASP A CB  1 
ATOM   1167 C CG  . ASP A 1 149 ? 3.890   -1.779  -14.519 1.00 20.60 ? 172 ASP A CG  1 
ATOM   1168 O OD1 . ASP A 1 149 ? 3.542   -0.595  -14.755 1.00 13.33 ? 172 ASP A OD1 1 
ATOM   1169 O OD2 . ASP A 1 149 ? 3.062   -2.704  -14.336 1.00 16.27 ? 172 ASP A OD2 1 
ATOM   1170 N N   . ILE A 1 150 ? 8.447   -2.197  -16.016 1.00 24.80 ? 173 ILE A N   1 
ATOM   1171 C CA  . ILE A 1 150 ? 9.891   -2.319  -15.779 1.00 25.54 ? 173 ILE A CA  1 
ATOM   1172 C C   . ILE A 1 150 ? 10.724  -1.393  -16.668 1.00 26.00 ? 173 ILE A C   1 
ATOM   1173 O O   . ILE A 1 150 ? 11.426  -0.513  -16.149 1.00 26.67 ? 173 ILE A O   1 
ATOM   1174 C CB  . ILE A 1 150 ? 10.393  -3.774  -15.860 1.00 25.57 ? 173 ILE A CB  1 
ATOM   1175 C CG1 . ILE A 1 150 ? 9.508   -4.687  -15.005 1.00 24.88 ? 173 ILE A CG1 1 
ATOM   1176 C CG2 . ILE A 1 150 ? 11.855  -3.847  -15.395 1.00 26.45 ? 173 ILE A CG2 1 
ATOM   1177 C CD1 . ILE A 1 150 ? 9.539   -6.142  -15.396 1.00 24.32 ? 173 ILE A CD1 1 
HETATM 1178 C CAH . 4WT B 2 .   ? 5.210   7.921   4.897   1.00 11.18 ? 201 4WT A CAH 1 
HETATM 1179 N NAI . 4WT B 2 .   ? 6.301   8.120   3.929   1.00 10.02 ? 201 4WT A NAI 1 
HETATM 1180 C CAG . 4WT B 2 .   ? 7.581   7.595   4.476   1.00 11.58 ? 201 4WT A CAG 1 
HETATM 1181 C CAJ . 4WT B 2 .   ? 7.462   6.290   5.061   1.00 12.26 ? 201 4WT A CAJ 1 
HETATM 1182 C CAE . 4WT B 2 .   ? 8.630   5.527   5.260   1.00 10.24 ? 201 4WT A CAE 1 
HETATM 1183 C CAC . 4WT B 2 .   ? 8.574   4.255   5.837   1.00 11.29 ? 201 4WT A CAC 1 
HETATM 1184 C CAD . 4WT B 2 .   ? 7.332   3.708   6.207   1.00 8.78  ? 201 4WT A CAD 1 
HETATM 1185 C CAF . 4WT B 2 .   ? 6.172   4.454   6.004   1.00 10.29 ? 201 4WT A CAF 1 
HETATM 1186 C CAK . 4WT B 2 .   ? 6.211   5.747   5.445   1.00 11.95 ? 201 4WT A CAK 1 
HETATM 1187 C CAL . 4WT B 2 .   ? 4.990   6.450   5.264   1.00 11.79 ? 201 4WT A CAL 1 
HETATM 1188 C CAB . 4WT B 2 .   ? 4.144   6.362   6.572   1.00 13.07 ? 201 4WT A CAB 1 
HETATM 1189 C CAA . 4WT B 2 .   ? 4.209   5.796   4.111   1.00 11.67 ? 201 4WT A CAA 1 
HETATM 1190 S S   . DMS C 3 .   ? 6.314   -0.722  11.955  1.00 16.73 ? 202 DMS A S   1 
HETATM 1191 O O   . DMS C 3 .   ? 7.037   0.868   12.015  1.00 15.20 ? 202 DMS A O   1 
HETATM 1192 C C1  . DMS C 3 .   ? 6.797   -1.516  13.518  1.00 14.71 ? 202 DMS A C1  1 
HETATM 1193 C C2  . DMS C 3 .   ? 4.529   -0.453  12.201  1.00 14.97 ? 202 DMS A C2  1 
HETATM 1194 O O   . HOH D 4 .   ? -0.244  -8.045  9.825   1.00 9.63  ? 301 HOH A O   1 
HETATM 1195 O O   . HOH D 4 .   ? 0.105   10.137  -10.655 1.00 10.74 ? 302 HOH A O   1 
HETATM 1196 O O   . HOH D 4 .   ? 4.678   1.636   -11.869 1.00 17.23 ? 303 HOH A O   1 
HETATM 1197 O O   . HOH D 4 .   ? 3.875   -5.187  -13.276 1.00 9.81  ? 304 HOH A O   1 
HETATM 1198 O O   . HOH D 4 .   ? 5.845   2.474   13.421  1.00 10.12 ? 305 HOH A O   1 
HETATM 1199 O O   . HOH D 4 .   ? 17.945  -14.952 -11.547 1.00 19.32 ? 306 HOH A O   1 
HETATM 1200 O O   . HOH D 4 .   ? 4.502   5.008   -4.499  1.00 3.09  ? 307 HOH A O   1 
HETATM 1201 O O   . HOH D 4 .   ? -4.534  -6.036  10.752  1.00 6.63  ? 308 HOH A O   1 
HETATM 1202 O O   . HOH D 4 .   ? 8.543   -0.111  16.672  1.00 11.97 ? 309 HOH A O   1 
HETATM 1203 O O   . HOH D 4 .   ? -9.806  -7.507  -1.633  1.00 10.00 ? 310 HOH A O   1 
HETATM 1204 O O   . HOH D 4 .   ? -15.737 -7.037  2.892   1.00 7.67  ? 311 HOH A O   1 
HETATM 1205 O O   . HOH D 4 .   ? 10.380  -3.536  14.389  1.00 10.07 ? 312 HOH A O   1 
HETATM 1206 O O   . HOH D 4 .   ? 8.022   3.008   -10.416 1.00 17.57 ? 313 HOH A O   1 
HETATM 1207 O O   . HOH D 4 .   ? -0.485  13.856  -1.993  1.00 11.33 ? 314 HOH A O   1 
HETATM 1208 O O   . HOH D 4 .   ? -11.202 -7.178  10.889  1.00 14.05 ? 315 HOH A O   1 
HETATM 1209 O O   . HOH D 4 .   ? 9.992   -15.462 -2.567  1.00 13.21 ? 316 HOH A O   1 
HETATM 1210 O O   . HOH D 4 .   ? -8.472  15.333  6.080   1.00 14.39 ? 317 HOH A O   1 
HETATM 1211 O O   . HOH D 4 .   ? 3.843   -10.222 -8.019  1.00 8.10  ? 318 HOH A O   1 
HETATM 1212 O O   . HOH D 4 .   ? 0.184   -3.832  17.064  1.00 13.96 ? 319 HOH A O   1 
HETATM 1213 O O   . HOH D 4 .   ? 9.681   4.818   -7.741  1.00 17.22 ? 320 HOH A O   1 
HETATM 1214 O O   . HOH D 4 .   ? -4.324  -12.632 1.490   1.00 20.99 ? 321 HOH A O   1 
HETATM 1215 O O   . HOH D 4 .   ? -14.733 12.365  -3.846  1.00 15.54 ? 322 HOH A O   1 
HETATM 1216 O O   . HOH D 4 .   ? 12.125  -13.087 -4.583  1.00 13.39 ? 323 HOH A O   1 
HETATM 1217 O O   . HOH D 4 .   ? -8.422  -1.001  16.236  1.00 12.78 ? 324 HOH A O   1 
HETATM 1218 O O   . HOH D 4 .   ? -15.806 3.202   8.155   1.00 12.13 ? 325 HOH A O   1 
HETATM 1219 O O   . HOH D 4 .   ? 5.586   0.036   9.262   1.00 14.42 ? 326 HOH A O   1 
HETATM 1220 O O   . HOH D 4 .   ? -15.954 -6.466  0.041   1.00 9.32  ? 327 HOH A O   1 
HETATM 1221 O O   . HOH D 4 .   ? -8.049  11.722  -16.400 1.00 6.70  ? 328 HOH A O   1 
HETATM 1222 O O   . HOH D 4 .   ? 12.267  4.800   3.001   1.00 7.30  ? 329 HOH A O   1 
HETATM 1223 O O   . HOH D 4 .   ? 15.848  -13.631 -6.654  1.00 17.52 ? 330 HOH A O   1 
HETATM 1224 O O   . HOH D 4 .   ? -6.184  -7.349  16.064  1.00 7.71  ? 331 HOH A O   1 
HETATM 1225 O O   . HOH D 4 .   ? 0.798   6.342   5.264   1.00 8.17  ? 332 HOH A O   1 
HETATM 1226 O O   . HOH D 4 .   ? -12.354 5.617   12.391  1.00 16.14 ? 333 HOH A O   1 
HETATM 1227 O O   . HOH D 4 .   ? -14.742 -2.330  -3.947  1.00 18.86 ? 334 HOH A O   1 
HETATM 1228 O O   . HOH D 4 .   ? -4.240  15.293  -0.239  1.00 16.83 ? 335 HOH A O   1 
HETATM 1229 O O   . HOH D 4 .   ? -3.427  5.058   10.977  1.00 12.17 ? 336 HOH A O   1 
HETATM 1230 O O   . HOH D 4 .   ? -16.093 6.425   4.313   1.00 14.07 ? 337 HOH A O   1 
HETATM 1231 O O   . HOH D 4 .   ? 0.667   9.106   4.871   1.00 9.26  ? 338 HOH A O   1 
HETATM 1232 O O   . HOH D 4 .   ? -16.862 -2.876  -1.491  1.00 12.14 ? 339 HOH A O   1 
HETATM 1233 O O   . HOH D 4 .   ? -16.707 4.208   -6.424  1.00 17.44 ? 340 HOH A O   1 
HETATM 1234 O O   . HOH D 4 .   ? 2.805   13.546  0.169   1.00 11.89 ? 341 HOH A O   1 
HETATM 1235 O O   . HOH D 4 .   ? 2.314   2.783   10.133  1.00 17.11 ? 342 HOH A O   1 
HETATM 1236 O O   . HOH D 4 .   ? -15.015 11.178  -1.426  1.00 11.77 ? 343 HOH A O   1 
HETATM 1237 O O   . HOH D 4 .   ? 7.338   12.263  -2.651  1.00 14.09 ? 344 HOH A O   1 
HETATM 1238 O O   . HOH D 4 .   ? -13.098 -6.709  13.251  1.00 19.37 ? 345 HOH A O   1 
HETATM 1239 O O   . HOH D 4 .   ? 11.543  6.504   1.131   1.00 12.11 ? 346 HOH A O   1 
HETATM 1240 O O   . HOH D 4 .   ? -13.847 8.627   -8.797  1.00 6.71  ? 347 HOH A O   1 
HETATM 1241 O O   . HOH D 4 .   ? 1.165   -9.893  13.708  1.00 16.68 ? 348 HOH A O   1 
HETATM 1242 O O   . HOH D 4 .   ? 13.139  5.489   -0.955  1.00 15.61 ? 349 HOH A O   1 
HETATM 1243 O O   . HOH D 4 .   ? -10.787 15.086  -6.792  1.00 22.31 ? 350 HOH A O   1 
HETATM 1244 O O   . HOH D 4 .   ? 1.158   -7.865  5.396   1.00 20.91 ? 351 HOH A O   1 
HETATM 1245 O O   . HOH D 4 .   ? -16.954 9.293   -1.273  1.00 23.23 ? 352 HOH A O   1 
HETATM 1246 O O   . HOH D 4 .   ? -15.838 10.807  -12.018 1.00 9.56  ? 353 HOH A O   1 
HETATM 1247 O O   . HOH D 4 .   ? 2.502   10.754  3.904   1.00 11.26 ? 354 HOH A O   1 
# 
